data_2VCT
#
_entry.id   2VCT
#
_cell.length_a   105.546
_cell.length_b   97.343
_cell.length_c   110.302
_cell.angle_alpha   90.00
_cell.angle_beta   115.00
_cell.angle_gamma   90.00
#
_symmetry.space_group_name_H-M   'P 1 21 1'
#
loop_
_entity.id
_entity.type
_entity.pdbx_description
1 polymer 'GLUTATHIONE S-TRANSFERASE A2'
2 non-polymer 4-ANDROSTENE-3-17-DIONE
3 water water
#
_entity_poly.entity_id   1
_entity_poly.type   'polypeptide(L)'
_entity_poly.pdbx_seq_one_letter_code
;MAEKPKLHYSNIRGRMESIRWLLAAAGVEFEEKFIKSAEDLDKLRNDGYLMFQQVPMVEIDGMKLVQTRAILNYIASKYN
LYGKDIKEKALIDMYIEGIADLGEMILLLPFTQPEEQDAKLALIQEKTKNRYFPAFEKVLKSHGQDYLVGNKLSRADIHL
VELLYYVEELDSSLISSFPLLKALKTRISNLPTVKKFLQPGSPRKPPMDEKSLEESRKIFRF
;
_entity_poly.pdbx_strand_id   A,B,C,D,E,F,G,H
#
loop_
_chem_comp.id
_chem_comp.type
_chem_comp.name
_chem_comp.formula
ASD non-polymer 4-ANDROSTENE-3-17-DIONE 'C19 H26 O2'
#
# COMPACT_ATOMS: atom_id res chain seq x y z
N ALA A 2 -35.19 -3.94 -27.36
CA ALA A 2 -34.32 -4.11 -28.56
C ALA A 2 -35.11 -4.57 -29.81
N GLU A 3 -34.44 -4.49 -30.97
CA GLU A 3 -34.93 -5.05 -32.22
C GLU A 3 -34.01 -6.20 -32.63
N LYS A 4 -34.48 -7.03 -33.56
CA LYS A 4 -33.59 -7.94 -34.26
C LYS A 4 -32.69 -7.10 -35.17
N PRO A 5 -31.37 -7.39 -35.16
CA PRO A 5 -30.50 -6.77 -36.16
C PRO A 5 -30.89 -7.23 -37.56
N LYS A 6 -30.75 -6.32 -38.52
CA LYS A 6 -31.15 -6.58 -39.90
C LYS A 6 -29.97 -6.56 -40.85
N LEU A 7 -29.75 -7.68 -41.53
CA LEU A 7 -28.60 -7.83 -42.40
C LEU A 7 -29.02 -7.67 -43.87
N HIS A 8 -28.35 -6.76 -44.56
CA HIS A 8 -28.53 -6.55 -46.00
C HIS A 8 -27.37 -7.13 -46.81
N TYR A 9 -27.68 -8.12 -47.62
CA TYR A 9 -26.69 -8.80 -48.43
C TYR A 9 -27.48 -9.74 -49.30
N SER A 10 -26.83 -10.31 -50.30
CA SER A 10 -27.36 -11.43 -51.06
C SER A 10 -27.15 -12.78 -50.33
N ASN A 11 -27.79 -13.83 -50.83
CA ASN A 11 -27.77 -15.14 -50.18
C ASN A 11 -26.49 -15.88 -50.58
N ILE A 12 -25.37 -15.35 -50.09
CA ILE A 12 -24.05 -15.92 -50.28
C ILE A 12 -23.24 -15.57 -49.02
N ARG A 13 -22.06 -16.15 -48.92
CA ARG A 13 -21.14 -15.87 -47.82
C ARG A 13 -20.56 -14.48 -48.00
N GLY A 14 -19.77 -14.26 -49.05
CA GLY A 14 -19.11 -12.98 -49.25
C GLY A 14 -18.56 -12.36 -47.95
N ARG A 15 -18.85 -11.08 -47.76
CA ARG A 15 -18.29 -10.29 -46.64
C ARG A 15 -19.24 -10.26 -45.43
N MET A 16 -20.44 -10.81 -45.61
CA MET A 16 -21.44 -10.88 -44.51
C MET A 16 -21.24 -12.14 -43.60
N GLU A 17 -20.49 -13.13 -44.07
CA GLU A 17 -20.49 -14.43 -43.41
C GLU A 17 -19.76 -14.44 -42.09
N SER A 18 -18.79 -13.55 -41.88
CA SER A 18 -18.13 -13.53 -40.60
C SER A 18 -19.00 -12.83 -39.55
N ILE A 19 -19.87 -11.92 -40.01
CA ILE A 19 -20.89 -11.23 -39.16
C ILE A 19 -22.03 -12.16 -38.69
N ARG A 20 -22.54 -13.01 -39.58
CA ARG A 20 -23.47 -14.12 -39.21
C ARG A 20 -22.87 -15.07 -38.12
N TRP A 21 -21.62 -15.49 -38.29
CA TRP A 21 -20.97 -16.36 -37.33
C TRP A 21 -20.86 -15.71 -35.96
N LEU A 22 -20.43 -14.44 -35.97
CA LEU A 22 -20.20 -13.73 -34.75
C LEU A 22 -21.52 -13.41 -34.04
N LEU A 23 -22.56 -13.02 -34.78
CA LEU A 23 -23.86 -12.81 -34.13
C LEU A 23 -24.40 -14.11 -33.54
N ALA A 24 -24.36 -15.19 -34.33
CA ALA A 24 -24.78 -16.50 -33.85
C ALA A 24 -24.05 -16.91 -32.56
N ALA A 25 -22.73 -16.75 -32.54
CA ALA A 25 -21.92 -17.12 -31.36
C ALA A 25 -22.27 -16.38 -30.07
N ALA A 26 -22.71 -15.12 -30.21
CA ALA A 26 -23.16 -14.29 -29.08
C ALA A 26 -24.63 -14.53 -28.72
N GLY A 27 -25.26 -15.45 -29.45
CA GLY A 27 -26.62 -15.91 -29.19
C GLY A 27 -27.70 -14.95 -29.62
N VAL A 28 -27.34 -14.02 -30.52
CA VAL A 28 -28.22 -12.99 -31.08
C VAL A 28 -28.99 -13.49 -32.31
N GLU A 29 -30.33 -13.51 -32.21
CA GLU A 29 -31.23 -13.77 -33.36
C GLU A 29 -31.27 -12.58 -34.33
N PHE A 30 -31.16 -12.85 -35.62
CA PHE A 30 -31.13 -11.75 -36.58
C PHE A 30 -32.02 -12.04 -37.77
N GLU A 31 -32.34 -10.97 -38.51
CA GLU A 31 -33.17 -10.99 -39.72
C GLU A 31 -32.29 -10.70 -40.92
N GLU A 32 -32.51 -11.42 -42.02
CA GLU A 32 -31.79 -11.12 -43.24
C GLU A 32 -32.80 -10.68 -44.31
N LYS A 33 -32.52 -9.53 -44.92
CA LYS A 33 -33.30 -9.06 -46.07
C LYS A 33 -32.46 -9.26 -47.32
N PHE A 34 -32.78 -10.31 -48.07
CA PHE A 34 -31.86 -10.74 -49.11
C PHE A 34 -31.97 -9.88 -50.34
N ILE A 35 -30.80 -9.54 -50.90
CA ILE A 35 -30.75 -8.77 -52.12
C ILE A 35 -30.74 -9.80 -53.23
N LYS A 36 -31.62 -9.61 -54.20
CA LYS A 36 -31.81 -10.63 -55.25
C LYS A 36 -31.59 -10.13 -56.69
N SER A 37 -31.36 -8.83 -56.83
CA SER A 37 -31.21 -8.18 -58.14
C SER A 37 -30.25 -7.03 -57.94
N ALA A 38 -29.79 -6.42 -59.05
CA ALA A 38 -29.06 -5.13 -59.00
C ALA A 38 -29.99 -4.03 -58.50
N GLU A 39 -31.28 -4.18 -58.82
CA GLU A 39 -32.31 -3.19 -58.47
C GLU A 39 -32.54 -3.09 -56.97
N ASP A 40 -32.57 -4.24 -56.28
CA ASP A 40 -32.65 -4.24 -54.79
C ASP A 40 -31.46 -3.50 -54.19
N LEU A 41 -30.27 -3.73 -54.73
CA LEU A 41 -29.05 -3.03 -54.28
C LEU A 41 -29.02 -1.50 -54.52
N ASP A 42 -29.29 -1.05 -55.76
CA ASP A 42 -29.44 0.41 -56.04
C ASP A 42 -30.56 1.14 -55.27
N LYS A 43 -31.64 0.43 -54.97
CA LYS A 43 -32.69 1.00 -54.12
C LYS A 43 -32.10 1.33 -52.76
N LEU A 44 -31.36 0.38 -52.16
CA LEU A 44 -30.56 0.67 -50.96
C LEU A 44 -29.72 1.92 -51.11
N ARG A 45 -28.94 2.00 -52.19
CA ARG A 45 -28.11 3.16 -52.49
C ARG A 45 -28.93 4.47 -52.54
N ASN A 46 -29.98 4.48 -53.35
CA ASN A 46 -30.79 5.67 -53.59
C ASN A 46 -31.50 6.16 -52.33
N ASP A 47 -31.86 5.22 -51.46
CA ASP A 47 -32.52 5.55 -50.21
C ASP A 47 -31.54 6.07 -49.17
N GLY A 48 -30.25 6.04 -49.51
CA GLY A 48 -29.19 6.55 -48.62
C GLY A 48 -28.88 5.64 -47.44
N TYR A 49 -29.11 4.34 -47.62
CA TYR A 49 -28.92 3.35 -46.56
C TYR A 49 -27.44 2.98 -46.44
N LEU A 50 -26.69 3.21 -47.50
CA LEU A 50 -25.29 2.78 -47.60
C LEU A 50 -24.30 3.93 -47.74
N MET A 51 -23.55 4.24 -46.69
CA MET A 51 -22.65 5.38 -46.70
C MET A 51 -21.73 5.48 -47.93
N PHE A 52 -21.18 4.34 -48.33
CA PHE A 52 -20.22 4.28 -49.46
C PHE A 52 -20.79 3.48 -50.60
N GLN A 53 -22.12 3.33 -50.57
CA GLN A 53 -22.88 2.67 -51.63
C GLN A 53 -22.53 1.18 -51.79
N GLN A 54 -22.16 0.56 -50.67
CA GLN A 54 -21.82 -0.88 -50.62
C GLN A 54 -22.41 -1.64 -49.43
N VAL A 55 -22.73 -2.91 -49.66
CA VAL A 55 -23.05 -3.83 -48.58
C VAL A 55 -21.78 -4.63 -48.23
N PRO A 56 -21.70 -5.27 -47.05
CA PRO A 56 -22.65 -5.50 -45.96
C PRO A 56 -23.16 -4.23 -45.37
N MET A 57 -24.43 -4.27 -44.96
CA MET A 57 -25.02 -3.23 -44.11
C MET A 57 -25.85 -3.95 -43.07
N VAL A 58 -25.83 -3.42 -41.83
CA VAL A 58 -26.62 -3.99 -40.76
C VAL A 58 -27.27 -2.87 -40.03
N GLU A 59 -28.59 -2.95 -39.90
CA GLU A 59 -29.38 -2.11 -39.01
C GLU A 59 -29.39 -2.68 -37.59
N ILE A 60 -28.83 -1.91 -36.70
CA ILE A 60 -28.55 -2.36 -35.36
C ILE A 60 -28.48 -1.12 -34.51
N ASP A 61 -29.37 -1.02 -33.52
CA ASP A 61 -29.33 0.01 -32.49
C ASP A 61 -29.53 1.43 -33.04
N GLY A 62 -30.32 1.49 -34.11
CA GLY A 62 -30.69 2.75 -34.77
C GLY A 62 -29.66 3.23 -35.77
N MET A 63 -28.70 2.38 -36.09
CA MET A 63 -27.66 2.72 -37.06
C MET A 63 -27.78 1.87 -38.31
N LYS A 64 -27.38 2.43 -39.45
CA LYS A 64 -27.19 1.66 -40.67
C LYS A 64 -25.70 1.56 -40.87
N LEU A 65 -25.11 0.55 -40.24
CA LEU A 65 -23.67 0.42 -40.20
C LEU A 65 -23.21 -0.29 -41.44
N VAL A 66 -22.19 0.26 -42.08
CA VAL A 66 -21.51 -0.41 -43.18
C VAL A 66 -20.05 -0.54 -42.85
N GLN A 67 -19.34 -1.27 -43.70
CA GLN A 67 -17.94 -1.65 -43.52
C GLN A 67 -17.86 -2.78 -42.49
N THR A 68 -17.46 -3.96 -42.98
CA THR A 68 -17.36 -5.22 -42.23
C THR A 68 -16.69 -5.09 -40.87
N ARG A 69 -15.56 -4.38 -40.85
CA ARG A 69 -14.85 -4.15 -39.60
C ARG A 69 -15.61 -3.31 -38.60
N ALA A 70 -16.37 -2.31 -39.07
CA ALA A 70 -17.10 -1.50 -38.08
C ALA A 70 -18.24 -2.28 -37.45
N ILE A 71 -18.98 -3.02 -38.27
CA ILE A 71 -20.06 -3.91 -37.81
C ILE A 71 -19.52 -4.96 -36.84
N LEU A 72 -18.45 -5.64 -37.26
CA LEU A 72 -17.81 -6.64 -36.39
C LEU A 72 -17.37 -6.08 -35.06
N ASN A 73 -16.74 -4.90 -35.07
CA ASN A 73 -16.20 -4.30 -33.84
C ASN A 73 -17.34 -3.91 -32.88
N TYR A 74 -18.36 -3.27 -33.42
CA TYR A 74 -19.56 -2.95 -32.64
C TYR A 74 -20.21 -4.16 -31.94
N ILE A 75 -20.50 -5.20 -32.71
CA ILE A 75 -21.12 -6.43 -32.20
C ILE A 75 -20.27 -7.09 -31.11
N ALA A 76 -19.00 -7.35 -31.44
CA ALA A 76 -18.01 -7.82 -30.47
C ALA A 76 -17.94 -7.00 -29.17
N SER A 77 -17.86 -5.67 -29.24
CA SER A 77 -17.87 -4.83 -28.03
C SER A 77 -19.20 -4.95 -27.23
N LYS A 78 -20.34 -4.95 -27.95
CA LYS A 78 -21.68 -4.99 -27.33
C LYS A 78 -21.93 -6.31 -26.59
N TYR A 79 -21.36 -7.37 -27.12
CA TYR A 79 -21.59 -8.71 -26.57
C TYR A 79 -20.41 -9.26 -25.77
N ASN A 80 -19.50 -8.36 -25.39
CA ASN A 80 -18.33 -8.68 -24.57
C ASN A 80 -17.40 -9.73 -25.16
N LEU A 81 -17.13 -9.59 -26.46
CA LEU A 81 -16.27 -10.52 -27.18
C LEU A 81 -15.05 -9.82 -27.73
N TYR A 82 -14.81 -8.60 -27.24
CA TYR A 82 -13.64 -7.83 -27.68
C TYR A 82 -12.60 -7.64 -26.55
N GLY A 83 -12.57 -8.55 -25.57
CA GLY A 83 -11.60 -8.51 -24.46
C GLY A 83 -12.01 -7.65 -23.28
N LYS A 84 -11.28 -7.74 -22.17
CA LYS A 84 -11.68 -7.08 -20.92
C LYS A 84 -11.14 -5.64 -20.78
N ASP A 85 -10.11 -5.32 -21.55
CA ASP A 85 -9.41 -4.06 -21.42
C ASP A 85 -8.61 -3.79 -22.69
N ILE A 86 -7.94 -2.63 -22.72
CA ILE A 86 -7.28 -2.10 -23.91
C ILE A 86 -6.13 -3.00 -24.37
N LYS A 87 -5.40 -3.57 -23.40
CA LYS A 87 -4.30 -4.45 -23.74
C LYS A 87 -4.75 -5.83 -24.25
N GLU A 88 -5.80 -6.40 -23.66
CA GLU A 88 -6.42 -7.62 -24.25
C GLU A 88 -7.04 -7.34 -25.62
N LYS A 89 -7.57 -6.14 -25.80
CA LYS A 89 -8.03 -5.72 -27.12
C LYS A 89 -6.92 -5.69 -28.16
N ALA A 90 -5.74 -5.19 -27.78
CA ALA A 90 -4.60 -5.17 -28.71
C ALA A 90 -4.16 -6.56 -29.18
N LEU A 91 -4.14 -7.51 -28.25
CA LEU A 91 -3.88 -8.91 -28.57
C LEU A 91 -4.92 -9.47 -29.54
N ILE A 92 -6.20 -9.22 -29.25
CA ILE A 92 -7.31 -9.65 -30.11
C ILE A 92 -7.18 -9.02 -31.50
N ASP A 93 -7.06 -7.69 -31.55
CA ASP A 93 -6.87 -6.97 -32.82
C ASP A 93 -5.73 -7.54 -33.68
N MET A 94 -4.58 -7.77 -33.07
CA MET A 94 -3.44 -8.33 -33.77
C MET A 94 -3.79 -9.71 -34.35
N TYR A 95 -4.48 -10.54 -33.55
CA TYR A 95 -4.81 -11.93 -33.92
C TYR A 95 -5.76 -11.99 -35.08
N ILE A 96 -6.83 -11.25 -34.96
CA ILE A 96 -7.90 -11.25 -35.97
C ILE A 96 -7.48 -10.65 -37.31
N GLU A 97 -6.50 -9.77 -37.27
CA GLU A 97 -6.06 -9.14 -38.52
C GLU A 97 -5.21 -10.11 -39.32
N GLY A 98 -4.40 -10.91 -38.62
CA GLY A 98 -3.71 -12.08 -39.20
C GLY A 98 -4.72 -13.09 -39.76
N ILE A 99 -5.74 -13.43 -38.94
CA ILE A 99 -6.85 -14.33 -39.32
C ILE A 99 -7.57 -13.77 -40.55
N ALA A 100 -7.70 -12.45 -40.63
CA ALA A 100 -8.36 -11.81 -41.78
C ALA A 100 -7.46 -11.72 -43.01
N ASP A 101 -6.15 -11.67 -42.79
CA ASP A 101 -5.24 -11.70 -43.93
C ASP A 101 -5.44 -12.96 -44.74
N LEU A 102 -5.41 -14.12 -44.10
CA LEU A 102 -5.72 -15.40 -44.75
C LEU A 102 -7.22 -15.53 -45.14
N GLY A 103 -8.09 -15.03 -44.28
CA GLY A 103 -9.53 -15.02 -44.52
C GLY A 103 -9.86 -14.40 -45.85
N GLU A 104 -9.19 -13.29 -46.14
CA GLU A 104 -9.36 -12.54 -47.39
C GLU A 104 -8.91 -13.33 -48.61
N MET A 105 -7.79 -14.02 -48.50
CA MET A 105 -7.31 -14.90 -49.58
C MET A 105 -8.39 -15.90 -49.99
N ILE A 106 -9.00 -16.53 -48.98
CA ILE A 106 -10.00 -17.57 -49.13
C ILE A 106 -11.34 -17.02 -49.63
N LEU A 107 -11.76 -15.87 -49.09
CA LEU A 107 -12.97 -15.19 -49.53
C LEU A 107 -12.88 -14.83 -51.02
N LEU A 108 -11.73 -14.28 -51.45
CA LEU A 108 -11.58 -13.81 -52.83
C LEU A 108 -11.41 -14.93 -53.84
N LEU A 109 -10.98 -16.09 -53.35
CA LEU A 109 -10.66 -17.26 -54.15
C LEU A 109 -11.66 -17.66 -55.25
N PRO A 110 -12.96 -17.86 -54.91
CA PRO A 110 -13.84 -18.30 -55.98
C PRO A 110 -14.15 -17.21 -57.02
N PHE A 111 -13.74 -15.97 -56.76
CA PHE A 111 -14.01 -14.86 -57.66
C PHE A 111 -12.84 -14.59 -58.60
N THR A 112 -11.81 -15.45 -58.52
CA THR A 112 -10.62 -15.32 -59.37
C THR A 112 -10.85 -16.07 -60.66
N GLN A 113 -10.14 -15.67 -61.70
CA GLN A 113 -10.30 -16.32 -63.01
C GLN A 113 -9.86 -17.77 -62.95
N PRO A 114 -10.62 -18.68 -63.61
CA PRO A 114 -10.35 -20.12 -63.65
C PRO A 114 -8.86 -20.47 -63.78
N GLU A 115 -8.14 -19.70 -64.61
CA GLU A 115 -6.73 -19.97 -64.87
C GLU A 115 -5.79 -19.52 -63.74
N GLU A 116 -6.30 -18.71 -62.82
CA GLU A 116 -5.54 -18.22 -61.66
C GLU A 116 -5.70 -19.13 -60.44
N GLN A 117 -6.76 -19.94 -60.43
CA GLN A 117 -7.26 -20.62 -59.23
C GLN A 117 -6.38 -21.67 -58.60
N ASP A 118 -5.55 -22.29 -59.44
CA ASP A 118 -4.61 -23.30 -59.00
C ASP A 118 -3.40 -22.71 -58.26
N ALA A 119 -2.93 -21.56 -58.75
CA ALA A 119 -1.91 -20.76 -58.08
C ALA A 119 -2.45 -20.04 -56.83
N LYS A 120 -3.67 -19.50 -56.91
CA LYS A 120 -4.32 -18.88 -55.76
C LYS A 120 -4.48 -19.87 -54.59
N LEU A 121 -4.99 -21.06 -54.88
CA LEU A 121 -5.07 -22.11 -53.88
C LEU A 121 -3.69 -22.47 -53.31
N ALA A 122 -2.69 -22.67 -54.18
CA ALA A 122 -1.34 -23.06 -53.76
C ALA A 122 -0.71 -22.06 -52.77
N LEU A 123 -0.88 -20.78 -53.07
CA LEU A 123 -0.55 -19.70 -52.15
C LEU A 123 -1.32 -19.81 -50.82
N ILE A 124 -2.61 -20.15 -50.86
CA ILE A 124 -3.39 -20.35 -49.63
C ILE A 124 -2.85 -21.53 -48.80
N GLN A 125 -2.49 -22.62 -49.49
CA GLN A 125 -1.85 -23.79 -48.87
C GLN A 125 -0.49 -23.47 -48.26
N GLU A 126 0.38 -22.80 -48.97
CA GLU A 126 1.67 -22.45 -48.41
C GLU A 126 1.58 -21.45 -47.21
N LYS A 127 0.75 -20.42 -47.32
CA LYS A 127 0.62 -19.45 -46.26
C LYS A 127 -0.03 -20.06 -45.00
N THR A 128 -1.08 -20.87 -45.20
CA THR A 128 -1.71 -21.65 -44.14
C THR A 128 -0.70 -22.53 -43.37
N LYS A 129 0.05 -23.36 -44.10
CA LYS A 129 0.92 -24.39 -43.52
C LYS A 129 2.05 -23.73 -42.76
N ASN A 130 2.68 -22.73 -43.38
CA ASN A 130 3.96 -22.18 -42.90
C ASN A 130 3.91 -20.83 -42.20
N ARG A 131 2.77 -20.13 -42.24
CA ARG A 131 2.69 -18.82 -41.57
C ARG A 131 1.57 -18.70 -40.54
N TYR A 132 0.32 -18.85 -40.98
CA TYR A 132 -0.83 -18.63 -40.09
C TYR A 132 -1.16 -19.72 -39.07
N PHE A 133 -1.13 -20.99 -39.47
CA PHE A 133 -1.47 -22.05 -38.53
C PHE A 133 -0.35 -22.17 -37.47
N PRO A 134 0.96 -22.13 -37.89
CA PRO A 134 2.04 -22.05 -36.91
C PRO A 134 1.88 -20.93 -35.89
N ALA A 135 1.47 -19.75 -36.36
CA ALA A 135 1.29 -18.58 -35.51
C ALA A 135 0.27 -18.80 -34.42
N PHE A 136 -0.84 -19.45 -34.76
CA PHE A 136 -1.92 -19.61 -33.76
C PHE A 136 -1.75 -20.89 -32.94
N GLU A 137 -1.08 -21.89 -33.53
CA GLU A 137 -0.60 -23.07 -32.78
C GLU A 137 0.43 -22.69 -31.72
N LYS A 138 1.32 -21.75 -32.04
CA LYS A 138 2.29 -21.15 -31.12
C LYS A 138 1.59 -20.42 -29.94
N VAL A 139 0.61 -19.57 -30.27
CA VAL A 139 -0.16 -18.87 -29.22
C VAL A 139 -0.62 -19.93 -28.23
N LEU A 140 -1.54 -20.81 -28.63
CA LEU A 140 -2.07 -21.86 -27.80
C LEU A 140 -1.00 -22.66 -27.00
N LYS A 141 0.14 -23.02 -27.59
CA LYS A 141 1.22 -23.72 -26.90
C LYS A 141 1.86 -22.91 -25.77
N SER A 142 2.00 -21.60 -26.01
CA SER A 142 2.64 -20.66 -25.06
C SER A 142 1.83 -20.36 -23.78
N HIS A 143 0.51 -20.22 -23.89
CA HIS A 143 -0.30 -20.01 -22.69
C HIS A 143 -0.95 -21.29 -22.09
N GLY A 144 -1.02 -22.34 -22.89
CA GLY A 144 -1.57 -23.61 -22.44
C GLY A 144 -3.06 -23.60 -22.19
N GLN A 145 -3.72 -22.47 -22.50
CA GLN A 145 -5.16 -22.31 -22.28
C GLN A 145 -6.06 -22.77 -23.44
N ASP A 146 -7.35 -22.83 -23.20
CA ASP A 146 -8.31 -23.34 -24.17
C ASP A 146 -8.80 -22.28 -25.16
N TYR A 147 -8.54 -21.02 -24.85
CA TYR A 147 -8.98 -19.86 -25.67
C TYR A 147 -7.80 -18.99 -26.00
N LEU A 148 -7.90 -18.25 -27.11
CA LEU A 148 -6.77 -17.47 -27.61
C LEU A 148 -6.40 -16.34 -26.70
N VAL A 149 -7.39 -15.69 -26.10
CA VAL A 149 -7.11 -14.51 -25.30
C VAL A 149 -7.92 -14.47 -24.03
N GLY A 150 -7.19 -14.21 -22.95
CA GLY A 150 -7.73 -13.98 -21.61
C GLY A 150 -8.48 -15.15 -21.01
N ASN A 151 -8.16 -16.33 -21.50
CA ASN A 151 -8.76 -17.59 -21.01
C ASN A 151 -10.28 -17.59 -21.07
N LYS A 152 -10.83 -16.96 -22.09
CA LYS A 152 -12.27 -16.65 -22.15
C LYS A 152 -12.58 -16.56 -23.64
N LEU A 153 -13.79 -16.95 -24.02
CA LEU A 153 -14.19 -16.87 -25.43
C LEU A 153 -14.15 -15.41 -25.86
N SER A 154 -13.45 -15.15 -26.96
CA SER A 154 -13.52 -13.85 -27.64
C SER A 154 -13.83 -14.08 -29.13
N ARG A 155 -13.96 -12.98 -29.89
CA ARG A 155 -14.19 -13.00 -31.33
C ARG A 155 -13.04 -13.72 -32.08
N ALA A 156 -11.82 -13.71 -31.53
CA ALA A 156 -10.67 -14.36 -32.18
C ALA A 156 -10.89 -15.87 -32.33
N ASP A 157 -11.55 -16.46 -31.33
CA ASP A 157 -11.85 -17.90 -31.36
C ASP A 157 -12.86 -18.19 -32.48
N ILE A 158 -13.89 -17.35 -32.57
CA ILE A 158 -14.96 -17.47 -33.57
C ILE A 158 -14.41 -17.29 -34.97
N HIS A 159 -13.63 -16.23 -35.19
CA HIS A 159 -13.13 -15.94 -36.52
C HIS A 159 -12.16 -16.99 -36.98
N LEU A 160 -11.29 -17.46 -36.08
CA LEU A 160 -10.34 -18.55 -36.40
C LEU A 160 -11.04 -19.88 -36.66
N VAL A 161 -12.01 -20.22 -35.83
CA VAL A 161 -12.67 -21.50 -36.03
C VAL A 161 -13.51 -21.46 -37.31
N GLU A 162 -14.27 -20.37 -37.50
CA GLU A 162 -14.92 -20.10 -38.78
C GLU A 162 -13.97 -20.41 -39.95
N LEU A 163 -12.78 -19.82 -39.91
CA LEU A 163 -11.67 -20.07 -40.86
C LEU A 163 -11.17 -21.52 -40.99
N LEU A 164 -11.09 -22.25 -39.87
CA LEU A 164 -10.73 -23.67 -39.90
C LEU A 164 -11.73 -24.52 -40.71
N TYR A 165 -13.02 -24.20 -40.60
CA TYR A 165 -14.04 -24.79 -41.49
C TYR A 165 -13.76 -24.57 -42.98
N TYR A 166 -13.32 -23.38 -43.39
CA TYR A 166 -13.05 -23.13 -44.83
C TYR A 166 -11.79 -23.80 -45.36
N VAL A 167 -10.77 -23.82 -44.52
CA VAL A 167 -9.53 -24.52 -44.81
C VAL A 167 -9.80 -26.04 -44.94
N GLU A 168 -10.74 -26.55 -44.15
CA GLU A 168 -11.16 -27.96 -44.26
C GLU A 168 -11.82 -28.27 -45.62
N GLU A 169 -12.67 -27.35 -46.09
CA GLU A 169 -13.29 -27.43 -47.42
C GLU A 169 -12.23 -27.44 -48.53
N LEU A 170 -11.19 -26.65 -48.36
CA LEU A 170 -10.17 -26.49 -49.41
C LEU A 170 -9.10 -27.57 -49.41
N ASP A 171 -8.78 -28.06 -48.23
CA ASP A 171 -7.68 -29.00 -48.04
C ASP A 171 -7.66 -29.48 -46.59
N SER A 172 -8.27 -30.65 -46.39
CA SER A 172 -8.44 -31.28 -45.10
C SER A 172 -7.13 -31.64 -44.39
N SER A 173 -6.03 -31.75 -45.14
CA SER A 173 -4.74 -32.10 -44.58
C SER A 173 -4.01 -30.93 -43.90
N LEU A 174 -4.31 -29.70 -44.33
CA LEU A 174 -3.53 -28.52 -43.87
C LEU A 174 -3.44 -28.42 -42.33
N ILE A 175 -4.47 -28.89 -41.64
CA ILE A 175 -4.53 -28.80 -40.17
C ILE A 175 -3.90 -30.01 -39.46
N SER A 176 -3.60 -31.07 -40.21
CA SER A 176 -3.17 -32.34 -39.63
C SER A 176 -1.94 -32.25 -38.69
N SER A 177 -1.07 -31.26 -38.89
CA SER A 177 0.14 -31.14 -38.05
C SER A 177 -0.02 -30.18 -36.86
N PHE A 178 -1.26 -29.71 -36.65
CA PHE A 178 -1.60 -28.73 -35.60
C PHE A 178 -2.60 -29.26 -34.59
N PRO A 179 -2.13 -30.08 -33.62
CA PRO A 179 -3.03 -30.72 -32.65
C PRO A 179 -3.81 -29.76 -31.74
N LEU A 180 -3.23 -28.63 -31.35
CA LEU A 180 -3.92 -27.66 -30.52
C LEU A 180 -5.00 -26.90 -31.29
N LEU A 181 -4.74 -26.62 -32.57
CA LEU A 181 -5.78 -26.06 -33.48
C LEU A 181 -6.88 -27.06 -33.72
N LYS A 182 -6.50 -28.33 -33.90
CA LYS A 182 -7.50 -29.40 -34.06
C LYS A 182 -8.45 -29.45 -32.86
N ALA A 183 -7.90 -29.33 -31.65
CA ALA A 183 -8.69 -29.35 -30.40
C ALA A 183 -9.55 -28.14 -30.15
N LEU A 184 -9.07 -26.97 -30.57
CA LEU A 184 -9.83 -25.73 -30.40
C LEU A 184 -11.16 -25.76 -31.20
N LYS A 185 -11.10 -26.33 -32.39
CA LYS A 185 -12.22 -26.36 -33.32
C LYS A 185 -13.38 -27.15 -32.75
N THR A 186 -13.04 -28.26 -32.08
CA THR A 186 -13.98 -29.20 -31.48
C THR A 186 -14.59 -28.54 -30.23
N ARG A 187 -13.77 -27.91 -29.40
CA ARG A 187 -14.30 -27.18 -28.24
C ARG A 187 -15.27 -26.08 -28.64
N ILE A 188 -14.81 -25.20 -29.52
CA ILE A 188 -15.60 -24.09 -29.99
C ILE A 188 -16.87 -24.54 -30.72
N SER A 189 -16.75 -25.53 -31.62
CA SER A 189 -17.90 -26.15 -32.30
C SER A 189 -18.89 -26.82 -31.34
N ASN A 190 -18.42 -27.26 -30.17
CA ASN A 190 -19.35 -27.84 -29.21
C ASN A 190 -20.01 -26.85 -28.28
N LEU A 191 -19.49 -25.63 -28.23
CA LEU A 191 -20.19 -24.51 -27.60
C LEU A 191 -21.63 -24.44 -28.13
N PRO A 192 -22.63 -24.23 -27.23
CA PRO A 192 -24.06 -24.26 -27.58
C PRO A 192 -24.59 -23.24 -28.61
N THR A 193 -24.08 -22.00 -28.62
CA THR A 193 -24.42 -21.09 -29.71
C THR A 193 -23.81 -21.60 -31.04
N VAL A 194 -22.54 -21.96 -31.03
CA VAL A 194 -21.88 -22.43 -32.26
C VAL A 194 -22.51 -23.74 -32.76
N LYS A 195 -22.66 -24.73 -31.87
CA LYS A 195 -23.30 -26.01 -32.24
C LYS A 195 -24.65 -25.77 -32.94
N LYS A 196 -25.47 -24.87 -32.40
CA LYS A 196 -26.76 -24.54 -33.00
C LYS A 196 -26.67 -23.91 -34.41
N PHE A 197 -25.73 -22.98 -34.58
CA PHE A 197 -25.51 -22.28 -35.85
C PHE A 197 -24.90 -23.26 -36.88
N LEU A 198 -24.27 -24.31 -36.40
CA LEU A 198 -23.76 -25.37 -37.29
C LEU A 198 -24.80 -26.42 -37.69
N GLN A 199 -25.99 -26.37 -37.10
CA GLN A 199 -27.03 -27.33 -37.50
C GLN A 199 -27.72 -26.98 -38.85
N PRO A 200 -28.37 -27.97 -39.49
CA PRO A 200 -29.20 -27.78 -40.71
C PRO A 200 -30.25 -26.68 -40.53
N GLY A 201 -30.44 -25.86 -41.56
CA GLY A 201 -31.42 -24.76 -41.56
C GLY A 201 -31.06 -23.51 -40.76
N SER A 202 -29.80 -23.39 -40.30
CA SER A 202 -29.31 -22.21 -39.63
C SER A 202 -29.13 -21.12 -40.65
N PRO A 203 -28.87 -19.89 -40.19
CA PRO A 203 -28.45 -18.88 -41.15
C PRO A 203 -27.07 -19.08 -41.84
N ARG A 204 -26.32 -20.14 -41.51
CA ARG A 204 -25.01 -20.37 -42.14
C ARG A 204 -25.17 -20.54 -43.64
N LYS A 205 -24.23 -20.00 -44.41
CA LYS A 205 -24.27 -20.04 -45.87
C LYS A 205 -23.29 -21.07 -46.45
N PRO A 206 -23.61 -21.66 -47.63
CA PRO A 206 -22.79 -22.63 -48.35
C PRO A 206 -21.59 -22.04 -49.11
N PRO A 207 -20.74 -22.92 -49.66
CA PRO A 207 -19.69 -22.46 -50.56
C PRO A 207 -20.34 -21.85 -51.79
N MET A 208 -19.60 -21.02 -52.51
CA MET A 208 -20.07 -20.49 -53.80
C MET A 208 -20.20 -21.65 -54.78
N ASP A 209 -21.16 -21.54 -55.69
CA ASP A 209 -21.21 -22.44 -56.84
C ASP A 209 -21.40 -21.61 -58.11
N GLU A 210 -21.48 -22.29 -59.27
CA GLU A 210 -21.68 -21.64 -60.57
C GLU A 210 -22.85 -20.65 -60.54
N LYS A 211 -23.90 -21.03 -59.81
CA LYS A 211 -25.16 -20.30 -59.84
C LYS A 211 -25.14 -19.05 -58.96
N SER A 212 -24.58 -19.18 -57.77
CA SER A 212 -24.41 -18.03 -56.87
C SER A 212 -23.34 -17.05 -57.44
N LEU A 213 -22.35 -17.61 -58.16
CA LEU A 213 -21.36 -16.79 -58.87
C LEU A 213 -21.97 -15.91 -59.94
N GLU A 214 -22.89 -16.48 -60.73
CA GLU A 214 -23.59 -15.71 -61.75
C GLU A 214 -24.58 -14.73 -61.11
N GLU A 215 -25.24 -15.15 -60.03
CA GLU A 215 -26.09 -14.22 -59.28
C GLU A 215 -25.31 -12.99 -58.84
N SER A 216 -24.09 -13.23 -58.32
CA SER A 216 -23.20 -12.17 -57.80
C SER A 216 -22.69 -11.21 -58.89
N ARG A 217 -22.29 -11.77 -60.04
CA ARG A 217 -22.00 -10.99 -61.25
C ARG A 217 -23.10 -9.95 -61.55
N LYS A 218 -24.37 -10.38 -61.46
CA LYS A 218 -25.47 -9.50 -61.83
C LYS A 218 -25.85 -8.48 -60.72
N ILE A 219 -25.74 -8.89 -59.46
CA ILE A 219 -26.04 -8.01 -58.33
C ILE A 219 -24.96 -6.98 -58.13
N PHE A 220 -23.71 -7.43 -58.07
CA PHE A 220 -22.60 -6.54 -57.72
C PHE A 220 -21.95 -5.94 -58.97
N ARG A 221 -22.23 -6.58 -60.09
CA ARG A 221 -21.81 -6.16 -61.42
C ARG A 221 -20.34 -6.35 -61.71
N PHE A 222 -20.01 -7.60 -62.05
CA PHE A 222 -18.74 -7.99 -62.65
C PHE A 222 -18.97 -9.12 -63.69
N ALA B 2 9.79 8.64 -20.29
CA ALA B 2 9.64 7.26 -19.72
C ALA B 2 10.30 6.26 -20.68
N GLU B 3 9.50 5.34 -21.22
CA GLU B 3 9.90 4.53 -22.37
C GLU B 3 9.01 4.89 -23.57
N LYS B 4 9.58 5.63 -24.53
CA LYS B 4 8.85 6.11 -25.70
C LYS B 4 8.41 4.97 -26.61
N PRO B 5 7.21 5.09 -27.23
CA PRO B 5 6.91 4.16 -28.32
C PRO B 5 8.07 4.07 -29.31
N LYS B 6 8.34 2.85 -29.76
CA LYS B 6 9.40 2.61 -30.71
C LYS B 6 8.76 2.08 -32.00
N LEU B 7 9.03 2.75 -33.13
CA LEU B 7 8.49 2.39 -34.43
C LEU B 7 9.53 1.67 -35.29
N HIS B 8 9.18 0.45 -35.71
CA HIS B 8 10.03 -0.37 -36.56
C HIS B 8 9.54 -0.40 -38.00
N TYR B 9 10.22 0.35 -38.84
CA TYR B 9 9.85 0.48 -40.26
C TYR B 9 11.07 0.95 -41.03
N SER B 10 11.00 0.96 -42.36
CA SER B 10 12.05 1.63 -43.16
C SER B 10 11.77 3.12 -43.12
N ASN B 11 12.64 3.92 -43.74
CA ASN B 11 12.48 5.37 -43.79
C ASN B 11 11.64 5.75 -45.01
N ILE B 12 10.38 5.30 -44.98
CA ILE B 12 9.38 5.60 -45.98
C ILE B 12 8.05 5.90 -45.26
N ARG B 13 7.05 6.36 -45.99
CA ARG B 13 5.69 6.40 -45.49
C ARG B 13 5.18 4.97 -45.27
N GLY B 14 4.91 4.25 -46.36
CA GLY B 14 4.36 2.88 -46.30
C GLY B 14 3.17 2.74 -45.38
N ARG B 15 3.18 1.66 -44.59
CA ARG B 15 2.10 1.42 -43.64
C ARG B 15 2.32 2.09 -42.29
N MET B 16 3.52 2.62 -42.04
CA MET B 16 3.77 3.31 -40.80
C MET B 16 3.25 4.76 -40.76
N GLU B 17 3.12 5.41 -41.91
CA GLU B 17 2.82 6.84 -41.92
C GLU B 17 1.56 7.23 -41.14
N SER B 18 0.48 6.45 -41.22
CA SER B 18 -0.72 6.84 -40.45
C SER B 18 -0.56 6.65 -38.93
N ILE B 19 0.38 5.78 -38.54
CA ILE B 19 0.71 5.62 -37.13
C ILE B 19 1.47 6.86 -36.61
N ARG B 20 2.50 7.27 -37.36
CA ARG B 20 3.14 8.59 -37.13
C ARG B 20 2.16 9.78 -36.95
N TRP B 21 1.20 9.96 -37.86
CA TRP B 21 0.18 11.03 -37.76
C TRP B 21 -0.60 10.99 -36.49
N LEU B 22 -1.09 9.79 -36.18
CA LEU B 22 -1.95 9.57 -35.08
C LEU B 22 -1.21 9.83 -33.76
N LEU B 23 -0.01 9.28 -33.67
CA LEU B 23 0.88 9.53 -32.51
C LEU B 23 1.18 11.02 -32.33
N ALA B 24 1.45 11.73 -33.41
CA ALA B 24 1.76 13.14 -33.30
C ALA B 24 0.53 13.95 -32.90
N ALA B 25 -0.62 13.60 -33.48
CA ALA B 25 -1.89 14.27 -33.17
C ALA B 25 -2.32 14.11 -31.70
N ALA B 26 -1.93 12.98 -31.08
CA ALA B 26 -2.12 12.78 -29.64
C ALA B 26 -1.03 13.39 -28.72
N GLY B 27 0.02 13.96 -29.28
CA GLY B 27 1.02 14.68 -28.45
C GLY B 27 2.12 13.75 -27.98
N VAL B 28 2.16 12.57 -28.59
CA VAL B 28 3.05 11.49 -28.21
C VAL B 28 4.37 11.57 -28.98
N GLU B 29 5.44 11.83 -28.22
CA GLU B 29 6.79 11.74 -28.76
C GLU B 29 7.19 10.28 -28.86
N PHE B 30 7.86 9.95 -29.95
CA PHE B 30 8.24 8.56 -30.23
C PHE B 30 9.61 8.51 -30.87
N GLU B 31 10.13 7.30 -30.96
CA GLU B 31 11.43 7.02 -31.54
C GLU B 31 11.21 6.14 -32.76
N GLU B 32 12.08 6.25 -33.74
CA GLU B 32 12.00 5.40 -34.93
C GLU B 32 13.29 4.62 -35.03
N LYS B 33 13.21 3.30 -35.21
CA LYS B 33 14.38 2.46 -35.54
C LYS B 33 14.29 1.98 -36.99
N PHE B 34 15.00 2.70 -37.86
CA PHE B 34 14.91 2.50 -39.29
C PHE B 34 15.58 1.23 -39.72
N ILE B 35 14.80 0.37 -40.36
CA ILE B 35 15.30 -0.81 -41.04
C ILE B 35 15.98 -0.33 -42.32
N LYS B 36 17.21 -0.77 -42.55
CA LYS B 36 18.02 -0.24 -43.63
C LYS B 36 18.33 -1.29 -44.70
N SER B 37 18.08 -2.57 -44.38
CA SER B 37 18.36 -3.68 -45.29
C SER B 37 17.48 -4.89 -44.97
N ALA B 38 17.43 -5.83 -45.91
CA ALA B 38 16.64 -7.04 -45.73
C ALA B 38 17.14 -7.81 -44.53
N GLU B 39 18.47 -7.77 -44.33
CA GLU B 39 19.12 -8.39 -43.17
C GLU B 39 18.58 -7.82 -41.86
N ASP B 40 18.30 -6.53 -41.81
CA ASP B 40 17.71 -5.87 -40.62
C ASP B 40 16.31 -6.38 -40.34
N LEU B 41 15.53 -6.52 -41.41
CA LEU B 41 14.18 -7.06 -41.32
C LEU B 41 14.23 -8.52 -40.89
N ASP B 42 15.18 -9.28 -41.44
CA ASP B 42 15.40 -10.66 -41.05
C ASP B 42 15.68 -10.80 -39.56
N LYS B 43 16.43 -9.86 -38.98
CA LYS B 43 16.79 -9.94 -37.57
C LYS B 43 15.55 -9.98 -36.68
N LEU B 44 14.64 -9.04 -36.93
CA LEU B 44 13.40 -8.91 -36.17
C LEU B 44 12.54 -10.14 -36.33
N ARG B 45 12.59 -10.76 -37.52
CA ARG B 45 11.89 -12.02 -37.79
C ARG B 45 12.52 -13.13 -36.98
N ASN B 46 13.84 -13.27 -37.11
CA ASN B 46 14.59 -14.36 -36.45
C ASN B 46 14.53 -14.35 -34.93
N ASP B 47 14.48 -13.16 -34.35
CA ASP B 47 14.25 -12.95 -32.92
C ASP B 47 12.87 -13.33 -32.41
N GLY B 48 11.93 -13.54 -33.34
CA GLY B 48 10.54 -13.83 -32.95
C GLY B 48 9.69 -12.63 -32.56
N TYR B 49 10.00 -11.45 -33.08
CA TYR B 49 9.29 -10.20 -32.69
C TYR B 49 8.12 -9.79 -33.60
N LEU B 50 7.91 -10.55 -34.68
CA LEU B 50 6.90 -10.25 -35.70
C LEU B 50 5.98 -11.43 -35.92
N MET B 51 4.79 -11.37 -35.35
CA MET B 51 3.90 -12.53 -35.28
C MET B 51 3.53 -13.13 -36.63
N PHE B 52 3.48 -12.26 -37.64
CA PHE B 52 3.19 -12.67 -39.01
C PHE B 52 4.31 -12.34 -39.98
N GLN B 53 5.53 -12.16 -39.45
CA GLN B 53 6.78 -12.00 -40.22
C GLN B 53 6.91 -10.64 -40.91
N GLN B 54 6.10 -9.65 -40.48
CA GLN B 54 6.04 -8.35 -41.17
C GLN B 54 6.00 -7.14 -40.25
N VAL B 55 6.51 -6.03 -40.78
CA VAL B 55 6.39 -4.71 -40.18
C VAL B 55 5.21 -4.00 -40.88
N PRO B 56 4.59 -2.95 -40.27
CA PRO B 56 4.94 -2.21 -39.02
C PRO B 56 4.99 -3.06 -37.74
N MET B 57 5.99 -2.80 -36.92
CA MET B 57 5.94 -3.25 -35.54
C MET B 57 6.20 -2.03 -34.68
N VAL B 58 5.37 -1.90 -33.66
CA VAL B 58 5.53 -0.86 -32.68
C VAL B 58 5.68 -1.48 -31.28
N GLU B 59 6.79 -1.11 -30.62
CA GLU B 59 6.96 -1.37 -29.19
C GLU B 59 6.31 -0.28 -28.36
N ILE B 60 5.26 -0.61 -27.64
CA ILE B 60 4.49 0.40 -26.89
C ILE B 60 3.93 -0.23 -25.63
N ASP B 61 4.11 0.46 -24.51
CA ASP B 61 3.56 0.09 -23.21
C ASP B 61 3.83 -1.36 -22.79
N GLY B 62 5.05 -1.82 -23.07
CA GLY B 62 5.46 -3.19 -22.71
C GLY B 62 5.00 -4.30 -23.64
N MET B 63 4.45 -3.92 -24.81
CA MET B 63 4.01 -4.88 -25.83
C MET B 63 4.70 -4.55 -27.16
N LYS B 64 5.02 -5.60 -27.93
CA LYS B 64 5.42 -5.47 -29.33
C LYS B 64 4.19 -5.73 -30.19
N LEU B 65 3.63 -4.67 -30.77
CA LEU B 65 2.40 -4.79 -31.58
C LEU B 65 2.73 -4.83 -33.08
N VAL B 66 2.15 -5.78 -33.79
CA VAL B 66 2.13 -5.76 -35.27
C VAL B 66 0.70 -5.64 -35.81
N GLN B 67 0.59 -5.48 -37.13
CA GLN B 67 -0.67 -5.23 -37.82
C GLN B 67 -1.11 -3.78 -37.58
N THR B 68 -1.17 -2.99 -38.66
CA THR B 68 -1.47 -1.53 -38.58
C THR B 68 -2.75 -1.19 -37.81
N ARG B 69 -3.84 -1.93 -38.04
CA ARG B 69 -5.13 -1.62 -37.42
C ARG B 69 -5.10 -1.90 -35.93
N ALA B 70 -4.38 -2.94 -35.53
CA ALA B 70 -4.20 -3.31 -34.13
C ALA B 70 -3.45 -2.18 -33.41
N ILE B 71 -2.43 -1.64 -34.08
CA ILE B 71 -1.59 -0.57 -33.52
C ILE B 71 -2.36 0.74 -33.38
N LEU B 72 -3.03 1.14 -34.46
CA LEU B 72 -3.79 2.37 -34.51
C LEU B 72 -4.96 2.32 -33.56
N ASN B 73 -5.64 1.17 -33.44
CA ASN B 73 -6.76 1.04 -32.45
C ASN B 73 -6.35 1.26 -31.02
N TYR B 74 -5.20 0.71 -30.64
CA TYR B 74 -4.62 0.84 -29.29
C TYR B 74 -4.30 2.31 -28.91
N ILE B 75 -3.55 2.96 -29.79
CA ILE B 75 -3.22 4.40 -29.65
C ILE B 75 -4.47 5.27 -29.53
N ALA B 76 -5.45 5.02 -30.41
CA ALA B 76 -6.70 5.78 -30.39
C ALA B 76 -7.51 5.59 -29.12
N SER B 77 -7.58 4.35 -28.63
CA SER B 77 -8.22 4.06 -27.34
C SER B 77 -7.49 4.73 -26.18
N LYS B 78 -6.19 4.50 -26.12
CA LYS B 78 -5.35 5.05 -25.07
C LYS B 78 -5.40 6.57 -24.95
N TYR B 79 -5.45 7.27 -26.08
CA TYR B 79 -5.37 8.74 -26.12
C TYR B 79 -6.70 9.43 -26.42
N ASN B 80 -7.77 8.67 -26.20
CA ASN B 80 -9.15 9.14 -26.32
C ASN B 80 -9.55 9.72 -27.69
N LEU B 81 -9.05 9.10 -28.75
CA LEU B 81 -9.40 9.52 -30.11
C LEU B 81 -10.29 8.48 -30.83
N TYR B 82 -10.96 7.64 -30.04
CA TYR B 82 -11.81 6.54 -30.57
C TYR B 82 -13.28 6.62 -30.16
N GLY B 83 -13.73 7.81 -29.74
CA GLY B 83 -15.11 8.03 -29.34
C GLY B 83 -15.35 7.92 -27.85
N LYS B 84 -16.49 8.42 -27.40
CA LYS B 84 -16.76 8.36 -25.96
C LYS B 84 -17.50 7.08 -25.56
N ASP B 85 -18.20 6.47 -26.50
CA ASP B 85 -18.92 5.22 -26.26
C ASP B 85 -18.83 4.29 -27.48
N ILE B 86 -19.40 3.10 -27.36
CA ILE B 86 -19.39 2.11 -28.44
C ILE B 86 -20.17 2.50 -29.70
N LYS B 87 -21.21 3.33 -29.56
CA LYS B 87 -21.95 3.89 -30.71
C LYS B 87 -21.15 4.94 -31.50
N GLU B 88 -20.45 5.85 -30.80
CA GLU B 88 -19.55 6.79 -31.50
C GLU B 88 -18.40 6.03 -32.17
N LYS B 89 -17.89 5.04 -31.45
CA LYS B 89 -16.82 4.19 -31.95
C LYS B 89 -17.24 3.53 -33.26
N ALA B 90 -18.51 3.10 -33.34
CA ALA B 90 -19.09 2.49 -34.55
C ALA B 90 -19.12 3.41 -35.76
N LEU B 91 -19.51 4.67 -35.54
CA LEU B 91 -19.45 5.72 -36.58
C LEU B 91 -18.02 6.04 -36.98
N ILE B 92 -17.13 6.15 -35.99
CA ILE B 92 -15.70 6.32 -36.27
C ILE B 92 -15.12 5.22 -37.14
N ASP B 93 -15.36 3.96 -36.74
CA ASP B 93 -14.92 2.76 -37.50
C ASP B 93 -15.43 2.70 -38.96
N MET B 94 -16.73 2.94 -39.14
CA MET B 94 -17.35 3.04 -40.47
C MET B 94 -16.67 4.08 -41.38
N TYR B 95 -16.44 5.27 -40.83
CA TYR B 95 -15.82 6.38 -41.59
C TYR B 95 -14.37 6.05 -41.94
N ILE B 96 -13.59 5.59 -40.95
CA ILE B 96 -12.14 5.34 -41.13
C ILE B 96 -11.86 4.17 -42.06
N GLU B 97 -12.74 3.19 -42.03
CA GLU B 97 -12.75 2.12 -42.99
C GLU B 97 -13.03 2.67 -44.39
N GLY B 98 -13.99 3.59 -44.50
CA GLY B 98 -14.12 4.38 -45.73
C GLY B 98 -12.81 5.06 -46.11
N ILE B 99 -12.18 5.73 -45.14
CA ILE B 99 -10.94 6.47 -45.41
C ILE B 99 -9.84 5.52 -45.93
N ALA B 100 -9.68 4.38 -45.25
CA ALA B 100 -8.71 3.33 -45.59
C ALA B 100 -8.88 2.71 -46.99
N ASP B 101 -10.13 2.68 -47.47
CA ASP B 101 -10.47 2.22 -48.81
C ASP B 101 -9.73 3.06 -49.86
N LEU B 102 -9.89 4.37 -49.77
CA LEU B 102 -9.13 5.31 -50.56
C LEU B 102 -7.63 5.29 -50.18
N GLY B 103 -7.37 5.32 -48.87
CA GLY B 103 -6.01 5.24 -48.34
C GLY B 103 -5.14 4.16 -48.93
N GLU B 104 -5.74 2.98 -49.18
CA GLU B 104 -4.99 1.84 -49.67
C GLU B 104 -4.61 1.95 -51.15
N MET B 105 -5.50 2.53 -51.95
CA MET B 105 -5.22 2.72 -53.37
C MET B 105 -4.03 3.67 -53.51
N ILE B 106 -4.06 4.74 -52.73
CA ILE B 106 -2.99 5.76 -52.68
C ILE B 106 -1.63 5.23 -52.19
N LEU B 107 -1.66 4.34 -51.20
CA LEU B 107 -0.46 3.75 -50.66
C LEU B 107 0.19 2.83 -51.70
N LEU B 108 -0.65 2.09 -52.42
CA LEU B 108 -0.20 1.11 -53.41
C LEU B 108 0.30 1.73 -54.72
N LEU B 109 -0.17 2.95 -55.01
CA LEU B 109 0.14 3.64 -56.27
C LEU B 109 1.64 3.70 -56.65
N PRO B 110 2.51 4.17 -55.72
CA PRO B 110 3.91 4.27 -56.11
C PRO B 110 4.62 2.94 -56.31
N PHE B 111 4.03 1.85 -55.83
CA PHE B 111 4.62 0.53 -56.00
C PHE B 111 4.03 -0.20 -57.21
N THR B 112 3.11 0.44 -57.91
CA THR B 112 2.50 -0.18 -59.08
C THR B 112 3.46 -0.03 -60.29
N GLN B 113 3.35 -0.93 -61.26
CA GLN B 113 4.20 -0.87 -62.44
C GLN B 113 3.87 0.40 -63.21
N PRO B 114 4.89 1.08 -63.78
CA PRO B 114 4.71 2.34 -64.50
C PRO B 114 3.71 2.27 -65.66
N GLU B 115 3.49 1.06 -66.20
CA GLU B 115 2.49 0.82 -67.25
C GLU B 115 1.09 0.51 -66.68
N GLU B 116 0.83 1.02 -65.48
CA GLU B 116 -0.42 0.83 -64.77
C GLU B 116 -0.83 2.10 -64.03
N GLN B 117 0.16 2.97 -63.78
CA GLN B 117 -0.02 4.12 -62.88
C GLN B 117 -1.08 5.13 -63.29
N ASP B 118 -1.25 5.31 -64.60
CA ASP B 118 -2.27 6.19 -65.15
C ASP B 118 -3.67 5.74 -64.81
N ALA B 119 -3.93 4.45 -65.03
CA ALA B 119 -5.26 3.87 -64.77
C ALA B 119 -5.59 3.81 -63.28
N LYS B 120 -4.58 3.59 -62.44
CA LYS B 120 -4.79 3.47 -61.00
C LYS B 120 -5.15 4.82 -60.41
N LEU B 121 -4.39 5.85 -60.79
CA LEU B 121 -4.69 7.22 -60.43
C LEU B 121 -6.06 7.65 -60.94
N ALA B 122 -6.41 7.21 -62.15
CA ALA B 122 -7.73 7.48 -62.72
C ALA B 122 -8.83 6.89 -61.83
N LEU B 123 -8.60 5.65 -61.38
CA LEU B 123 -9.50 4.98 -60.44
C LEU B 123 -9.60 5.73 -59.09
N ILE B 124 -8.47 6.22 -58.58
CA ILE B 124 -8.49 7.14 -57.41
C ILE B 124 -9.27 8.43 -57.72
N GLN B 125 -8.99 9.04 -58.85
CA GLN B 125 -9.80 10.21 -59.29
C GLN B 125 -11.33 9.99 -59.24
N GLU B 126 -11.80 8.96 -59.93
CA GLU B 126 -13.25 8.70 -59.95
C GLU B 126 -13.84 8.33 -58.57
N LYS B 127 -13.18 7.43 -57.83
CA LYS B 127 -13.71 7.05 -56.49
C LYS B 127 -13.80 8.22 -55.56
N THR B 128 -12.76 9.05 -55.59
CA THR B 128 -12.68 10.23 -54.75
C THR B 128 -13.79 11.23 -55.07
N LYS B 129 -13.91 11.62 -56.34
CA LYS B 129 -14.92 12.63 -56.68
C LYS B 129 -16.36 12.12 -56.69
N ASN B 130 -16.55 10.88 -57.15
CA ASN B 130 -17.90 10.35 -57.43
C ASN B 130 -18.57 9.63 -56.27
N ARG B 131 -17.84 9.42 -55.15
CA ARG B 131 -18.31 8.52 -54.07
C ARG B 131 -17.79 8.84 -52.68
N TYR B 132 -16.47 8.79 -52.48
CA TYR B 132 -15.94 8.95 -51.12
C TYR B 132 -15.96 10.37 -50.58
N PHE B 133 -15.49 11.34 -51.35
CA PHE B 133 -15.61 12.74 -50.93
C PHE B 133 -17.07 13.20 -50.67
N PRO B 134 -18.05 12.84 -51.55
CA PRO B 134 -19.48 13.06 -51.23
C PRO B 134 -19.94 12.46 -49.91
N ALA B 135 -19.49 11.25 -49.60
CA ALA B 135 -19.88 10.62 -48.34
C ALA B 135 -19.44 11.44 -47.15
N PHE B 136 -18.18 11.86 -47.13
CA PHE B 136 -17.63 12.62 -45.98
C PHE B 136 -18.22 14.04 -45.87
N GLU B 137 -18.40 14.70 -47.01
CA GLU B 137 -19.08 16.03 -47.10
C GLU B 137 -20.52 15.94 -46.58
N LYS B 138 -21.22 14.86 -46.92
CA LYS B 138 -22.56 14.62 -46.43
C LYS B 138 -22.61 14.63 -44.89
N VAL B 139 -21.67 13.91 -44.26
CA VAL B 139 -21.57 13.82 -42.81
C VAL B 139 -21.43 15.20 -42.14
N LEU B 140 -20.51 16.01 -42.67
CA LEU B 140 -20.23 17.34 -42.13
C LEU B 140 -21.43 18.29 -42.31
N LYS B 141 -22.05 18.22 -43.49
CA LYS B 141 -23.23 19.01 -43.81
C LYS B 141 -24.41 18.67 -42.89
N SER B 142 -24.56 17.39 -42.57
CA SER B 142 -25.65 16.91 -41.71
C SER B 142 -25.66 17.45 -40.29
N HIS B 143 -24.50 17.67 -39.68
CA HIS B 143 -24.46 18.13 -38.28
C HIS B 143 -23.91 19.55 -38.08
N GLY B 144 -23.29 20.08 -39.12
CA GLY B 144 -22.75 21.45 -39.08
C GLY B 144 -21.68 21.69 -38.02
N GLN B 145 -21.15 20.60 -37.46
CA GLN B 145 -20.15 20.66 -36.41
C GLN B 145 -18.74 20.56 -37.01
N ASP B 146 -17.73 20.90 -36.22
CA ASP B 146 -16.36 20.99 -36.73
C ASP B 146 -15.58 19.66 -36.78
N TYR B 147 -16.11 18.63 -36.14
CA TYR B 147 -15.50 17.31 -36.13
C TYR B 147 -16.43 16.28 -36.76
N LEU B 148 -15.85 15.16 -37.19
CA LEU B 148 -16.62 14.11 -37.88
C LEU B 148 -17.61 13.48 -36.93
N VAL B 149 -17.17 13.23 -35.68
CA VAL B 149 -17.94 12.46 -34.71
C VAL B 149 -17.98 13.10 -33.32
N GLY B 150 -19.17 13.12 -32.71
CA GLY B 150 -19.35 13.49 -31.30
C GLY B 150 -18.96 14.89 -30.86
N ASN B 151 -18.83 15.80 -31.83
CA ASN B 151 -18.37 17.18 -31.62
C ASN B 151 -17.06 17.29 -30.84
N LYS B 152 -16.10 16.44 -31.22
CA LYS B 152 -14.83 16.30 -30.51
C LYS B 152 -13.82 15.67 -31.47
N LEU B 153 -12.57 16.11 -31.39
CA LEU B 153 -11.49 15.48 -32.16
C LEU B 153 -11.48 13.96 -31.95
N SER B 154 -11.43 13.24 -33.06
CA SER B 154 -11.24 11.82 -32.99
C SER B 154 -10.22 11.45 -34.07
N ARG B 155 -9.82 10.17 -34.10
CA ARG B 155 -8.93 9.62 -35.13
C ARG B 155 -9.43 9.80 -36.58
N ALA B 156 -10.73 9.93 -36.74
CA ALA B 156 -11.33 10.03 -38.08
C ALA B 156 -10.95 11.35 -38.72
N ASP B 157 -10.99 12.42 -37.94
CA ASP B 157 -10.53 13.73 -38.45
C ASP B 157 -9.06 13.64 -38.91
N ILE B 158 -8.23 12.98 -38.11
CA ILE B 158 -6.79 12.85 -38.40
C ILE B 158 -6.55 11.97 -39.61
N HIS B 159 -7.20 10.81 -39.63
CA HIS B 159 -7.10 9.94 -40.79
C HIS B 159 -7.60 10.63 -42.08
N LEU B 160 -8.72 11.35 -42.01
CA LEU B 160 -9.25 12.05 -43.21
C LEU B 160 -8.36 13.21 -43.66
N VAL B 161 -7.90 14.03 -42.73
CA VAL B 161 -6.99 15.12 -43.12
C VAL B 161 -5.65 14.60 -43.69
N GLU B 162 -5.05 13.58 -43.06
CA GLU B 162 -3.84 12.95 -43.63
C GLU B 162 -4.09 12.67 -45.11
N LEU B 163 -5.16 11.94 -45.39
CA LEU B 163 -5.61 11.62 -46.72
C LEU B 163 -5.84 12.83 -47.63
N LEU B 164 -6.49 13.87 -47.13
CA LEU B 164 -6.56 15.14 -47.88
C LEU B 164 -5.22 15.70 -48.41
N TYR B 165 -4.14 15.64 -47.60
CA TYR B 165 -2.80 16.05 -48.06
C TYR B 165 -2.25 15.19 -49.18
N TYR B 166 -2.59 13.89 -49.17
CA TYR B 166 -2.19 13.01 -50.26
C TYR B 166 -3.06 13.28 -51.47
N VAL B 167 -4.37 13.49 -51.26
CA VAL B 167 -5.19 13.77 -52.42
C VAL B 167 -4.67 15.07 -53.03
N GLU B 168 -4.53 16.11 -52.20
CA GLU B 168 -3.92 17.38 -52.62
C GLU B 168 -2.72 17.24 -53.58
N GLU B 169 -1.77 16.34 -53.28
CA GLU B 169 -0.52 16.11 -54.09
C GLU B 169 -0.77 15.40 -55.42
N LEU B 170 -1.81 14.57 -55.46
CA LEU B 170 -2.08 13.70 -56.61
C LEU B 170 -2.91 14.42 -57.65
N ASP B 171 -3.87 15.20 -57.17
CA ASP B 171 -4.75 15.97 -58.01
C ASP B 171 -5.44 17.02 -57.12
N SER B 172 -4.94 18.26 -57.19
CA SER B 172 -5.46 19.36 -56.35
C SER B 172 -6.89 19.77 -56.64
N SER B 173 -7.42 19.36 -57.80
CA SER B 173 -8.81 19.67 -58.15
C SER B 173 -9.84 18.81 -57.40
N LEU B 174 -9.44 17.61 -56.96
CA LEU B 174 -10.37 16.66 -56.33
C LEU B 174 -11.18 17.22 -55.15
N ILE B 175 -10.56 18.04 -54.31
CA ILE B 175 -11.26 18.65 -53.17
C ILE B 175 -12.09 19.91 -53.53
N SER B 176 -11.95 20.39 -54.76
CA SER B 176 -12.47 21.73 -55.14
C SER B 176 -13.99 21.90 -54.99
N SER B 177 -14.77 20.87 -55.29
CA SER B 177 -16.23 20.95 -55.16
C SER B 177 -16.70 20.56 -53.77
N PHE B 178 -15.74 20.40 -52.85
CA PHE B 178 -16.02 19.95 -51.50
C PHE B 178 -15.54 20.96 -50.47
N PRO B 179 -16.38 21.98 -50.19
CA PRO B 179 -16.07 23.08 -49.26
C PRO B 179 -15.87 22.74 -47.78
N LEU B 180 -16.69 21.85 -47.22
CA LEU B 180 -16.54 21.53 -45.80
C LEU B 180 -15.30 20.65 -45.53
N LEU B 181 -14.93 19.84 -46.52
CA LEU B 181 -13.69 19.09 -46.49
C LEU B 181 -12.49 20.01 -46.50
N LYS B 182 -12.55 21.04 -47.35
CA LYS B 182 -11.54 22.10 -47.42
C LYS B 182 -11.35 22.82 -46.10
N ALA B 183 -12.47 23.12 -45.43
CA ALA B 183 -12.50 23.79 -44.13
C ALA B 183 -12.14 22.89 -42.96
N LEU B 184 -12.45 21.60 -43.05
CA LEU B 184 -12.02 20.66 -42.01
C LEU B 184 -10.51 20.62 -42.03
N LYS B 185 -9.94 20.54 -43.24
CA LYS B 185 -8.51 20.43 -43.41
C LYS B 185 -7.71 21.58 -42.81
N THR B 186 -8.15 22.81 -43.06
CA THR B 186 -7.55 23.98 -42.41
C THR B 186 -7.63 23.94 -40.89
N ARG B 187 -8.83 23.76 -40.36
CA ARG B 187 -9.04 23.72 -38.90
C ARG B 187 -8.19 22.66 -38.17
N ILE B 188 -8.03 21.49 -38.79
CA ILE B 188 -7.27 20.40 -38.18
C ILE B 188 -5.79 20.69 -38.30
N SER B 189 -5.35 21.14 -39.48
CA SER B 189 -3.99 21.64 -39.68
C SER B 189 -3.58 22.68 -38.63
N ASN B 190 -4.56 23.38 -38.05
CA ASN B 190 -4.28 24.44 -37.08
C ASN B 190 -4.30 23.99 -35.61
N LEU B 191 -4.74 22.75 -35.35
CA LEU B 191 -4.57 22.15 -34.02
C LEU B 191 -3.09 22.12 -33.62
N PRO B 192 -2.76 22.56 -32.41
CA PRO B 192 -1.37 22.60 -31.91
C PRO B 192 -0.54 21.34 -32.20
N THR B 193 -1.02 20.16 -31.79
CA THR B 193 -0.32 18.90 -32.09
C THR B 193 -0.14 18.67 -33.59
N VAL B 194 -1.19 18.93 -34.37
CA VAL B 194 -1.14 18.66 -35.82
C VAL B 194 -0.28 19.71 -36.55
N LYS B 195 -0.40 20.96 -36.09
CA LYS B 195 0.44 22.08 -36.53
C LYS B 195 1.92 21.78 -36.34
N LYS B 196 2.28 21.16 -35.21
CA LYS B 196 3.66 20.82 -34.95
C LYS B 196 4.20 19.74 -35.91
N PHE B 197 3.36 18.74 -36.19
CA PHE B 197 3.72 17.61 -37.09
C PHE B 197 3.83 18.03 -38.56
N LEU B 198 3.10 19.08 -38.91
CA LEU B 198 3.17 19.62 -40.25
C LEU B 198 4.43 20.45 -40.51
N GLN B 199 5.15 20.82 -39.45
CA GLN B 199 6.35 21.66 -39.50
C GLN B 199 7.48 20.93 -40.21
N PRO B 200 8.36 21.68 -40.89
CA PRO B 200 9.56 21.03 -41.43
C PRO B 200 10.32 20.35 -40.30
N GLY B 201 11.05 19.29 -40.64
CA GLY B 201 11.83 18.54 -39.64
C GLY B 201 11.07 17.61 -38.70
N SER B 202 9.74 17.54 -38.84
CA SER B 202 8.97 16.56 -38.05
C SER B 202 9.18 15.12 -38.55
N PRO B 203 8.66 14.11 -37.83
CA PRO B 203 8.73 12.78 -38.42
C PRO B 203 7.81 12.56 -39.63
N ARG B 204 6.99 13.56 -40.02
CA ARG B 204 6.21 13.46 -41.27
C ARG B 204 7.14 13.07 -42.45
N LYS B 205 6.82 11.99 -43.15
CA LYS B 205 7.74 11.48 -44.19
C LYS B 205 7.46 12.07 -45.56
N PRO B 206 8.50 12.11 -46.44
CA PRO B 206 8.32 12.54 -47.82
C PRO B 206 7.62 11.50 -48.70
N PRO B 207 7.07 11.94 -49.84
CA PRO B 207 6.49 10.97 -50.78
C PRO B 207 7.60 10.03 -51.28
N MET B 208 7.20 8.90 -51.85
CA MET B 208 8.15 8.00 -52.47
C MET B 208 8.91 8.70 -53.59
N ASP B 209 10.13 8.25 -53.84
CA ASP B 209 10.87 8.69 -54.99
C ASP B 209 11.63 7.48 -55.51
N GLU B 210 12.44 7.67 -56.56
CA GLU B 210 13.13 6.56 -57.25
C GLU B 210 14.06 5.78 -56.32
N LYS B 211 14.82 6.51 -55.51
CA LYS B 211 15.81 5.94 -54.57
C LYS B 211 15.18 5.08 -53.46
N SER B 212 14.07 5.53 -52.89
CA SER B 212 13.42 4.81 -51.80
C SER B 212 12.66 3.60 -52.31
N LEU B 213 12.11 3.74 -53.52
CA LEU B 213 11.47 2.64 -54.23
C LEU B 213 12.45 1.47 -54.38
N GLU B 214 13.69 1.78 -54.75
CA GLU B 214 14.77 0.80 -54.86
C GLU B 214 15.22 0.29 -53.47
N GLU B 215 15.29 1.20 -52.50
CA GLU B 215 15.56 0.80 -51.11
C GLU B 215 14.54 -0.26 -50.69
N SER B 216 13.26 0.02 -50.95
CA SER B 216 12.14 -0.83 -50.57
C SER B 216 12.18 -2.19 -51.24
N ARG B 217 12.53 -2.21 -52.52
CA ARG B 217 12.70 -3.46 -53.28
C ARG B 217 13.64 -4.42 -52.57
N LYS B 218 14.72 -3.89 -52.03
CA LYS B 218 15.73 -4.70 -51.37
C LYS B 218 15.32 -5.17 -49.99
N ILE B 219 14.76 -4.24 -49.20
CA ILE B 219 14.37 -4.51 -47.82
C ILE B 219 13.21 -5.51 -47.75
N PHE B 220 12.21 -5.25 -48.58
CA PHE B 220 10.97 -6.03 -48.58
C PHE B 220 10.97 -7.12 -49.66
N ARG B 221 12.06 -7.18 -50.43
CA ARG B 221 12.33 -8.31 -51.32
C ARG B 221 11.24 -8.45 -52.42
N PHE B 222 11.26 -7.52 -53.37
CA PHE B 222 10.41 -7.57 -54.58
C PHE B 222 11.09 -6.93 -55.79
N ALA C 2 38.81 39.93 13.31
CA ALA C 2 39.76 38.91 13.87
C ALA C 2 41.19 39.05 13.34
N GLU C 3 41.66 38.10 12.52
CA GLU C 3 43.10 38.03 12.21
C GLU C 3 43.53 37.68 10.79
N LYS C 4 44.79 37.97 10.48
CA LYS C 4 45.34 37.66 9.17
C LYS C 4 45.75 36.18 9.05
N PRO C 5 45.56 35.60 7.86
CA PRO C 5 45.92 34.19 7.70
C PRO C 5 47.37 33.87 8.12
N LYS C 6 47.59 32.72 8.75
CA LYS C 6 48.92 32.28 9.16
C LYS C 6 49.39 31.06 8.36
N LEU C 7 50.49 31.24 7.66
CA LEU C 7 51.00 30.19 6.80
C LEU C 7 52.16 29.44 7.47
N HIS C 8 51.98 28.12 7.63
CA HIS C 8 53.04 27.23 8.14
C HIS C 8 53.71 26.43 7.04
N TYR C 9 54.96 26.76 6.79
CA TYR C 9 55.78 26.07 5.79
C TYR C 9 57.16 26.59 6.01
N SER C 10 58.15 25.99 5.35
CA SER C 10 59.47 26.57 5.30
C SER C 10 59.58 27.60 4.16
N ASN C 11 60.79 28.16 4.05
CA ASN C 11 61.04 29.29 3.17
C ASN C 11 61.38 28.81 1.77
N ILE C 12 60.42 28.15 1.13
CA ILE C 12 60.59 27.63 -0.22
C ILE C 12 59.22 27.70 -0.89
N ARG C 13 59.17 27.52 -2.20
CA ARG C 13 57.89 27.49 -2.91
C ARG C 13 57.12 26.24 -2.49
N GLY C 14 57.63 25.06 -2.86
CA GLY C 14 56.95 23.78 -2.61
C GLY C 14 55.45 23.83 -2.90
N ARG C 15 54.66 23.31 -1.97
CA ARG C 15 53.21 23.23 -2.12
C ARG C 15 52.47 24.47 -1.55
N MET C 16 53.21 25.36 -0.90
CA MET C 16 52.60 26.55 -0.30
C MET C 16 52.48 27.75 -1.29
N GLU C 17 53.19 27.66 -2.41
CA GLU C 17 53.43 28.83 -3.23
C GLU C 17 52.20 29.25 -4.02
N SER C 18 51.37 28.30 -4.44
CA SER C 18 50.16 28.68 -5.16
C SER C 18 49.18 29.39 -4.23
N ILE C 19 49.24 29.03 -2.94
CA ILE C 19 48.41 29.66 -1.91
C ILE C 19 48.83 31.13 -1.68
N ARG C 20 50.15 31.38 -1.59
CA ARG C 20 50.68 32.76 -1.53
C ARG C 20 50.19 33.63 -2.70
N TRP C 21 50.30 33.12 -3.92
CA TRP C 21 49.83 33.82 -5.15
C TRP C 21 48.37 34.14 -5.13
N LEU C 22 47.59 33.14 -4.71
CA LEU C 22 46.16 33.26 -4.67
C LEU C 22 45.72 34.25 -3.60
N LEU C 23 46.35 34.20 -2.43
CA LEU C 23 46.07 35.15 -1.34
C LEU C 23 46.51 36.55 -1.75
N ALA C 24 47.67 36.64 -2.39
CA ALA C 24 48.19 37.92 -2.90
C ALA C 24 47.25 38.54 -3.92
N ALA C 25 46.82 37.73 -4.89
CA ALA C 25 45.93 38.17 -5.96
C ALA C 25 44.58 38.69 -5.45
N ALA C 26 44.09 38.12 -4.36
CA ALA C 26 42.87 38.55 -3.66
C ALA C 26 43.08 39.75 -2.73
N GLY C 27 44.32 40.22 -2.63
CA GLY C 27 44.68 41.41 -1.90
C GLY C 27 44.75 41.19 -0.41
N VAL C 28 44.93 39.92 -0.02
CA VAL C 28 44.87 39.48 1.36
C VAL C 28 46.27 39.47 1.96
N GLU C 29 46.41 40.14 3.09
CA GLU C 29 47.69 40.25 3.76
C GLU C 29 47.76 39.11 4.78
N PHE C 30 48.89 38.41 4.79
CA PHE C 30 49.05 37.22 5.62
C PHE C 30 50.40 37.20 6.31
N GLU C 31 50.54 36.24 7.23
CA GLU C 31 51.72 36.00 8.05
C GLU C 31 52.34 34.66 7.66
N GLU C 32 53.67 34.59 7.58
CA GLU C 32 54.33 33.30 7.40
C GLU C 32 55.10 32.89 8.68
N LYS C 33 54.79 31.73 9.25
CA LYS C 33 55.61 31.18 10.34
C LYS C 33 56.53 30.12 9.76
N PHE C 34 57.78 30.46 9.56
CA PHE C 34 58.67 29.58 8.81
C PHE C 34 59.26 28.42 9.62
N ILE C 35 59.17 27.24 9.02
CA ILE C 35 59.80 26.04 9.54
C ILE C 35 61.25 26.03 9.10
N LYS C 36 62.17 25.80 10.04
CA LYS C 36 63.57 25.91 9.74
C LYS C 36 64.39 24.68 10.08
N SER C 37 63.71 23.65 10.57
CA SER C 37 64.34 22.46 11.13
C SER C 37 63.28 21.38 11.21
N ALA C 38 63.72 20.12 11.32
CA ALA C 38 62.79 18.98 11.53
C ALA C 38 61.97 19.17 12.80
N GLU C 39 62.57 19.78 13.81
CA GLU C 39 61.94 20.05 15.14
C GLU C 39 60.73 20.97 15.10
N ASP C 40 60.86 22.07 14.37
CA ASP C 40 59.70 22.96 14.15
C ASP C 40 58.49 22.20 13.56
N LEU C 41 58.73 21.40 12.51
CA LEU C 41 57.68 20.53 11.90
C LEU C 41 57.07 19.47 12.87
N ASP C 42 57.92 18.75 13.60
CA ASP C 42 57.43 17.83 14.64
C ASP C 42 56.63 18.48 15.77
N LYS C 43 56.95 19.71 16.13
CA LYS C 43 56.19 20.41 17.20
C LYS C 43 54.76 20.66 16.74
N LEU C 44 54.62 21.16 15.52
CA LEU C 44 53.32 21.26 14.87
C LEU C 44 52.58 19.91 14.87
N ARG C 45 53.25 18.83 14.47
CA ARG C 45 52.65 17.47 14.51
C ARG C 45 52.20 17.06 15.90
N ASN C 46 53.11 17.17 16.87
CA ASN C 46 52.86 16.74 18.25
C ASN C 46 51.77 17.59 18.90
N ASP C 47 51.70 18.85 18.48
CA ASP C 47 50.71 19.81 18.98
C ASP C 47 49.34 19.57 18.40
N GLY C 48 49.23 18.63 17.45
CA GLY C 48 47.95 18.27 16.83
C GLY C 48 47.47 19.34 15.86
N TYR C 49 48.40 20.14 15.35
CA TYR C 49 48.07 21.24 14.45
C TYR C 49 47.83 20.74 13.01
N LEU C 50 48.26 19.50 12.76
CA LEU C 50 48.29 18.92 11.41
C LEU C 50 47.54 17.59 11.29
N MET C 51 46.32 17.62 10.75
CA MET C 51 45.48 16.40 10.63
C MET C 51 46.20 15.12 10.07
N PHE C 52 47.03 15.30 9.05
CA PHE C 52 47.72 14.18 8.41
C PHE C 52 49.23 14.28 8.58
N GLN C 53 49.64 15.07 9.56
CA GLN C 53 51.07 15.17 9.95
C GLN C 53 51.94 15.88 8.90
N GLN C 54 51.29 16.69 8.07
CA GLN C 54 51.93 17.34 6.93
C GLN C 54 51.54 18.81 6.78
N VAL C 55 52.48 19.57 6.21
CA VAL C 55 52.22 20.94 5.79
C VAL C 55 52.15 20.94 4.26
N PRO C 56 51.51 21.97 3.66
CA PRO C 56 51.02 23.26 4.21
C PRO C 56 49.90 23.16 5.22
N MET C 57 49.85 24.17 6.08
CA MET C 57 48.75 24.40 7.00
C MET C 57 48.58 25.91 7.01
N VAL C 58 47.32 26.32 6.95
CA VAL C 58 46.98 27.71 7.06
C VAL C 58 46.01 27.80 8.20
N GLU C 59 46.26 28.74 9.11
CA GLU C 59 45.29 29.15 10.12
C GLU C 59 44.44 30.30 9.58
N ILE C 60 43.14 30.08 9.49
CA ILE C 60 42.23 31.03 8.86
C ILE C 60 40.80 30.76 9.28
N ASP C 61 40.16 31.81 9.81
CA ASP C 61 38.77 31.79 10.30
C ASP C 61 38.55 30.71 11.33
N GLY C 62 39.49 30.60 12.26
CA GLY C 62 39.43 29.65 13.36
C GLY C 62 39.71 28.20 13.01
N MET C 63 40.12 27.95 11.77
CA MET C 63 40.38 26.61 11.32
C MET C 63 41.87 26.44 11.17
N LYS C 64 42.31 25.20 11.35
CA LYS C 64 43.67 24.79 11.04
C LYS C 64 43.58 23.92 9.79
N LEU C 65 43.56 24.57 8.64
CA LEU C 65 43.34 23.86 7.39
C LEU C 65 44.61 23.27 6.87
N VAL C 66 44.58 21.99 6.54
CA VAL C 66 45.64 21.34 5.76
C VAL C 66 45.13 20.80 4.37
N GLN C 67 46.05 20.36 3.53
CA GLN C 67 45.76 19.82 2.22
C GLN C 67 45.60 20.98 1.26
N THR C 68 46.52 21.08 0.31
CA THR C 68 46.66 22.24 -0.57
C THR C 68 45.33 22.62 -1.27
N ARG C 69 44.64 21.61 -1.79
CA ARG C 69 43.41 21.87 -2.51
C ARG C 69 42.33 22.42 -1.60
N ALA C 70 42.28 22.00 -0.34
CA ALA C 70 41.19 22.44 0.57
C ALA C 70 41.35 23.92 0.93
N ILE C 71 42.58 24.31 1.23
CA ILE C 71 42.99 25.67 1.55
C ILE C 71 42.71 26.64 0.41
N LEU C 72 43.22 26.27 -0.77
CA LEU C 72 42.93 26.98 -2.03
C LEU C 72 41.46 27.14 -2.32
N ASN C 73 40.72 26.05 -2.17
CA ASN C 73 39.33 26.02 -2.54
C ASN C 73 38.59 26.96 -1.59
N TYR C 74 38.96 26.93 -0.31
CA TYR C 74 38.40 27.86 0.72
C TYR C 74 38.64 29.37 0.45
N ILE C 75 39.88 29.74 0.13
CA ILE C 75 40.30 31.13 -0.22
C ILE C 75 39.62 31.62 -1.51
N ALA C 76 39.59 30.78 -2.54
CA ALA C 76 38.87 31.10 -3.76
C ALA C 76 37.42 31.43 -3.46
N SER C 77 36.74 30.56 -2.73
CA SER C 77 35.33 30.78 -2.41
C SER C 77 35.13 32.05 -1.61
N LYS C 78 35.86 32.19 -0.52
CA LYS C 78 35.81 33.37 0.38
C LYS C 78 36.06 34.71 -0.32
N TYR C 79 36.90 34.72 -1.35
CA TYR C 79 37.22 36.00 -2.01
C TYR C 79 36.67 36.09 -3.44
N ASN C 80 35.59 35.35 -3.68
CA ASN C 80 34.83 35.36 -4.95
C ASN C 80 35.66 35.11 -6.21
N LEU C 81 36.47 34.06 -6.13
CA LEU C 81 37.39 33.73 -7.19
C LEU C 81 37.14 32.30 -7.67
N TYR C 82 36.03 31.72 -7.24
CA TYR C 82 35.66 30.35 -7.63
C TYR C 82 34.35 30.35 -8.48
N GLY C 83 34.14 31.41 -9.25
CA GLY C 83 32.98 31.49 -10.15
C GLY C 83 31.69 31.88 -9.46
N LYS C 84 30.65 32.13 -10.26
CA LYS C 84 29.42 32.70 -9.70
C LYS C 84 28.37 31.63 -9.39
N ASP C 85 28.57 30.45 -9.97
CA ASP C 85 27.64 29.36 -9.78
C ASP C 85 28.31 28.02 -10.09
N ILE C 86 27.51 26.96 -9.97
CA ILE C 86 27.95 25.58 -9.98
C ILE C 86 28.57 25.20 -11.35
N LYS C 87 27.97 25.71 -12.42
CA LYS C 87 28.45 25.42 -13.76
C LYS C 87 29.74 26.18 -14.12
N GLU C 88 29.86 27.44 -13.69
CA GLU C 88 31.13 28.17 -13.76
C GLU C 88 32.21 27.48 -12.90
N LYS C 89 31.84 27.10 -11.70
CA LYS C 89 32.70 26.31 -10.82
C LYS C 89 33.23 25.05 -11.55
N ALA C 90 32.39 24.34 -12.30
CA ALA C 90 32.83 23.13 -13.03
C ALA C 90 33.87 23.38 -14.12
N LEU C 91 33.63 24.42 -14.95
CA LEU C 91 34.64 24.89 -15.92
C LEU C 91 35.95 25.28 -15.23
N ILE C 92 35.84 26.08 -14.17
CA ILE C 92 37.02 26.46 -13.33
C ILE C 92 37.75 25.24 -12.78
N ASP C 93 37.02 24.30 -12.18
CA ASP C 93 37.63 23.08 -11.60
C ASP C 93 38.33 22.28 -12.70
N MET C 94 37.64 22.08 -13.82
CA MET C 94 38.25 21.37 -14.95
C MET C 94 39.56 22.04 -15.39
N TYR C 95 39.55 23.36 -15.51
CA TYR C 95 40.70 24.10 -16.02
C TYR C 95 41.91 24.02 -15.08
N ILE C 96 41.65 24.28 -13.81
CA ILE C 96 42.70 24.27 -12.78
C ILE C 96 43.31 22.90 -12.47
N GLU C 97 42.55 21.84 -12.71
CA GLU C 97 43.10 20.50 -12.50
C GLU C 97 44.07 20.13 -13.63
N GLY C 98 43.72 20.58 -14.85
CA GLY C 98 44.63 20.56 -15.98
C GLY C 98 45.87 21.37 -15.67
N ILE C 99 45.69 22.56 -15.09
CA ILE C 99 46.80 23.49 -14.75
C ILE C 99 47.63 22.82 -13.67
N ALA C 100 46.96 22.30 -12.63
CA ALA C 100 47.63 21.59 -11.52
C ALA C 100 48.37 20.30 -11.91
N ASP C 101 47.94 19.65 -12.99
CA ASP C 101 48.63 18.48 -13.54
C ASP C 101 50.00 18.81 -14.14
N LEU C 102 50.08 19.91 -14.88
CA LEU C 102 51.36 20.42 -15.35
C LEU C 102 52.14 21.03 -14.18
N GLY C 103 51.40 21.69 -13.28
CA GLY C 103 51.99 22.34 -12.14
C GLY C 103 52.68 21.38 -11.19
N GLU C 104 52.11 20.17 -11.05
CA GLU C 104 52.71 19.15 -10.21
C GLU C 104 54.05 18.67 -10.83
N MET C 105 54.07 18.47 -12.13
CA MET C 105 55.27 18.00 -12.83
C MET C 105 56.45 18.93 -12.54
N ILE C 106 56.22 20.21 -12.81
CA ILE C 106 57.13 21.33 -12.52
C ILE C 106 57.59 21.39 -11.07
N LEU C 107 56.66 21.21 -10.12
CA LEU C 107 56.95 21.27 -8.69
C LEU C 107 57.91 20.15 -8.29
N LEU C 108 57.69 18.96 -8.84
CA LEU C 108 58.44 17.78 -8.44
C LEU C 108 59.85 17.74 -8.99
N LEU C 109 60.01 18.29 -10.20
CA LEU C 109 61.29 18.33 -10.93
C LEU C 109 62.56 18.59 -10.10
N PRO C 110 62.58 19.63 -9.23
CA PRO C 110 63.86 19.85 -8.55
C PRO C 110 64.14 18.80 -7.48
N PHE C 111 63.14 18.01 -7.13
CA PHE C 111 63.29 16.95 -6.13
C PHE C 111 63.52 15.59 -6.75
N THR C 112 63.44 15.49 -8.08
CA THR C 112 63.70 14.20 -8.77
C THR C 112 65.19 13.87 -8.79
N GLN C 113 65.51 12.59 -8.93
CA GLN C 113 66.90 12.14 -8.98
C GLN C 113 67.58 12.93 -10.07
N PRO C 114 68.86 13.29 -9.86
CA PRO C 114 69.67 13.96 -10.87
C PRO C 114 69.63 13.29 -12.25
N GLU C 115 69.68 11.95 -12.27
CA GLU C 115 69.70 11.17 -13.52
C GLU C 115 68.32 10.96 -14.16
N GLU C 116 67.28 11.57 -13.60
CA GLU C 116 65.96 11.55 -14.23
C GLU C 116 65.52 12.94 -14.69
N GLN C 117 66.31 13.94 -14.34
CA GLN C 117 65.99 15.36 -14.58
C GLN C 117 65.95 15.78 -16.05
N ASP C 118 66.81 15.17 -16.87
CA ASP C 118 66.77 15.41 -18.31
C ASP C 118 65.44 14.96 -18.90
N ALA C 119 64.98 13.78 -18.51
CA ALA C 119 63.73 13.22 -19.03
C ALA C 119 62.51 13.85 -18.37
N LYS C 120 62.67 14.25 -17.10
CA LYS C 120 61.64 15.00 -16.40
C LYS C 120 61.45 16.36 -17.09
N LEU C 121 62.54 17.04 -17.47
CA LEU C 121 62.46 18.31 -18.20
C LEU C 121 61.88 18.14 -19.61
N ALA C 122 62.31 17.10 -20.33
CA ALA C 122 61.86 16.84 -21.69
C ALA C 122 60.37 16.58 -21.75
N LEU C 123 59.85 15.92 -20.72
CA LEU C 123 58.44 15.57 -20.66
C LEU C 123 57.58 16.83 -20.43
N ILE C 124 58.06 17.71 -19.55
CA ILE C 124 57.44 19.02 -19.32
C ILE C 124 57.42 19.88 -20.60
N GLN C 125 58.53 19.94 -21.32
CA GLN C 125 58.57 20.66 -22.60
C GLN C 125 57.59 20.09 -23.62
N GLU C 126 57.41 18.78 -23.60
CA GLU C 126 56.55 18.11 -24.57
C GLU C 126 55.06 18.27 -24.26
N LYS C 127 54.69 18.13 -23.00
CA LYS C 127 53.31 18.26 -22.59
C LYS C 127 52.85 19.71 -22.62
N THR C 128 53.69 20.63 -22.14
CA THR C 128 53.43 22.07 -22.28
C THR C 128 53.04 22.43 -23.73
N LYS C 129 53.92 22.10 -24.69
CA LYS C 129 53.79 22.53 -26.06
C LYS C 129 52.58 21.91 -26.74
N ASN C 130 52.31 20.65 -26.42
CA ASN C 130 51.42 19.84 -27.24
C ASN C 130 50.09 19.55 -26.58
N ARG C 131 49.99 19.77 -25.27
CA ARG C 131 48.75 19.51 -24.55
C ARG C 131 48.19 20.71 -23.75
N TYR C 132 49.01 21.26 -22.86
CA TYR C 132 48.48 22.22 -21.91
C TYR C 132 48.31 23.63 -22.45
N PHE C 133 49.32 24.09 -23.18
CA PHE C 133 49.30 25.44 -23.75
C PHE C 133 48.29 25.53 -24.91
N PRO C 134 48.25 24.50 -25.81
CA PRO C 134 47.12 24.37 -26.74
C PRO C 134 45.73 24.45 -26.10
N ALA C 135 45.51 23.69 -25.02
CA ALA C 135 44.23 23.67 -24.30
C ALA C 135 43.78 25.04 -23.84
N PHE C 136 44.68 25.76 -23.19
CA PHE C 136 44.39 27.11 -22.73
C PHE C 136 44.36 28.19 -23.79
N GLU C 137 45.24 28.09 -24.80
CA GLU C 137 45.07 28.97 -26.00
C GLU C 137 43.67 28.82 -26.65
N LYS C 138 43.18 27.57 -26.76
CA LYS C 138 41.86 27.21 -27.34
C LYS C 138 40.69 27.83 -26.54
N VAL C 139 40.77 27.77 -25.21
CA VAL C 139 39.75 28.43 -24.36
C VAL C 139 39.66 29.93 -24.71
N LEU C 140 40.83 30.59 -24.72
CA LEU C 140 40.95 32.01 -25.04
C LEU C 140 40.48 32.40 -26.45
N LYS C 141 40.81 31.60 -27.46
CA LYS C 141 40.33 31.80 -28.84
C LYS C 141 38.82 31.65 -29.00
N SER C 142 38.27 30.59 -28.39
CA SER C 142 36.86 30.20 -28.56
C SER C 142 35.88 31.23 -27.98
N HIS C 143 36.28 31.88 -26.87
CA HIS C 143 35.41 32.92 -26.30
C HIS C 143 35.89 34.36 -26.60
N GLY C 144 37.12 34.48 -27.09
CA GLY C 144 37.70 35.81 -27.39
C GLY C 144 37.62 36.85 -26.30
N GLN C 145 37.47 36.40 -25.04
CA GLN C 145 37.49 37.25 -23.83
C GLN C 145 38.90 37.29 -23.17
N ASP C 146 39.09 38.22 -22.24
CA ASP C 146 40.37 38.51 -21.59
C ASP C 146 40.72 37.61 -20.40
N TYR C 147 39.72 36.89 -19.91
CA TYR C 147 39.82 35.97 -18.77
C TYR C 147 39.33 34.61 -19.18
N LEU C 148 39.76 33.56 -18.48
CA LEU C 148 39.42 32.18 -18.84
C LEU C 148 37.96 31.82 -18.68
N VAL C 149 37.33 32.30 -17.60
CA VAL C 149 35.98 31.87 -17.27
C VAL C 149 35.18 33.08 -16.88
N GLY C 150 33.97 33.16 -17.43
CA GLY C 150 32.95 34.14 -17.06
C GLY C 150 33.32 35.59 -17.27
N ASN C 151 34.28 35.87 -18.14
CA ASN C 151 34.78 37.23 -18.41
C ASN C 151 35.04 38.07 -17.12
N LYS C 152 35.43 37.38 -16.04
CA LYS C 152 35.75 37.99 -14.75
C LYS C 152 37.01 37.31 -14.24
N LEU C 153 37.75 37.97 -13.36
CA LEU C 153 38.94 37.34 -12.77
C LEU C 153 38.52 36.15 -11.91
N SER C 154 39.22 35.03 -12.10
CA SER C 154 38.99 33.85 -11.25
C SER C 154 40.33 33.24 -10.86
N ARG C 155 40.30 32.28 -9.92
CA ARG C 155 41.50 31.55 -9.48
C ARG C 155 42.26 30.93 -10.67
N ALA C 156 41.54 30.57 -11.72
CA ALA C 156 42.12 29.89 -12.89
C ALA C 156 43.15 30.75 -13.64
N ASP C 157 42.86 32.06 -13.72
CA ASP C 157 43.78 33.01 -14.35
C ASP C 157 45.10 33.13 -13.55
N ILE C 158 44.96 33.15 -12.23
CA ILE C 158 46.07 33.21 -11.27
C ILE C 158 47.00 31.97 -11.39
N HIS C 159 46.42 30.77 -11.34
CA HIS C 159 47.19 29.54 -11.30
C HIS C 159 47.91 29.33 -12.61
N LEU C 160 47.21 29.66 -13.71
CA LEU C 160 47.78 29.59 -15.06
C LEU C 160 48.93 30.59 -15.22
N VAL C 161 48.72 31.83 -14.83
CA VAL C 161 49.78 32.84 -14.99
C VAL C 161 50.97 32.55 -14.10
N GLU C 162 50.67 32.14 -12.86
CA GLU C 162 51.73 31.67 -11.94
C GLU C 162 52.60 30.62 -12.65
N LEU C 163 51.93 29.65 -13.28
CA LEU C 163 52.56 28.61 -14.05
C LEU C 163 53.33 29.11 -15.29
N LEU C 164 52.82 30.15 -15.97
CA LEU C 164 53.56 30.79 -17.10
C LEU C 164 54.93 31.35 -16.70
N TYR C 165 55.03 31.90 -15.51
CA TYR C 165 56.31 32.33 -14.92
C TYR C 165 57.32 31.17 -14.75
N TYR C 166 56.80 30.01 -14.30
CA TYR C 166 57.65 28.84 -14.05
C TYR C 166 58.13 28.19 -15.35
N VAL C 167 57.22 28.03 -16.31
CA VAL C 167 57.56 27.61 -17.68
C VAL C 167 58.60 28.56 -18.30
N GLU C 168 58.46 29.86 -18.05
CA GLU C 168 59.45 30.85 -18.50
C GLU C 168 60.83 30.62 -17.86
N GLU C 169 60.84 30.28 -16.58
CA GLU C 169 62.04 29.84 -15.84
C GLU C 169 62.73 28.67 -16.56
N LEU C 170 61.95 27.66 -16.94
CA LEU C 170 62.50 26.40 -17.51
C LEU C 170 62.84 26.45 -19.00
N ASP C 171 62.03 27.16 -19.79
CA ASP C 171 62.21 27.24 -21.24
C ASP C 171 61.38 28.41 -21.78
N SER C 172 62.05 29.53 -22.03
CA SER C 172 61.43 30.76 -22.50
C SER C 172 60.76 30.66 -23.89
N SER C 173 61.05 29.57 -24.61
CA SER C 173 60.52 29.39 -25.96
C SER C 173 59.15 28.74 -26.01
N LEU C 174 58.74 28.09 -24.91
CA LEU C 174 57.50 27.29 -24.90
C LEU C 174 56.23 28.10 -25.13
N ILE C 175 56.20 29.34 -24.65
CA ILE C 175 55.06 30.21 -24.87
C ILE C 175 55.06 30.86 -26.27
N SER C 176 56.20 30.83 -26.96
CA SER C 176 56.39 31.61 -28.20
C SER C 176 55.25 31.51 -29.22
N SER C 177 54.76 30.30 -29.50
CA SER C 177 53.66 30.19 -30.47
C SER C 177 52.23 30.43 -29.91
N PHE C 178 52.13 31.04 -28.72
CA PHE C 178 50.83 31.20 -28.01
C PHE C 178 50.47 32.66 -27.65
N PRO C 179 49.99 33.45 -28.63
CA PRO C 179 49.88 34.89 -28.41
C PRO C 179 48.79 35.29 -27.43
N LEU C 180 47.77 34.46 -27.28
CA LEU C 180 46.70 34.74 -26.34
C LEU C 180 47.19 34.47 -24.93
N LEU C 181 47.95 33.40 -24.75
CA LEU C 181 48.54 33.12 -23.43
C LEU C 181 49.59 34.17 -23.04
N LYS C 182 50.34 34.64 -24.03
CA LYS C 182 51.32 35.73 -23.82
C LYS C 182 50.67 37.05 -23.38
N ALA C 183 49.54 37.36 -23.98
CA ALA C 183 48.86 38.62 -23.68
C ALA C 183 48.20 38.55 -22.31
N LEU C 184 47.59 37.40 -22.00
CA LEU C 184 47.02 37.13 -20.67
C LEU C 184 48.02 37.33 -19.52
N LYS C 185 49.23 36.81 -19.67
CA LYS C 185 50.30 36.94 -18.67
C LYS C 185 50.53 38.42 -18.37
N THR C 186 50.56 39.26 -19.42
CA THR C 186 50.72 40.72 -19.31
C THR C 186 49.52 41.41 -18.62
N ARG C 187 48.29 41.08 -19.02
CA ARG C 187 47.10 41.65 -18.32
C ARG C 187 47.06 41.31 -16.84
N ILE C 188 47.28 40.04 -16.52
CA ILE C 188 47.18 39.56 -15.14
C ILE C 188 48.31 40.15 -14.30
N SER C 189 49.53 40.15 -14.85
CA SER C 189 50.69 40.71 -14.14
C SER C 189 50.53 42.20 -13.89
N ASN C 190 49.66 42.88 -14.65
CA ASN C 190 49.50 44.33 -14.47
C ASN C 190 48.39 44.70 -13.52
N LEU C 191 47.53 43.73 -13.19
CA LEU C 191 46.53 43.90 -12.16
C LEU C 191 47.21 44.31 -10.85
N PRO C 192 46.71 45.37 -10.20
CA PRO C 192 47.35 45.98 -9.03
C PRO C 192 47.83 45.02 -7.92
N THR C 193 46.98 44.06 -7.52
CA THR C 193 47.41 43.07 -6.52
C THR C 193 48.53 42.15 -7.02
N VAL C 194 48.48 41.71 -8.29
CA VAL C 194 49.51 40.80 -8.82
C VAL C 194 50.84 41.54 -9.06
N LYS C 195 50.79 42.66 -9.77
CA LYS C 195 51.94 43.57 -9.95
C LYS C 195 52.73 43.82 -8.64
N LYS C 196 52.02 44.10 -7.55
CA LYS C 196 52.62 44.25 -6.22
C LYS C 196 53.34 42.99 -5.72
N PHE C 197 52.66 41.84 -5.82
CA PHE C 197 53.21 40.53 -5.47
C PHE C 197 54.45 40.24 -6.29
N LEU C 198 54.53 40.84 -7.48
CA LEU C 198 55.67 40.67 -8.36
C LEU C 198 56.83 41.59 -8.05
N GLN C 199 56.60 42.54 -7.12
CA GLN C 199 57.62 43.52 -6.64
C GLN C 199 58.73 42.85 -5.83
N PRO C 200 59.93 43.46 -5.80
CA PRO C 200 60.97 43.06 -4.85
C PRO C 200 60.49 43.11 -3.39
N GLY C 201 60.94 42.19 -2.55
CA GLY C 201 60.56 42.12 -1.13
C GLY C 201 59.17 41.60 -0.79
N SER C 202 58.42 41.11 -1.78
CA SER C 202 57.11 40.50 -1.53
C SER C 202 57.28 39.09 -1.00
N PRO C 203 56.21 38.51 -0.46
CA PRO C 203 56.26 37.11 0.00
C PRO C 203 56.46 36.04 -1.12
N ARG C 204 56.70 36.46 -2.37
CA ARG C 204 56.96 35.51 -3.46
C ARG C 204 58.32 34.86 -3.23
N LYS C 205 58.35 33.53 -3.41
CA LYS C 205 59.50 32.67 -3.13
C LYS C 205 60.26 32.35 -4.42
N PRO C 206 61.61 32.21 -4.33
CA PRO C 206 62.48 31.91 -5.48
C PRO C 206 62.50 30.44 -5.95
N PRO C 207 63.17 30.15 -7.08
CA PRO C 207 63.37 28.76 -7.43
C PRO C 207 64.28 28.06 -6.41
N MET C 208 64.25 26.72 -6.39
CA MET C 208 65.16 25.93 -5.53
C MET C 208 66.61 26.12 -5.97
N ASP C 209 67.51 26.16 -4.98
CA ASP C 209 68.94 26.06 -5.25
C ASP C 209 69.49 24.86 -4.48
N GLU C 210 70.80 24.61 -4.63
CA GLU C 210 71.53 23.60 -3.85
C GLU C 210 71.14 23.73 -2.37
N LYS C 211 71.19 24.95 -1.85
CA LYS C 211 71.03 25.18 -0.41
C LYS C 211 69.60 24.86 0.09
N SER C 212 68.65 25.26 -0.74
CA SER C 212 67.22 25.10 -0.55
C SER C 212 66.84 23.63 -0.40
N LEU C 213 67.37 22.82 -1.31
CA LEU C 213 67.11 21.41 -1.36
C LEU C 213 67.70 20.71 -0.12
N GLU C 214 68.93 21.07 0.25
CA GLU C 214 69.53 20.52 1.46
C GLU C 214 68.67 20.82 2.69
N GLU C 215 68.21 22.07 2.80
CA GLU C 215 67.25 22.45 3.85
C GLU C 215 65.99 21.59 3.88
N SER C 216 65.44 21.30 2.68
CA SER C 216 64.24 20.50 2.51
C SER C 216 64.43 19.04 2.94
N ARG C 217 65.58 18.47 2.55
CA ARG C 217 66.01 17.13 2.99
C ARG C 217 66.00 17.01 4.51
N LYS C 218 66.55 18.02 5.21
CA LYS C 218 66.56 17.95 6.67
C LYS C 218 65.20 18.13 7.35
N ILE C 219 64.40 19.08 6.87
CA ILE C 219 63.09 19.38 7.49
C ILE C 219 62.05 18.30 7.17
N PHE C 220 61.95 17.95 5.89
CA PHE C 220 60.94 16.99 5.44
C PHE C 220 61.34 15.51 5.58
N ARG C 221 62.65 15.22 5.51
CA ARG C 221 63.21 13.85 5.74
C ARG C 221 62.66 12.84 4.76
N PHE C 222 62.98 13.05 3.49
CA PHE C 222 62.27 12.38 2.39
C PHE C 222 63.17 11.44 1.59
N ALA D 2 16.27 16.80 -20.80
CA ALA D 2 16.85 16.13 -19.59
C ALA D 2 17.31 14.74 -19.97
N GLU D 3 18.58 14.47 -19.73
CA GLU D 3 19.21 13.19 -20.04
C GLU D 3 20.07 12.74 -18.85
N LYS D 4 20.12 11.43 -18.59
CA LYS D 4 20.96 10.83 -17.55
C LYS D 4 22.42 11.16 -17.74
N PRO D 5 23.18 11.30 -16.64
CA PRO D 5 24.60 11.38 -16.88
C PRO D 5 25.08 10.13 -17.60
N LYS D 6 26.00 10.30 -18.54
CA LYS D 6 26.64 9.21 -19.25
C LYS D 6 28.13 9.27 -18.91
N LEU D 7 28.64 8.14 -18.41
CA LEU D 7 30.04 8.00 -18.04
C LEU D 7 30.79 7.28 -19.16
N HIS D 8 31.84 7.95 -19.65
CA HIS D 8 32.74 7.40 -20.64
C HIS D 8 34.00 6.89 -19.97
N TYR D 9 34.04 5.57 -19.82
CA TYR D 9 35.22 4.90 -19.32
C TYR D 9 35.25 3.47 -19.83
N SER D 10 36.34 2.78 -19.53
CA SER D 10 36.39 1.32 -19.75
C SER D 10 35.65 0.60 -18.62
N ASN D 11 35.51 -0.70 -18.77
CA ASN D 11 34.83 -1.55 -17.83
C ASN D 11 35.79 -1.99 -16.69
N ILE D 12 36.34 -1.01 -15.98
CA ILE D 12 37.17 -1.22 -14.78
C ILE D 12 36.78 -0.17 -13.75
N ARG D 13 37.25 -0.35 -12.52
CA ARG D 13 37.15 0.71 -11.52
C ARG D 13 37.89 1.99 -11.97
N GLY D 14 39.21 1.89 -12.11
CA GLY D 14 40.04 3.04 -12.46
C GLY D 14 39.67 4.33 -11.73
N ARG D 15 39.77 5.44 -12.45
CA ARG D 15 39.34 6.73 -11.90
C ARG D 15 37.83 6.99 -11.92
N MET D 16 37.07 6.14 -12.60
CA MET D 16 35.63 6.35 -12.66
C MET D 16 34.87 5.85 -11.43
N GLU D 17 35.45 4.87 -10.74
CA GLU D 17 34.76 4.18 -9.67
C GLU D 17 34.18 5.10 -8.59
N SER D 18 34.95 6.09 -8.13
CA SER D 18 34.47 6.95 -7.05
C SER D 18 33.32 7.90 -7.48
N ILE D 19 33.31 8.27 -8.76
CA ILE D 19 32.16 8.91 -9.43
C ILE D 19 30.94 7.98 -9.46
N ARG D 20 31.10 6.73 -9.91
CA ARG D 20 30.01 5.73 -9.79
C ARG D 20 29.41 5.65 -8.37
N TRP D 21 30.28 5.64 -7.34
CA TRP D 21 29.86 5.60 -5.95
C TRP D 21 29.09 6.84 -5.54
N LEU D 22 29.64 8.02 -5.87
CA LEU D 22 28.97 9.29 -5.50
C LEU D 22 27.61 9.45 -6.21
N LEU D 23 27.53 9.12 -7.48
CA LEU D 23 26.26 9.22 -8.19
C LEU D 23 25.18 8.29 -7.59
N ALA D 24 25.53 7.01 -7.41
CA ALA D 24 24.66 6.08 -6.71
C ALA D 24 24.20 6.61 -5.34
N ALA D 25 25.15 7.09 -4.53
CA ALA D 25 24.82 7.61 -3.22
C ALA D 25 23.80 8.77 -3.22
N ALA D 26 23.89 9.63 -4.25
CA ALA D 26 22.92 10.75 -4.46
C ALA D 26 21.58 10.33 -5.07
N GLY D 27 21.43 9.07 -5.40
CA GLY D 27 20.16 8.52 -5.88
C GLY D 27 20.00 8.69 -7.38
N VAL D 28 21.12 8.83 -8.08
CA VAL D 28 21.14 9.20 -9.49
C VAL D 28 21.45 8.01 -10.37
N GLU D 29 20.48 7.66 -11.21
CA GLU D 29 20.67 6.65 -12.21
C GLU D 29 21.39 7.20 -13.43
N PHE D 30 22.34 6.43 -13.92
CA PHE D 30 23.23 6.91 -14.95
C PHE D 30 23.45 5.81 -15.94
N GLU D 31 24.08 6.21 -17.05
CA GLU D 31 24.40 5.36 -18.19
C GLU D 31 25.89 5.22 -18.30
N GLU D 32 26.36 4.05 -18.70
CA GLU D 32 27.78 3.90 -19.02
C GLU D 32 27.99 3.53 -20.49
N LYS D 33 28.84 4.29 -21.19
CA LYS D 33 29.28 3.95 -22.55
C LYS D 33 30.70 3.41 -22.51
N PHE D 34 30.81 2.10 -22.65
CA PHE D 34 32.05 1.41 -22.36
C PHE D 34 33.04 1.49 -23.49
N ILE D 35 34.18 2.09 -23.16
CA ILE D 35 35.32 2.09 -24.07
C ILE D 35 35.87 0.65 -24.11
N LYS D 36 36.09 0.12 -25.31
CA LYS D 36 36.53 -1.27 -25.48
C LYS D 36 37.87 -1.40 -26.20
N SER D 37 38.32 -0.31 -26.83
CA SER D 37 39.57 -0.31 -27.56
C SER D 37 40.17 1.08 -27.50
N ALA D 38 41.45 1.16 -27.79
CA ALA D 38 42.17 2.42 -27.89
C ALA D 38 41.51 3.30 -28.96
N GLU D 39 40.86 2.66 -29.92
CA GLU D 39 40.20 3.32 -31.03
C GLU D 39 38.97 4.08 -30.57
N ASP D 40 38.22 3.46 -29.65
CA ASP D 40 37.08 4.09 -28.99
C ASP D 40 37.52 5.38 -28.30
N LEU D 41 38.63 5.29 -27.56
CA LEU D 41 39.18 6.45 -26.86
C LEU D 41 39.67 7.52 -27.82
N ASP D 42 40.41 7.11 -28.84
CA ASP D 42 40.85 7.98 -29.94
C ASP D 42 39.72 8.81 -30.57
N LYS D 43 38.55 8.19 -30.74
CA LYS D 43 37.44 8.89 -31.36
C LYS D 43 36.93 10.07 -30.49
N LEU D 44 36.79 9.82 -29.18
CA LEU D 44 36.45 10.90 -28.25
C LEU D 44 37.49 12.03 -28.26
N ARG D 45 38.76 11.67 -28.41
CA ARG D 45 39.85 12.62 -28.50
C ARG D 45 39.77 13.41 -29.79
N ASN D 46 39.54 12.70 -30.89
CA ASN D 46 39.44 13.31 -32.22
C ASN D 46 38.21 14.19 -32.37
N ASP D 47 37.11 13.84 -31.72
CA ASP D 47 35.92 14.69 -31.78
C ASP D 47 36.00 16.00 -30.96
N GLY D 48 37.06 16.15 -30.19
CA GLY D 48 37.24 17.34 -29.35
C GLY D 48 36.46 17.27 -28.05
N TYR D 49 36.24 16.06 -27.54
CA TYR D 49 35.39 15.90 -26.34
C TYR D 49 36.17 15.76 -25.03
N LEU D 50 37.50 15.67 -25.12
CA LEU D 50 38.35 15.49 -23.93
C LEU D 50 39.38 16.58 -23.78
N MET D 51 39.09 17.55 -22.92
CA MET D 51 39.92 18.75 -22.82
C MET D 51 41.43 18.54 -22.73
N PHE D 52 41.82 17.48 -22.02
CA PHE D 52 43.22 17.12 -21.84
C PHE D 52 43.50 15.73 -22.40
N GLN D 53 42.61 15.24 -23.26
CA GLN D 53 42.84 14.02 -24.03
C GLN D 53 42.67 12.76 -23.19
N GLN D 54 41.97 12.88 -22.06
CA GLN D 54 41.86 11.77 -21.13
C GLN D 54 40.45 11.62 -20.60
N VAL D 55 40.10 10.36 -20.31
CA VAL D 55 38.91 10.03 -19.56
C VAL D 55 39.43 9.83 -18.12
N PRO D 56 38.55 9.92 -17.09
CA PRO D 56 37.07 10.03 -17.06
C PRO D 56 36.48 11.21 -17.84
N MET D 57 35.35 10.95 -18.50
CA MET D 57 34.50 11.99 -19.05
C MET D 57 33.06 11.67 -18.73
N VAL D 58 32.37 12.66 -18.15
CA VAL D 58 30.95 12.55 -17.83
C VAL D 58 30.17 13.69 -18.52
N GLU D 59 29.19 13.29 -19.33
CA GLU D 59 28.18 14.15 -19.87
C GLU D 59 27.07 14.29 -18.84
N ILE D 60 26.90 15.50 -18.30
CA ILE D 60 25.94 15.78 -17.24
C ILE D 60 25.45 17.21 -17.41
N ASP D 61 24.12 17.38 -17.34
CA ASP D 61 23.46 18.69 -17.47
C ASP D 61 24.00 19.52 -18.62
N GLY D 62 24.09 18.92 -19.79
CA GLY D 62 24.52 19.61 -21.01
C GLY D 62 25.94 20.13 -20.95
N MET D 63 26.76 19.52 -20.10
CA MET D 63 28.23 19.71 -20.10
C MET D 63 28.94 18.38 -20.34
N LYS D 64 30.11 18.44 -20.99
CA LYS D 64 31.01 17.29 -21.05
C LYS D 64 32.12 17.66 -20.06
N LEU D 65 32.25 16.90 -18.98
CA LEU D 65 33.25 17.24 -17.97
C LEU D 65 34.38 16.23 -17.91
N VAL D 66 35.62 16.73 -17.90
CA VAL D 66 36.78 15.89 -17.61
C VAL D 66 37.42 16.28 -16.26
N GLN D 67 38.45 15.50 -15.85
CA GLN D 67 39.11 15.63 -14.54
C GLN D 67 38.18 15.19 -13.38
N THR D 68 38.52 14.04 -12.75
CA THR D 68 37.76 13.42 -11.64
C THR D 68 37.26 14.36 -10.57
N ARG D 69 38.14 15.24 -10.07
CA ARG D 69 37.80 16.22 -9.04
C ARG D 69 36.75 17.24 -9.48
N ALA D 70 36.83 17.69 -10.73
CA ALA D 70 35.85 18.62 -11.30
C ALA D 70 34.46 17.99 -11.31
N ILE D 71 34.41 16.72 -11.72
CA ILE D 71 33.18 15.94 -11.86
C ILE D 71 32.56 15.68 -10.50
N LEU D 72 33.38 15.20 -9.55
CA LEU D 72 32.96 14.91 -8.16
C LEU D 72 32.45 16.13 -7.43
N ASN D 73 33.17 17.24 -7.59
CA ASN D 73 32.76 18.50 -6.97
C ASN D 73 31.40 18.96 -7.46
N TYR D 74 31.16 18.82 -8.77
CA TYR D 74 29.87 19.21 -9.37
C TYR D 74 28.73 18.37 -8.85
N ILE D 75 28.91 17.06 -8.95
CA ILE D 75 27.90 16.14 -8.41
C ILE D 75 27.64 16.41 -6.93
N ALA D 76 28.70 16.65 -6.15
CA ALA D 76 28.52 16.81 -4.71
C ALA D 76 27.77 18.09 -4.38
N SER D 77 28.14 19.18 -5.07
CA SER D 77 27.43 20.45 -4.92
C SER D 77 25.96 20.32 -5.36
N LYS D 78 25.75 19.81 -6.57
CA LYS D 78 24.36 19.64 -7.07
C LYS D 78 23.47 18.87 -6.11
N TYR D 79 24.05 17.96 -5.32
CA TYR D 79 23.24 17.02 -4.53
C TYR D 79 23.28 17.24 -3.02
N ASN D 80 23.78 18.42 -2.64
CA ASN D 80 23.92 18.83 -1.23
C ASN D 80 24.71 17.85 -0.36
N LEU D 81 25.74 17.26 -0.97
CA LEU D 81 26.70 16.37 -0.33
C LEU D 81 28.05 17.08 -0.11
N TYR D 82 28.04 18.40 -0.18
CA TYR D 82 29.27 19.19 -0.08
C TYR D 82 29.33 20.19 1.10
N GLY D 83 28.49 20.00 2.12
CA GLY D 83 28.43 20.93 3.26
C GLY D 83 27.32 21.96 3.11
N LYS D 84 27.00 22.66 4.19
CA LYS D 84 25.97 23.70 4.10
C LYS D 84 26.52 25.10 3.83
N ASP D 85 27.82 25.28 4.06
CA ASP D 85 28.52 26.56 3.90
C ASP D 85 29.98 26.32 3.56
N ILE D 86 30.73 27.40 3.30
CA ILE D 86 32.13 27.27 2.87
C ILE D 86 33.10 26.72 3.93
N LYS D 87 32.74 26.84 5.20
CA LYS D 87 33.51 26.30 6.31
C LYS D 87 33.33 24.79 6.43
N GLU D 88 32.10 24.31 6.22
CA GLU D 88 31.83 22.88 6.22
C GLU D 88 32.46 22.25 5.00
N LYS D 89 32.39 22.95 3.88
CA LYS D 89 33.08 22.59 2.65
C LYS D 89 34.60 22.43 2.83
N ALA D 90 35.20 23.32 3.62
CA ALA D 90 36.64 23.29 3.91
C ALA D 90 37.07 22.04 4.68
N LEU D 91 36.30 21.65 5.68
CA LEU D 91 36.53 20.40 6.44
C LEU D 91 36.31 19.19 5.57
N ILE D 92 35.26 19.25 4.74
CA ILE D 92 35.03 18.23 3.73
C ILE D 92 36.21 18.09 2.78
N ASP D 93 36.67 19.21 2.20
CA ASP D 93 37.80 19.15 1.26
C ASP D 93 39.06 18.61 1.94
N MET D 94 39.32 19.07 3.15
CA MET D 94 40.48 18.59 3.92
C MET D 94 40.42 17.07 4.08
N TYR D 95 39.26 16.57 4.46
CA TYR D 95 39.12 15.13 4.82
C TYR D 95 39.23 14.29 3.56
N ILE D 96 38.51 14.72 2.51
CA ILE D 96 38.50 13.92 1.25
C ILE D 96 39.86 13.87 0.55
N GLU D 97 40.63 14.94 0.67
CA GLU D 97 41.99 15.01 0.14
C GLU D 97 42.92 14.06 0.92
N GLY D 98 42.74 13.97 2.23
CA GLY D 98 43.34 12.87 2.99
C GLY D 98 42.93 11.48 2.47
N ILE D 99 41.63 11.26 2.24
CA ILE D 99 41.12 9.97 1.71
C ILE D 99 41.68 9.65 0.33
N ALA D 100 41.84 10.66 -0.51
CA ALA D 100 42.40 10.51 -1.86
C ALA D 100 43.89 10.20 -1.86
N ASP D 101 44.57 10.61 -0.79
CA ASP D 101 45.99 10.34 -0.61
C ASP D 101 46.14 8.83 -0.52
N LEU D 102 45.36 8.23 0.36
CA LEU D 102 45.32 6.77 0.47
C LEU D 102 44.68 6.08 -0.74
N GLY D 103 43.62 6.70 -1.29
CA GLY D 103 42.89 6.18 -2.45
C GLY D 103 43.77 6.00 -3.69
N GLU D 104 44.65 6.97 -3.94
CA GLU D 104 45.52 6.96 -5.11
C GLU D 104 46.57 5.85 -5.06
N MET D 105 47.13 5.60 -3.88
CA MET D 105 48.07 4.48 -3.66
C MET D 105 47.41 3.17 -4.04
N ILE D 106 46.22 2.98 -3.49
CA ILE D 106 45.37 1.83 -3.77
C ILE D 106 44.94 1.70 -5.21
N LEU D 107 44.62 2.84 -5.83
CA LEU D 107 44.19 2.87 -7.22
C LEU D 107 45.34 2.42 -8.16
N LEU D 108 46.55 2.87 -7.82
CA LEU D 108 47.74 2.60 -8.62
C LEU D 108 48.23 1.17 -8.46
N LEU D 109 48.01 0.58 -7.30
CA LEU D 109 48.49 -0.77 -6.96
C LEU D 109 48.45 -1.85 -8.07
N PRO D 110 47.27 -2.11 -8.69
CA PRO D 110 47.27 -3.19 -9.69
C PRO D 110 48.17 -2.88 -10.90
N PHE D 111 48.47 -1.61 -11.11
CA PHE D 111 49.16 -1.16 -12.30
C PHE D 111 50.67 -1.02 -12.06
N THR D 112 51.15 -1.42 -10.88
CA THR D 112 52.56 -1.27 -10.52
C THR D 112 53.36 -2.50 -11.02
N GLN D 113 54.67 -2.35 -11.21
CA GLN D 113 55.49 -3.47 -11.69
C GLN D 113 55.49 -4.62 -10.67
N PRO D 114 55.39 -5.88 -11.14
CA PRO D 114 55.23 -7.04 -10.24
C PRO D 114 56.31 -7.12 -9.17
N GLU D 115 57.49 -6.59 -9.48
CA GLU D 115 58.61 -6.58 -8.55
C GLU D 115 58.49 -5.53 -7.43
N GLU D 116 57.59 -4.55 -7.63
CA GLU D 116 57.35 -3.47 -6.64
C GLU D 116 56.09 -3.70 -5.79
N GLN D 117 55.28 -4.68 -6.17
CA GLN D 117 53.94 -4.82 -5.60
C GLN D 117 53.88 -5.14 -4.11
N ASP D 118 54.86 -5.91 -3.62
CA ASP D 118 54.95 -6.28 -2.21
C ASP D 118 55.21 -5.07 -1.30
N ALA D 119 56.17 -4.23 -1.72
CA ALA D 119 56.50 -2.99 -1.02
C ALA D 119 55.41 -1.93 -1.14
N LYS D 120 54.75 -1.85 -2.30
CA LYS D 120 53.65 -0.91 -2.49
C LYS D 120 52.54 -1.15 -1.46
N LEU D 121 52.17 -2.42 -1.24
CA LEU D 121 51.20 -2.80 -0.18
C LEU D 121 51.68 -2.51 1.24
N ALA D 122 52.95 -2.80 1.51
CA ALA D 122 53.59 -2.42 2.78
C ALA D 122 53.35 -0.94 3.12
N LEU D 123 53.63 -0.05 2.16
CA LEU D 123 53.35 1.41 2.34
C LEU D 123 51.88 1.71 2.65
N ILE D 124 50.97 1.11 1.90
CA ILE D 124 49.53 1.25 2.17
C ILE D 124 49.20 0.75 3.58
N GLN D 125 49.75 -0.39 3.97
CA GLN D 125 49.51 -0.90 5.34
C GLN D 125 49.97 0.03 6.44
N GLU D 126 51.23 0.48 6.33
CA GLU D 126 51.78 1.43 7.32
C GLU D 126 51.06 2.77 7.36
N LYS D 127 50.79 3.38 6.19
CA LYS D 127 50.08 4.66 6.18
C LYS D 127 48.66 4.57 6.70
N THR D 128 47.94 3.51 6.32
CA THR D 128 46.60 3.26 6.83
C THR D 128 46.61 3.18 8.38
N LYS D 129 47.34 2.21 8.95
CA LYS D 129 47.35 1.99 10.40
C LYS D 129 48.00 3.10 11.21
N ASN D 130 49.12 3.64 10.72
CA ASN D 130 49.99 4.56 11.50
C ASN D 130 49.68 6.03 11.30
N ARG D 131 49.01 6.34 10.19
CA ARG D 131 48.64 7.73 9.88
C ARG D 131 47.14 8.02 9.60
N TYR D 132 46.59 7.46 8.54
CA TYR D 132 45.29 7.91 8.06
C TYR D 132 44.07 7.48 8.87
N PHE D 133 44.01 6.21 9.25
CA PHE D 133 42.88 5.70 10.03
C PHE D 133 42.80 6.41 11.40
N PRO D 134 43.97 6.58 12.10
CA PRO D 134 44.04 7.43 13.29
C PRO D 134 43.40 8.81 13.13
N ALA D 135 43.68 9.48 12.00
CA ALA D 135 43.13 10.79 11.69
C ALA D 135 41.59 10.83 11.63
N PHE D 136 40.98 9.84 11.00
CA PHE D 136 39.51 9.85 10.81
C PHE D 136 38.78 9.37 12.07
N GLU D 137 39.27 8.27 12.67
CA GLU D 137 38.86 7.83 14.01
C GLU D 137 38.80 8.98 15.02
N LYS D 138 39.86 9.79 15.09
CA LYS D 138 39.90 11.00 15.94
C LYS D 138 38.76 12.02 15.73
N VAL D 139 38.47 12.30 14.46
CA VAL D 139 37.36 13.15 14.08
C VAL D 139 36.03 12.60 14.58
N LEU D 140 35.81 11.31 14.33
CA LEU D 140 34.59 10.65 14.78
C LEU D 140 34.48 10.65 16.31
N LYS D 141 35.59 10.36 16.98
CA LYS D 141 35.64 10.32 18.44
C LYS D 141 35.36 11.68 19.08
N SER D 142 35.99 12.72 18.54
CA SER D 142 35.84 14.08 19.04
C SER D 142 34.43 14.65 18.97
N HIS D 143 33.70 14.44 17.87
CA HIS D 143 32.34 15.02 17.81
C HIS D 143 31.22 14.07 18.25
N GLY D 144 31.47 12.77 18.20
CA GLY D 144 30.50 11.78 18.63
C GLY D 144 29.30 11.62 17.72
N GLN D 145 29.34 12.27 16.55
CA GLN D 145 28.20 12.26 15.62
C GLN D 145 28.31 11.12 14.60
N ASP D 146 27.20 10.83 13.93
CA ASP D 146 27.11 9.67 13.02
C ASP D 146 27.78 9.87 11.64
N TYR D 147 28.18 11.11 11.37
CA TYR D 147 28.66 11.57 10.08
C TYR D 147 29.96 12.33 10.28
N LEU D 148 30.81 12.34 9.26
CA LEU D 148 32.12 13.02 9.40
C LEU D 148 32.01 14.55 9.64
N VAL D 149 31.10 15.20 8.94
CA VAL D 149 30.99 16.66 8.90
C VAL D 149 29.53 17.15 8.93
N GLY D 150 29.29 18.19 9.71
CA GLY D 150 28.00 18.86 9.74
C GLY D 150 26.83 18.08 10.31
N ASN D 151 27.12 16.93 10.90
CA ASN D 151 26.09 16.04 11.46
C ASN D 151 25.09 15.59 10.37
N LYS D 152 25.59 15.51 9.15
CA LYS D 152 24.73 15.22 8.01
C LYS D 152 25.59 14.52 6.97
N LEU D 153 24.96 13.60 6.23
CA LEU D 153 25.66 12.81 5.23
C LEU D 153 26.34 13.69 4.20
N SER D 154 27.61 13.40 3.90
CA SER D 154 28.30 14.13 2.83
C SER D 154 29.14 13.20 1.99
N ARG D 155 29.74 13.75 0.93
CA ARG D 155 30.64 12.98 0.05
C ARG D 155 31.81 12.36 0.81
N ALA D 156 32.19 12.98 1.93
CA ALA D 156 33.30 12.51 2.77
C ALA D 156 33.00 11.11 3.34
N ASP D 157 31.78 10.91 3.75
CA ASP D 157 31.33 9.60 4.25
C ASP D 157 31.43 8.54 3.13
N ILE D 158 31.06 8.97 1.91
CA ILE D 158 30.94 8.07 0.78
C ILE D 158 32.34 7.67 0.28
N HIS D 159 33.21 8.64 0.14
CA HIS D 159 34.57 8.40 -0.30
C HIS D 159 35.31 7.53 0.73
N LEU D 160 35.11 7.82 2.02
CA LEU D 160 35.80 7.05 3.09
C LEU D 160 35.38 5.58 3.09
N VAL D 161 34.07 5.38 3.15
CA VAL D 161 33.47 4.06 3.19
C VAL D 161 33.81 3.24 1.94
N GLU D 162 33.80 3.85 0.76
CA GLU D 162 34.33 3.19 -0.45
C GLU D 162 35.76 2.72 -0.17
N LEU D 163 36.60 3.60 0.38
CA LEU D 163 38.00 3.25 0.67
C LEU D 163 38.14 2.08 1.67
N LEU D 164 37.29 2.07 2.69
CA LEU D 164 37.22 0.99 3.67
C LEU D 164 36.88 -0.37 3.06
N TYR D 165 36.03 -0.41 2.03
CA TYR D 165 35.70 -1.65 1.32
C TYR D 165 36.94 -2.16 0.62
N TYR D 166 37.75 -1.23 0.11
CA TYR D 166 39.00 -1.62 -0.59
C TYR D 166 40.07 -2.09 0.39
N VAL D 167 40.15 -1.45 1.55
CA VAL D 167 41.18 -1.80 2.53
C VAL D 167 40.86 -3.21 3.10
N GLU D 168 39.57 -3.53 3.19
CA GLU D 168 39.12 -4.86 3.61
C GLU D 168 39.63 -5.99 2.71
N GLU D 169 39.48 -5.85 1.41
CA GLU D 169 39.98 -6.86 0.47
C GLU D 169 41.51 -6.95 0.48
N LEU D 170 42.20 -5.82 0.70
CA LEU D 170 43.66 -5.80 0.69
C LEU D 170 44.30 -6.37 1.96
N ASP D 171 43.66 -6.09 3.10
CA ASP D 171 44.13 -6.51 4.41
C ASP D 171 43.02 -6.18 5.41
N SER D 172 42.19 -7.19 5.73
CA SER D 172 41.03 -6.99 6.64
C SER D 172 41.35 -6.59 8.08
N SER D 173 42.61 -6.81 8.49
CA SER D 173 43.05 -6.45 9.84
C SER D 173 43.23 -4.93 10.01
N LEU D 174 43.67 -4.26 8.94
CA LEU D 174 44.03 -2.83 9.02
C LEU D 174 43.02 -1.99 9.81
N ILE D 175 41.72 -2.28 9.65
CA ILE D 175 40.64 -1.53 10.36
C ILE D 175 40.35 -2.02 11.79
N SER D 176 40.93 -3.17 12.17
CA SER D 176 40.51 -3.87 13.39
C SER D 176 40.58 -3.02 14.67
N SER D 177 41.60 -2.18 14.79
CA SER D 177 41.79 -1.35 15.99
C SER D 177 41.08 0.00 15.90
N PHE D 178 40.09 0.09 15.01
CA PHE D 178 39.37 1.34 14.72
C PHE D 178 37.85 1.13 14.75
N PRO D 179 37.26 1.05 15.97
CA PRO D 179 35.82 0.78 16.20
C PRO D 179 34.81 1.74 15.53
N LEU D 180 35.15 3.03 15.51
CA LEU D 180 34.26 4.04 14.98
C LEU D 180 34.24 3.98 13.44
N LEU D 181 35.39 3.72 12.84
CA LEU D 181 35.47 3.48 11.39
C LEU D 181 34.61 2.29 10.94
N LYS D 182 34.66 1.21 11.74
CA LYS D 182 33.86 0.00 11.51
C LYS D 182 32.39 0.27 11.48
N ALA D 183 31.96 1.09 12.43
CA ALA D 183 30.56 1.43 12.65
C ALA D 183 30.04 2.40 11.60
N LEU D 184 30.90 3.33 11.15
CA LEU D 184 30.57 4.21 10.02
C LEU D 184 30.30 3.36 8.77
N LYS D 185 31.18 2.38 8.52
CA LYS D 185 31.01 1.47 7.39
C LYS D 185 29.63 0.79 7.40
N THR D 186 29.26 0.21 8.54
CA THR D 186 27.93 -0.39 8.71
C THR D 186 26.79 0.59 8.48
N ARG D 187 26.81 1.71 9.20
CA ARG D 187 25.77 2.73 9.08
C ARG D 187 25.63 3.26 7.64
N ILE D 188 26.75 3.61 7.01
CA ILE D 188 26.69 4.19 5.66
C ILE D 188 26.15 3.14 4.68
N SER D 189 26.62 1.90 4.84
CA SER D 189 26.21 0.77 4.00
C SER D 189 24.71 0.50 4.09
N ASN D 190 24.11 0.96 5.18
CA ASN D 190 22.71 0.74 5.40
C ASN D 190 21.78 1.79 4.78
N LEU D 191 22.33 2.96 4.42
CA LEU D 191 21.55 3.99 3.71
C LEU D 191 20.89 3.42 2.45
N PRO D 192 19.60 3.72 2.23
CA PRO D 192 18.91 3.17 1.04
C PRO D 192 19.72 3.23 -0.27
N THR D 193 20.20 4.41 -0.65
CA THR D 193 20.98 4.55 -1.90
C THR D 193 22.29 3.75 -1.89
N VAL D 194 23.04 3.80 -0.79
CA VAL D 194 24.29 3.06 -0.68
C VAL D 194 23.96 1.56 -0.64
N LYS D 195 22.92 1.20 0.11
CA LYS D 195 22.43 -0.20 0.12
C LYS D 195 22.15 -0.76 -1.27
N LYS D 196 21.40 -0.02 -2.08
CA LYS D 196 21.09 -0.44 -3.44
C LYS D 196 22.36 -0.68 -4.30
N PHE D 197 23.36 0.19 -4.17
CA PHE D 197 24.57 0.16 -4.98
C PHE D 197 25.51 -0.94 -4.55
N LEU D 198 25.39 -1.33 -3.29
CA LEU D 198 26.14 -2.45 -2.73
C LEU D 198 25.58 -3.81 -3.14
N GLN D 199 24.26 -3.87 -3.37
CA GLN D 199 23.57 -5.09 -3.83
C GLN D 199 24.16 -5.67 -5.12
N PRO D 200 24.07 -7.01 -5.32
CA PRO D 200 24.56 -7.60 -6.58
C PRO D 200 23.93 -6.96 -7.83
N GLY D 201 24.67 -7.05 -8.93
CA GLY D 201 24.24 -6.52 -10.23
C GLY D 201 24.28 -5.01 -10.45
N SER D 202 24.68 -4.23 -9.45
CA SER D 202 24.74 -2.75 -9.59
C SER D 202 25.90 -2.38 -10.51
N PRO D 203 26.07 -1.07 -10.83
CA PRO D 203 27.25 -0.57 -11.57
C PRO D 203 28.58 -0.63 -10.80
N ARG D 204 28.53 -1.01 -9.52
CA ARG D 204 29.72 -1.22 -8.71
C ARG D 204 30.60 -2.27 -9.39
N LYS D 205 31.87 -1.90 -9.62
CA LYS D 205 32.79 -2.67 -10.48
C LYS D 205 33.69 -3.60 -9.69
N PRO D 206 34.09 -4.74 -10.29
CA PRO D 206 34.96 -5.70 -9.60
C PRO D 206 36.39 -5.19 -9.39
N PRO D 207 37.16 -5.86 -8.50
CA PRO D 207 38.57 -5.61 -8.41
C PRO D 207 39.18 -5.97 -9.74
N MET D 208 40.40 -5.56 -9.97
CA MET D 208 40.97 -6.00 -11.21
C MET D 208 41.57 -7.37 -11.22
N ASP D 209 41.77 -7.89 -12.43
CA ASP D 209 42.37 -9.19 -12.63
C ASP D 209 43.22 -9.14 -13.90
N GLU D 210 43.77 -10.28 -14.31
CA GLU D 210 44.71 -10.27 -15.44
C GLU D 210 44.05 -9.93 -16.75
N LYS D 211 42.80 -10.39 -16.95
CA LYS D 211 42.04 -10.05 -18.15
C LYS D 211 41.89 -8.54 -18.31
N SER D 212 41.33 -7.87 -17.28
CA SER D 212 41.14 -6.41 -17.36
C SER D 212 42.44 -5.61 -17.43
N LEU D 213 43.47 -6.11 -16.77
CA LEU D 213 44.82 -5.54 -16.85
C LEU D 213 45.32 -5.50 -18.31
N GLU D 214 45.09 -6.58 -19.06
CA GLU D 214 45.47 -6.67 -20.47
C GLU D 214 44.61 -5.81 -21.38
N GLU D 215 43.32 -5.70 -21.06
CA GLU D 215 42.39 -4.76 -21.69
C GLU D 215 42.91 -3.32 -21.55
N SER D 216 43.18 -2.92 -20.31
CA SER D 216 43.65 -1.56 -20.00
C SER D 216 44.93 -1.21 -20.72
N ARG D 217 45.86 -2.17 -20.76
CA ARG D 217 47.13 -2.03 -21.51
C ARG D 217 46.88 -1.57 -22.94
N LYS D 218 45.90 -2.17 -23.59
CA LYS D 218 45.58 -1.87 -24.98
C LYS D 218 44.83 -0.52 -25.14
N ILE D 219 43.74 -0.35 -24.38
CA ILE D 219 42.97 0.89 -24.44
C ILE D 219 43.83 2.12 -24.14
N PHE D 220 44.59 2.05 -23.05
CA PHE D 220 45.35 3.20 -22.55
C PHE D 220 46.82 3.21 -23.00
N ARG D 221 47.18 2.23 -23.83
CA ARG D 221 48.50 2.12 -24.45
C ARG D 221 49.62 2.20 -23.42
N PHE D 222 49.75 1.13 -22.63
CA PHE D 222 50.93 0.91 -21.81
C PHE D 222 51.39 -0.55 -21.92
N ALA E 2 3.01 25.35 26.81
CA ALA E 2 3.52 24.11 26.16
C ALA E 2 4.42 24.47 24.97
N GLU E 3 4.45 23.62 23.94
CA GLU E 3 5.21 23.93 22.74
C GLU E 3 4.31 24.20 21.52
N LYS E 4 4.85 24.97 20.57
CA LYS E 4 4.13 25.41 19.37
C LYS E 4 3.56 24.25 18.54
N PRO E 5 2.32 24.40 18.05
CA PRO E 5 1.83 23.45 17.05
C PRO E 5 2.67 23.54 15.77
N LYS E 6 2.97 22.39 15.18
CA LYS E 6 3.72 22.35 13.94
C LYS E 6 2.85 21.85 12.79
N LEU E 7 2.75 22.70 11.77
CA LEU E 7 1.93 22.47 10.59
C LEU E 7 2.76 21.89 9.44
N HIS E 8 2.31 20.76 8.90
CA HIS E 8 2.98 20.06 7.80
C HIS E 8 2.22 20.21 6.48
N TYR E 9 2.81 20.94 5.54
CA TYR E 9 2.20 21.23 4.24
C TYR E 9 3.20 21.99 3.38
N SER E 10 2.93 22.11 2.09
CA SER E 10 3.74 22.96 1.21
C SER E 10 3.41 24.43 1.45
N ASN E 11 4.18 25.33 0.84
CA ASN E 11 4.04 26.76 1.07
C ASN E 11 2.90 27.41 0.25
N ILE E 12 1.77 26.72 0.20
CA ILE E 12 0.59 27.20 -0.51
C ILE E 12 -0.54 27.34 0.50
N ARG E 13 -1.66 27.91 0.06
CA ARG E 13 -2.87 27.94 0.88
C ARG E 13 -3.38 26.51 1.07
N GLY E 14 -3.84 25.92 -0.02
CA GLY E 14 -4.36 24.55 0.00
C GLY E 14 -5.33 24.32 1.13
N ARG E 15 -5.26 23.12 1.70
CA ARG E 15 -6.15 22.72 2.78
C ARG E 15 -5.66 23.11 4.18
N MET E 16 -4.52 23.80 4.26
CA MET E 16 -3.94 24.25 5.55
C MET E 16 -4.31 25.67 5.96
N GLU E 17 -4.68 26.49 4.98
CA GLU E 17 -4.90 27.92 5.17
C GLU E 17 -6.01 28.27 6.17
N SER E 18 -7.11 27.51 6.20
CA SER E 18 -8.14 27.74 7.23
C SER E 18 -7.59 27.44 8.62
N ILE E 19 -6.68 26.47 8.72
CA ILE E 19 -6.01 26.16 9.98
C ILE E 19 -5.06 27.30 10.40
N ARG E 20 -4.33 27.88 9.44
CA ARG E 20 -3.55 29.12 9.68
C ARG E 20 -4.43 30.27 10.19
N TRP E 21 -5.53 30.55 9.48
CA TRP E 21 -6.48 31.59 9.92
C TRP E 21 -7.01 31.35 11.34
N LEU E 22 -7.61 30.18 11.58
CA LEU E 22 -8.17 29.86 12.91
C LEU E 22 -7.15 29.85 14.07
N LEU E 23 -5.96 29.30 13.82
CA LEU E 23 -4.90 29.35 14.84
C LEU E 23 -4.52 30.78 15.24
N ALA E 24 -4.51 31.66 14.23
CA ALA E 24 -4.09 33.05 14.37
C ALA E 24 -5.17 33.87 15.07
N ALA E 25 -6.41 33.69 14.64
CA ALA E 25 -7.58 34.32 15.28
C ALA E 25 -7.65 34.04 16.78
N ALA E 26 -7.21 32.84 17.17
CA ALA E 26 -7.20 32.42 18.56
C ALA E 26 -5.89 32.80 19.25
N GLY E 27 -5.13 33.70 18.62
CA GLY E 27 -3.86 34.20 19.16
C GLY E 27 -2.91 33.13 19.67
N VAL E 28 -2.69 32.11 18.85
CA VAL E 28 -1.82 30.99 19.18
C VAL E 28 -0.70 30.92 18.13
N GLU E 29 0.53 31.00 18.61
CA GLU E 29 1.74 30.99 17.78
C GLU E 29 2.04 29.57 17.28
N PHE E 30 2.47 29.45 16.02
CA PHE E 30 2.74 28.15 15.43
C PHE E 30 3.97 28.09 14.51
N GLU E 31 4.39 26.87 14.17
CA GLU E 31 5.51 26.60 13.27
C GLU E 31 5.07 25.87 12.02
N GLU E 32 5.74 26.16 10.90
CA GLU E 32 5.46 25.44 9.68
C GLU E 32 6.73 24.82 9.15
N LYS E 33 6.72 23.49 9.05
CA LYS E 33 7.78 22.81 8.37
C LYS E 33 7.30 22.62 6.95
N PHE E 34 7.71 23.52 6.06
CA PHE E 34 7.26 23.49 4.67
C PHE E 34 7.80 22.30 3.90
N ILE E 35 6.89 21.54 3.27
CA ILE E 35 7.23 20.43 2.39
C ILE E 35 7.68 21.03 1.07
N LYS E 36 8.81 20.57 0.56
CA LYS E 36 9.44 21.23 -0.58
C LYS E 36 9.51 20.38 -1.85
N SER E 37 9.34 19.07 -1.70
CA SER E 37 9.35 18.14 -2.83
C SER E 37 8.43 16.94 -2.60
N ALA E 38 8.24 16.12 -3.64
CA ALA E 38 7.53 14.84 -3.53
C ALA E 38 8.21 13.93 -2.50
N GLU E 39 9.55 13.95 -2.51
CA GLU E 39 10.40 13.17 -1.59
C GLU E 39 10.26 13.56 -0.12
N ASP E 40 9.96 14.84 0.13
CA ASP E 40 9.73 15.34 1.49
C ASP E 40 8.47 14.73 2.09
N LEU E 41 7.46 14.53 1.24
CA LEU E 41 6.20 13.92 1.62
C LEU E 41 6.33 12.39 1.75
N ASP E 42 7.07 11.77 0.83
CA ASP E 42 7.34 10.34 0.89
C ASP E 42 8.02 9.97 2.20
N LYS E 43 8.86 10.88 2.72
CA LYS E 43 9.49 10.68 4.03
C LYS E 43 8.46 10.73 5.16
N LEU E 44 7.56 11.71 5.10
CA LEU E 44 6.42 11.81 6.04
C LEU E 44 5.56 10.54 6.03
N ARG E 45 5.29 10.03 4.83
CA ARG E 45 4.57 8.76 4.64
C ARG E 45 5.37 7.57 5.19
N ASN E 46 6.63 7.46 4.76
CA ASN E 46 7.52 6.37 5.12
C ASN E 46 7.79 6.28 6.62
N ASP E 47 7.81 7.43 7.30
CA ASP E 47 8.00 7.50 8.75
C ASP E 47 6.71 7.16 9.53
N GLY E 48 5.66 6.79 8.80
CA GLY E 48 4.36 6.48 9.40
C GLY E 48 3.73 7.67 10.10
N TYR E 49 4.06 8.87 9.63
CA TYR E 49 3.61 10.13 10.23
C TYR E 49 2.16 10.53 9.86
N LEU E 50 1.61 9.91 8.82
CA LEU E 50 0.29 10.27 8.30
C LEU E 50 -0.64 9.07 8.26
N MET E 51 -1.69 9.10 9.06
CA MET E 51 -2.60 7.95 9.15
C MET E 51 -3.14 7.50 7.79
N PHE E 52 -3.56 8.45 6.96
CA PHE E 52 -4.07 8.14 5.63
C PHE E 52 -3.16 8.64 4.52
N GLN E 53 -1.87 8.77 4.84
CA GLN E 53 -0.80 9.01 3.87
C GLN E 53 -0.88 10.40 3.21
N GLN E 54 -1.68 11.29 3.80
CA GLN E 54 -1.89 12.64 3.23
C GLN E 54 -1.57 13.74 4.22
N VAL E 55 -1.23 14.90 3.68
CA VAL E 55 -1.25 16.18 4.41
C VAL E 55 -2.53 16.96 4.05
N PRO E 56 -2.97 17.91 4.89
CA PRO E 56 -2.36 18.49 6.09
C PRO E 56 -2.12 17.51 7.23
N MET E 57 -1.06 17.76 7.99
CA MET E 57 -0.88 17.16 9.31
C MET E 57 -0.47 18.26 10.29
N VAL E 58 -1.00 18.19 11.51
CA VAL E 58 -0.64 19.15 12.56
C VAL E 58 -0.27 18.45 13.88
N GLU E 59 0.98 18.62 14.31
CA GLU E 59 1.41 18.13 15.62
C GLU E 59 0.96 19.12 16.69
N ILE E 60 -0.03 18.70 17.47
CA ILE E 60 -0.63 19.53 18.53
C ILE E 60 -0.99 18.63 19.69
N ASP E 61 -0.71 19.10 20.90
CA ASP E 61 -1.08 18.41 22.16
C ASP E 61 -0.85 16.89 22.16
N GLY E 62 0.25 16.47 21.53
CA GLY E 62 0.61 15.06 21.51
C GLY E 62 0.30 14.35 20.21
N MET E 63 -0.72 14.81 19.49
CA MET E 63 -1.27 14.12 18.32
C MET E 63 -0.55 14.47 17.00
N LYS E 64 -0.56 13.52 16.09
CA LYS E 64 -0.21 13.72 14.67
C LYS E 64 -1.51 13.77 13.88
N LEU E 65 -2.29 14.82 14.09
CA LEU E 65 -3.61 14.95 13.50
C LEU E 65 -3.58 15.15 12.00
N VAL E 66 -4.37 14.35 11.30
CA VAL E 66 -4.66 14.54 9.87
C VAL E 66 -6.18 14.73 9.69
N GLN E 67 -6.57 15.15 8.48
CA GLN E 67 -7.96 15.51 8.16
C GLN E 67 -8.28 16.88 8.73
N THR E 68 -8.51 17.85 7.83
CA THR E 68 -8.68 19.25 8.18
C THR E 68 -9.81 19.51 9.19
N ARG E 69 -10.98 18.91 8.97
CA ARG E 69 -12.12 19.09 9.88
C ARG E 69 -11.83 18.60 11.29
N ALA E 70 -11.08 17.50 11.39
CA ALA E 70 -10.68 16.94 12.67
C ALA E 70 -9.74 17.91 13.40
N ILE E 71 -8.73 18.41 12.69
CA ILE E 71 -7.85 19.48 13.23
C ILE E 71 -8.60 20.77 13.59
N LEU E 72 -9.52 21.20 12.72
CA LEU E 72 -10.31 22.41 12.95
C LEU E 72 -11.28 22.34 14.14
N ASN E 73 -12.00 21.23 14.25
CA ASN E 73 -12.89 20.97 15.38
C ASN E 73 -12.17 21.05 16.72
N TYR E 74 -10.97 20.46 16.77
CA TYR E 74 -10.15 20.38 17.96
C TYR E 74 -9.58 21.74 18.35
N ILE E 75 -8.94 22.44 17.40
CA ILE E 75 -8.48 23.81 17.65
C ILE E 75 -9.64 24.68 18.16
N ALA E 76 -10.79 24.62 17.50
CA ALA E 76 -11.96 25.41 17.89
C ALA E 76 -12.41 25.12 19.33
N SER E 77 -12.48 23.83 19.67
CA SER E 77 -12.96 23.38 20.98
C SER E 77 -12.04 23.82 22.10
N LYS E 78 -10.73 23.70 21.85
CA LYS E 78 -9.69 24.13 22.79
C LYS E 78 -9.67 25.64 23.11
N TYR E 79 -10.04 26.48 22.15
CA TYR E 79 -9.91 27.93 22.33
C TYR E 79 -11.24 28.68 22.34
N ASN E 80 -12.27 27.97 22.80
CA ASN E 80 -13.64 28.48 22.96
C ASN E 80 -14.30 29.20 21.79
N LEU E 81 -14.20 28.58 20.62
CA LEU E 81 -14.77 29.14 19.40
C LEU E 81 -15.83 28.21 18.81
N TYR E 82 -16.37 27.32 19.66
CA TYR E 82 -17.27 26.25 19.21
C TYR E 82 -18.58 26.20 20.02
N GLY E 83 -19.08 27.37 20.40
CA GLY E 83 -20.36 27.46 21.12
C GLY E 83 -20.24 27.04 22.57
N LYS E 84 -21.36 27.18 23.31
CA LYS E 84 -21.42 26.82 24.72
C LYS E 84 -22.17 25.51 24.98
N ASP E 85 -22.83 25.00 23.94
CA ASP E 85 -23.60 23.75 24.07
C ASP E 85 -23.75 22.99 22.74
N ILE E 86 -24.35 21.81 22.82
CA ILE E 86 -24.52 20.90 21.68
C ILE E 86 -25.40 21.49 20.56
N LYS E 87 -26.33 22.38 20.93
CA LYS E 87 -27.21 23.04 19.96
C LYS E 87 -26.50 24.17 19.23
N GLU E 88 -25.65 24.91 19.97
CA GLU E 88 -24.82 25.95 19.38
C GLU E 88 -23.75 25.36 18.46
N LYS E 89 -23.17 24.22 18.85
CA LYS E 89 -22.29 23.48 17.93
C LYS E 89 -23.04 23.08 16.67
N ALA E 90 -24.32 22.73 16.80
CA ALA E 90 -25.12 22.29 15.65
C ALA E 90 -25.32 23.42 14.63
N LEU E 91 -25.66 24.60 15.13
CA LEU E 91 -25.75 25.78 14.27
C LEU E 91 -24.37 26.12 13.69
N ILE E 92 -23.35 26.08 14.53
CA ILE E 92 -21.96 26.33 14.10
C ILE E 92 -21.57 25.37 12.98
N ASP E 93 -21.83 24.08 13.19
CA ASP E 93 -21.50 23.03 12.24
C ASP E 93 -22.22 23.14 10.91
N MET E 94 -23.51 23.47 10.98
CA MET E 94 -24.35 23.76 9.78
C MET E 94 -23.76 24.88 8.92
N TYR E 95 -23.46 26.02 9.56
CA TYR E 95 -22.84 27.17 8.89
C TYR E 95 -21.51 26.82 8.24
N ILE E 96 -20.62 26.19 9.03
CA ILE E 96 -19.22 26.00 8.60
C ILE E 96 -19.10 24.97 7.48
N GLU E 97 -20.02 24.03 7.45
CA GLU E 97 -20.09 23.07 6.38
C GLU E 97 -20.56 23.76 5.09
N GLY E 98 -21.54 24.64 5.23
CA GLY E 98 -21.99 25.45 4.08
C GLY E 98 -20.90 26.36 3.57
N ILE E 99 -20.14 26.96 4.50
CA ILE E 99 -19.00 27.82 4.13
C ILE E 99 -17.93 26.99 3.38
N ALA E 100 -17.67 25.79 3.87
CA ALA E 100 -16.63 24.92 3.30
C ALA E 100 -17.00 24.32 1.94
N ASP E 101 -18.30 24.17 1.66
CA ASP E 101 -18.75 23.79 0.31
C ASP E 101 -18.36 24.85 -0.70
N LEU E 102 -18.63 26.11 -0.37
CA LEU E 102 -18.28 27.22 -1.25
C LEU E 102 -16.77 27.40 -1.30
N GLY E 103 -16.15 27.24 -0.13
CA GLY E 103 -14.71 27.32 -0.01
C GLY E 103 -13.98 26.26 -0.83
N GLU E 104 -14.56 25.06 -0.91
CA GLU E 104 -13.98 23.94 -1.72
C GLU E 104 -14.03 24.22 -3.22
N MET E 105 -15.08 24.89 -3.66
CA MET E 105 -15.19 25.37 -5.03
C MET E 105 -14.07 26.34 -5.38
N ILE E 106 -13.83 27.27 -4.47
CA ILE E 106 -12.79 28.29 -4.61
C ILE E 106 -11.42 27.62 -4.56
N LEU E 107 -11.22 26.71 -3.61
CA LEU E 107 -9.94 25.97 -3.46
C LEU E 107 -9.58 25.16 -4.69
N LEU E 108 -10.59 24.54 -5.28
CA LEU E 108 -10.40 23.70 -6.46
C LEU E 108 -10.21 24.51 -7.74
N LEU E 109 -10.75 25.73 -7.76
CA LEU E 109 -10.75 26.59 -8.95
C LEU E 109 -9.43 26.65 -9.75
N PRO E 110 -8.30 27.00 -9.09
CA PRO E 110 -7.04 27.13 -9.86
C PRO E 110 -6.54 25.86 -10.52
N PHE E 111 -6.94 24.71 -10.00
CA PHE E 111 -6.50 23.41 -10.49
C PHE E 111 -7.38 22.80 -11.57
N THR E 112 -8.44 23.51 -11.97
CA THR E 112 -9.33 23.02 -13.04
C THR E 112 -8.75 23.29 -14.41
N GLN E 113 -9.04 22.40 -15.36
CA GLN E 113 -8.55 22.52 -16.73
C GLN E 113 -9.04 23.82 -17.39
N PRO E 114 -8.14 24.53 -18.12
CA PRO E 114 -8.42 25.81 -18.77
C PRO E 114 -9.81 25.90 -19.41
N GLU E 115 -10.41 24.75 -19.70
CA GLU E 115 -11.73 24.65 -20.32
C GLU E 115 -12.86 25.00 -19.35
N GLU E 116 -12.88 24.31 -18.21
CA GLU E 116 -13.94 24.47 -17.20
C GLU E 116 -13.87 25.81 -16.45
N GLN E 117 -12.68 26.42 -16.43
CA GLN E 117 -12.39 27.62 -15.63
C GLN E 117 -13.44 28.73 -15.72
N ASP E 118 -13.90 29.01 -16.93
CA ASP E 118 -14.96 29.99 -17.14
C ASP E 118 -16.27 29.64 -16.42
N ALA E 119 -16.72 28.39 -16.61
CA ALA E 119 -17.96 27.91 -15.96
C ALA E 119 -17.78 27.72 -14.46
N LYS E 120 -16.56 27.34 -14.06
CA LYS E 120 -16.21 27.17 -12.66
C LYS E 120 -16.35 28.48 -11.86
N LEU E 121 -15.79 29.58 -12.37
CA LEU E 121 -15.95 30.89 -11.71
C LEU E 121 -17.41 31.35 -11.68
N ALA E 122 -18.12 31.13 -12.80
CA ALA E 122 -19.51 31.53 -12.99
C ALA E 122 -20.45 30.91 -11.96
N LEU E 123 -20.28 29.59 -11.77
CA LEU E 123 -20.91 28.80 -10.68
C LEU E 123 -20.60 29.32 -9.27
N ILE E 124 -19.32 29.60 -8.99
CA ILE E 124 -18.91 30.24 -7.72
C ILE E 124 -19.62 31.59 -7.57
N GLN E 125 -19.64 32.36 -8.65
CA GLN E 125 -20.33 33.65 -8.64
C GLN E 125 -21.83 33.53 -8.33
N GLU E 126 -22.48 32.55 -8.94
CA GLU E 126 -23.93 32.34 -8.75
C GLU E 126 -24.32 31.89 -7.33
N LYS E 127 -23.64 30.87 -6.83
CA LYS E 127 -23.93 30.33 -5.49
C LYS E 127 -23.62 31.29 -4.35
N THR E 128 -22.58 32.10 -4.54
CA THR E 128 -22.23 33.12 -3.56
C THR E 128 -23.43 34.06 -3.36
N LYS E 129 -23.93 34.61 -4.46
CA LYS E 129 -24.98 35.60 -4.38
C LYS E 129 -26.37 35.04 -4.06
N ASN E 130 -26.64 33.80 -4.49
CA ASN E 130 -27.98 33.21 -4.44
C ASN E 130 -28.21 32.14 -3.37
N ARG E 131 -27.13 31.52 -2.92
CA ARG E 131 -27.21 30.47 -1.91
C ARG E 131 -26.59 30.94 -0.59
N TYR E 132 -25.31 31.29 -0.64
CA TYR E 132 -24.52 31.43 0.57
C TYR E 132 -24.63 32.77 1.26
N PHE E 133 -24.42 33.86 0.51
CA PHE E 133 -24.44 35.20 1.10
C PHE E 133 -25.82 35.60 1.67
N PRO E 134 -26.92 35.29 0.95
CA PRO E 134 -28.27 35.45 1.51
C PRO E 134 -28.48 34.65 2.81
N ALA E 135 -28.08 33.37 2.79
CA ALA E 135 -28.10 32.54 4.00
C ALA E 135 -27.49 33.24 5.22
N PHE E 136 -26.25 33.71 5.12
CA PHE E 136 -25.59 34.28 6.31
C PHE E 136 -26.03 35.71 6.65
N GLU E 137 -26.35 36.50 5.62
CA GLU E 137 -27.02 37.79 5.81
C GLU E 137 -28.33 37.64 6.61
N LYS E 138 -29.12 36.60 6.31
CA LYS E 138 -30.37 36.35 7.04
C LYS E 138 -30.16 36.03 8.53
N VAL E 139 -29.16 35.21 8.83
CA VAL E 139 -28.77 34.88 10.21
C VAL E 139 -28.44 36.12 11.07
N LEU E 140 -27.57 36.97 10.56
CA LEU E 140 -27.16 38.19 11.27
C LEU E 140 -28.32 39.19 11.40
N LYS E 141 -29.16 39.25 10.39
CA LYS E 141 -30.36 40.08 10.39
C LYS E 141 -31.38 39.57 11.41
N SER E 142 -31.53 38.26 11.49
CA SER E 142 -32.50 37.60 12.36
C SER E 142 -32.26 37.90 13.84
N HIS E 143 -31.01 37.86 14.29
CA HIS E 143 -30.70 38.13 15.70
C HIS E 143 -30.17 39.53 16.01
N GLY E 144 -29.64 40.20 14.98
CA GLY E 144 -29.09 41.55 15.11
C GLY E 144 -27.81 41.70 15.91
N GLN E 145 -27.10 40.60 16.15
CA GLN E 145 -25.90 40.61 16.97
C GLN E 145 -24.62 40.70 16.13
N ASP E 146 -23.47 40.88 16.79
CA ASP E 146 -22.20 41.03 16.09
C ASP E 146 -21.64 39.73 15.52
N TYR E 147 -21.81 38.63 16.24
CA TYR E 147 -21.26 37.33 15.87
C TYR E 147 -22.37 36.34 15.48
N LEU E 148 -22.04 35.42 14.56
CA LEU E 148 -23.01 34.50 13.95
C LEU E 148 -23.80 33.64 14.96
N VAL E 149 -23.12 33.16 16.01
CA VAL E 149 -23.71 32.23 16.99
C VAL E 149 -23.47 32.64 18.45
N GLY E 150 -24.54 32.61 19.24
CA GLY E 150 -24.48 32.81 20.68
C GLY E 150 -23.87 34.13 21.12
N ASN E 151 -24.00 35.14 20.28
CA ASN E 151 -23.45 36.49 20.54
C ASN E 151 -22.01 36.47 21.06
N LYS E 152 -21.19 35.62 20.44
CA LYS E 152 -19.81 35.42 20.86
C LYS E 152 -19.01 34.92 19.66
N LEU E 153 -17.75 35.36 19.58
CA LEU E 153 -16.87 34.96 18.50
C LEU E 153 -16.77 33.44 18.44
N SER E 154 -17.11 32.89 17.29
CA SER E 154 -16.89 31.47 17.02
C SER E 154 -16.06 31.30 15.76
N ARG E 155 -15.65 30.06 15.47
CA ARG E 155 -14.93 29.71 14.23
C ARG E 155 -15.69 30.06 12.95
N ALA E 156 -17.01 30.07 13.04
CA ALA E 156 -17.89 30.36 11.91
C ALA E 156 -17.70 31.80 11.43
N ASP E 157 -17.63 32.75 12.37
CA ASP E 157 -17.20 34.12 12.08
C ASP E 157 -15.85 34.11 11.34
N ILE E 158 -14.90 33.35 11.86
CA ILE E 158 -13.54 33.26 11.28
C ILE E 158 -13.50 32.60 9.91
N HIS E 159 -14.23 31.51 9.71
CA HIS E 159 -14.20 30.84 8.40
C HIS E 159 -14.92 31.65 7.35
N LEU E 160 -16.01 32.34 7.76
CA LEU E 160 -16.80 33.15 6.82
C LEU E 160 -15.94 34.27 6.26
N VAL E 161 -15.48 35.14 7.16
CA VAL E 161 -14.64 36.27 6.80
C VAL E 161 -13.43 35.87 5.91
N GLU E 162 -12.81 34.72 6.19
CA GLU E 162 -11.69 34.20 5.35
C GLU E 162 -12.13 33.99 3.89
N LEU E 163 -13.35 33.49 3.74
CA LEU E 163 -14.00 33.23 2.47
C LEU E 163 -14.34 34.53 1.78
N LEU E 164 -14.86 35.50 2.55
CA LEU E 164 -15.14 36.86 2.03
C LEU E 164 -13.93 37.54 1.38
N TYR E 165 -12.76 37.42 1.99
CA TYR E 165 -11.53 37.90 1.35
C TYR E 165 -11.24 37.12 0.04
N TYR E 166 -11.58 35.84 -0.01
CA TYR E 166 -11.32 35.04 -1.24
C TYR E 166 -12.30 35.40 -2.34
N VAL E 167 -13.58 35.48 -1.97
CA VAL E 167 -14.63 36.01 -2.83
C VAL E 167 -14.25 37.39 -3.38
N GLU E 168 -13.69 38.24 -2.51
CA GLU E 168 -13.25 39.58 -2.90
C GLU E 168 -12.16 39.54 -3.98
N GLU E 169 -11.23 38.61 -3.87
CA GLU E 169 -10.19 38.38 -4.90
C GLU E 169 -10.75 37.92 -6.26
N LEU E 170 -11.94 37.34 -6.24
CA LEU E 170 -12.54 36.79 -7.45
C LEU E 170 -13.53 37.75 -8.07
N ASP E 171 -14.27 38.44 -7.22
CA ASP E 171 -15.29 39.39 -7.65
C ASP E 171 -15.78 40.22 -6.47
N SER E 172 -15.32 41.47 -6.42
CA SER E 172 -15.56 42.39 -5.31
C SER E 172 -16.98 42.94 -5.27
N SER E 173 -17.75 42.71 -6.33
CA SER E 173 -19.16 43.12 -6.36
C SER E 173 -20.04 42.18 -5.55
N LEU E 174 -19.64 40.92 -5.43
CA LEU E 174 -20.50 39.87 -4.86
C LEU E 174 -21.05 40.21 -3.45
N ILE E 175 -20.21 40.82 -2.62
CA ILE E 175 -20.60 41.23 -1.26
C ILE E 175 -21.46 42.52 -1.23
N SER E 176 -21.54 43.24 -2.35
CA SER E 176 -22.11 44.61 -2.39
C SER E 176 -23.51 44.81 -1.76
N SER E 177 -24.42 43.87 -2.01
CA SER E 177 -25.79 43.99 -1.49
C SER E 177 -26.00 43.33 -0.13
N PHE E 178 -24.89 43.10 0.58
CA PHE E 178 -24.93 42.43 1.87
C PHE E 178 -24.19 43.26 2.94
N PRO E 179 -24.84 44.31 3.47
CA PRO E 179 -24.24 45.24 4.43
C PRO E 179 -23.75 44.57 5.73
N LEU E 180 -24.49 43.58 6.21
CA LEU E 180 -24.12 42.93 7.47
C LEU E 180 -22.87 42.08 7.31
N LEU E 181 -22.75 41.42 6.16
CA LEU E 181 -21.54 40.67 5.80
C LEU E 181 -20.34 41.59 5.71
N LYS E 182 -20.56 42.74 5.05
CA LYS E 182 -19.56 43.81 4.99
C LYS E 182 -19.12 44.28 6.39
N ALA E 183 -20.08 44.60 7.24
CA ALA E 183 -19.79 45.03 8.61
C ALA E 183 -19.04 43.93 9.40
N LEU E 184 -19.44 42.67 9.21
CA LEU E 184 -18.80 41.53 9.86
C LEU E 184 -17.34 41.39 9.43
N LYS E 185 -17.09 41.56 8.13
CA LYS E 185 -15.72 41.56 7.62
C LYS E 185 -14.86 42.62 8.35
N THR E 186 -15.39 43.84 8.49
CA THR E 186 -14.63 44.95 9.09
C THR E 186 -14.39 44.73 10.58
N ARG E 187 -15.43 44.29 11.28
CA ARG E 187 -15.36 44.03 12.71
C ARG E 187 -14.40 42.88 13.06
N ILE E 188 -14.38 41.83 12.24
CA ILE E 188 -13.52 40.65 12.49
C ILE E 188 -12.08 40.95 12.12
N SER E 189 -11.89 41.56 10.95
CA SER E 189 -10.57 42.00 10.48
C SER E 189 -9.91 42.98 11.46
N ASN E 190 -10.69 43.55 12.37
CA ASN E 190 -10.17 44.52 13.34
C ASN E 190 -9.89 43.98 14.75
N LEU E 191 -10.23 42.72 15.00
CA LEU E 191 -9.78 42.10 16.24
C LEU E 191 -8.26 42.05 16.24
N PRO E 192 -7.62 42.43 17.37
CA PRO E 192 -6.16 42.45 17.49
C PRO E 192 -5.47 41.23 16.84
N THR E 193 -5.97 40.04 17.14
CA THR E 193 -5.39 38.82 16.58
C THR E 193 -5.52 38.69 15.06
N VAL E 194 -6.67 39.10 14.51
CA VAL E 194 -6.94 38.98 13.08
C VAL E 194 -6.24 40.10 12.30
N LYS E 195 -6.23 41.31 12.86
CA LYS E 195 -5.53 42.45 12.26
C LYS E 195 -4.05 42.10 12.09
N LYS E 196 -3.43 41.62 13.16
CA LYS E 196 -2.08 41.12 13.13
C LYS E 196 -1.84 40.10 11.99
N PHE E 197 -2.74 39.11 11.84
CA PHE E 197 -2.64 38.07 10.79
C PHE E 197 -2.72 38.68 9.38
N LEU E 198 -3.50 39.75 9.25
CA LEU E 198 -3.71 40.42 7.96
C LEU E 198 -2.54 41.29 7.51
N GLN E 199 -1.63 41.61 8.42
CA GLN E 199 -0.49 42.46 8.11
C GLN E 199 0.48 41.73 7.19
N PRO E 200 1.24 42.48 6.37
CA PRO E 200 2.29 41.85 5.57
C PRO E 200 3.31 41.10 6.45
N GLY E 201 3.79 39.97 5.96
CA GLY E 201 4.81 39.20 6.68
C GLY E 201 4.29 38.03 7.48
N SER E 202 3.03 38.09 7.90
CA SER E 202 2.35 37.02 8.66
C SER E 202 2.23 35.70 7.87
N PRO E 203 1.92 34.59 8.58
CA PRO E 203 1.74 33.26 7.97
C PRO E 203 0.68 33.18 6.87
N ARG E 204 -0.09 34.26 6.66
CA ARG E 204 -1.09 34.32 5.59
C ARG E 204 -0.45 34.11 4.22
N LYS E 205 -1.00 33.16 3.45
CA LYS E 205 -0.42 32.76 2.17
C LYS E 205 -0.98 33.55 0.99
N PRO E 206 -0.15 33.77 -0.05
CA PRO E 206 -0.61 34.38 -1.32
C PRO E 206 -1.67 33.52 -2.02
N PRO E 207 -2.30 34.06 -3.09
CA PRO E 207 -3.10 33.16 -3.92
C PRO E 207 -2.19 32.21 -4.72
N MET E 208 -2.80 31.24 -5.41
CA MET E 208 -2.05 30.37 -6.30
C MET E 208 -1.54 31.14 -7.52
N ASP E 209 -0.30 30.84 -7.90
CA ASP E 209 0.26 31.37 -9.14
C ASP E 209 0.85 30.24 -9.98
N GLU E 210 1.42 30.59 -11.13
CA GLU E 210 2.06 29.64 -12.04
C GLU E 210 3.10 28.72 -11.37
N LYS E 211 3.97 29.29 -10.53
CA LYS E 211 5.10 28.57 -9.91
C LYS E 211 4.71 27.64 -8.77
N SER E 212 3.64 27.98 -8.04
CA SER E 212 3.15 27.14 -6.96
C SER E 212 2.16 26.10 -7.47
N LEU E 213 1.46 26.44 -8.56
CA LEU E 213 0.67 25.47 -9.30
C LEU E 213 1.55 24.34 -9.82
N GLU E 214 2.64 24.72 -10.46
CA GLU E 214 3.66 23.77 -10.93
C GLU E 214 4.27 22.99 -9.76
N GLU E 215 4.75 23.72 -8.75
CA GLU E 215 5.32 23.12 -7.53
C GLU E 215 4.38 22.08 -6.87
N SER E 216 3.09 22.38 -6.82
CA SER E 216 2.07 21.51 -6.22
C SER E 216 1.88 20.21 -7.01
N ARG E 217 1.83 20.33 -8.34
CA ARG E 217 1.68 19.17 -9.24
C ARG E 217 2.83 18.15 -9.10
N LYS E 218 4.04 18.62 -8.82
CA LYS E 218 5.16 17.71 -8.64
C LYS E 218 5.22 17.12 -7.22
N ILE E 219 4.85 17.93 -6.23
CA ILE E 219 4.78 17.48 -4.84
C ILE E 219 3.66 16.46 -4.61
N PHE E 220 2.49 16.73 -5.17
CA PHE E 220 1.29 15.90 -4.95
C PHE E 220 0.93 14.93 -6.08
N ARG E 221 1.66 15.02 -7.20
CA ARG E 221 1.52 14.14 -8.38
C ARG E 221 0.12 13.49 -8.63
N PHE E 222 -0.75 14.24 -9.30
CA PHE E 222 -2.14 13.78 -9.57
C PHE E 222 -2.55 13.89 -11.05
N ALA F 2 -38.56 11.52 23.26
CA ALA F 2 -38.85 12.86 22.64
C ALA F 2 -39.70 12.75 21.35
N GLU F 3 -39.81 13.88 20.64
CA GLU F 3 -40.46 13.93 19.33
C GLU F 3 -39.59 13.18 18.32
N LYS F 4 -40.22 12.58 17.31
CA LYS F 4 -39.52 11.78 16.31
C LYS F 4 -38.78 12.67 15.30
N PRO F 5 -37.47 12.44 15.14
CA PRO F 5 -36.71 13.00 14.01
C PRO F 5 -37.40 12.75 12.67
N LYS F 6 -37.52 13.81 11.87
CA LYS F 6 -38.08 13.69 10.53
C LYS F 6 -36.98 13.92 9.52
N LEU F 7 -36.76 12.90 8.67
CA LEU F 7 -35.68 12.88 7.68
C LEU F 7 -36.22 13.20 6.29
N HIS F 8 -35.73 14.30 5.71
CA HIS F 8 -36.16 14.73 4.37
C HIS F 8 -35.16 14.32 3.31
N TYR F 9 -35.58 13.40 2.44
CA TYR F 9 -34.73 12.84 1.40
C TYR F 9 -35.57 11.97 0.48
N SER F 10 -35.01 11.59 -0.67
CA SER F 10 -35.66 10.62 -1.53
C SER F 10 -35.41 9.23 -0.97
N ASN F 11 -36.05 8.22 -1.56
CA ASN F 11 -35.99 6.87 -1.03
C ASN F 11 -34.76 6.12 -1.54
N ILE F 12 -33.60 6.61 -1.11
CA ILE F 12 -32.32 6.01 -1.49
C ILE F 12 -31.34 6.20 -0.34
N ARG F 13 -30.19 5.52 -0.42
CA ARG F 13 -29.10 5.73 0.51
C ARG F 13 -28.64 7.18 0.42
N GLY F 14 -27.96 7.53 -0.67
CA GLY F 14 -27.43 8.88 -0.86
C GLY F 14 -26.62 9.33 0.35
N ARG F 15 -26.79 10.60 0.73
CA ARG F 15 -26.05 11.19 1.85
C ARG F 15 -26.88 11.08 3.11
N MET F 16 -28.09 10.55 2.98
CA MET F 16 -28.93 10.31 4.16
C MET F 16 -28.62 8.99 4.89
N GLU F 17 -28.00 8.03 4.21
CA GLU F 17 -27.89 6.67 4.77
C GLU F 17 -27.04 6.53 6.05
N SER F 18 -25.99 7.34 6.19
CA SER F 18 -25.16 7.27 7.41
C SER F 18 -25.90 7.78 8.64
N ILE F 19 -26.87 8.67 8.39
CA ILE F 19 -27.75 9.27 9.39
C ILE F 19 -28.81 8.28 9.83
N ARG F 20 -29.35 7.51 8.87
CA ARG F 20 -30.22 6.35 9.16
C ARG F 20 -29.50 5.31 10.04
N TRP F 21 -28.27 4.98 9.66
CA TRP F 21 -27.44 4.06 10.46
C TRP F 21 -27.22 4.58 11.88
N LEU F 22 -26.71 5.81 11.99
CA LEU F 22 -26.37 6.35 13.28
C LEU F 22 -27.57 6.45 14.22
N LEU F 23 -28.73 6.86 13.70
CA LEU F 23 -29.95 6.94 14.52
C LEU F 23 -30.43 5.58 14.99
N ALA F 24 -30.47 4.62 14.06
CA ALA F 24 -30.86 3.24 14.37
C ALA F 24 -29.91 2.62 15.38
N ALA F 25 -28.60 2.75 15.16
CA ALA F 25 -27.60 2.29 16.12
C ALA F 25 -27.84 2.82 17.54
N ALA F 26 -28.26 4.09 17.63
CA ALA F 26 -28.57 4.77 18.91
C ALA F 26 -29.95 4.45 19.49
N GLY F 27 -30.79 3.76 18.71
CA GLY F 27 -32.09 3.32 19.20
C GLY F 27 -33.14 4.40 19.16
N VAL F 28 -32.97 5.33 18.21
CA VAL F 28 -33.89 6.44 18.00
C VAL F 28 -34.84 6.09 16.86
N GLU F 29 -36.14 6.14 17.16
CA GLU F 29 -37.18 5.98 16.15
C GLU F 29 -37.39 7.29 15.41
N PHE F 30 -37.37 7.20 14.09
CA PHE F 30 -37.48 8.37 13.23
C PHE F 30 -38.47 8.13 12.09
N GLU F 31 -38.87 9.22 11.46
CA GLU F 31 -39.81 9.27 10.35
C GLU F 31 -39.10 9.71 9.09
N GLU F 32 -39.53 9.20 7.95
CA GLU F 32 -39.01 9.63 6.66
C GLU F 32 -40.11 10.25 5.80
N LYS F 33 -39.88 11.47 5.32
CA LYS F 33 -40.75 12.08 4.32
C LYS F 33 -40.02 12.03 3.00
N PHE F 34 -40.44 11.13 2.12
CA PHE F 34 -39.71 10.87 0.88
C PHE F 34 -40.01 11.91 -0.19
N ILE F 35 -38.94 12.40 -0.81
CA ILE F 35 -38.98 13.32 -1.95
C ILE F 35 -39.11 12.46 -3.20
N LYS F 36 -40.17 12.72 -3.98
CA LYS F 36 -40.51 11.87 -5.13
C LYS F 36 -40.33 12.53 -6.48
N SER F 37 -40.09 13.84 -6.47
CA SER F 37 -39.89 14.61 -7.68
C SER F 37 -39.05 15.86 -7.40
N ALA F 38 -38.72 16.59 -8.47
CA ALA F 38 -38.11 17.91 -8.37
C ALA F 38 -39.09 18.89 -7.68
N GLU F 39 -40.38 18.74 -7.99
CA GLU F 39 -41.45 19.55 -7.40
C GLU F 39 -41.43 19.49 -5.87
N ASP F 40 -41.31 18.28 -5.33
CA ASP F 40 -41.18 18.07 -3.88
C ASP F 40 -39.96 18.78 -3.29
N LEU F 41 -38.83 18.75 -4.01
CA LEU F 41 -37.60 19.38 -3.51
C LEU F 41 -37.72 20.89 -3.56
N ASP F 42 -38.22 21.41 -4.69
CA ASP F 42 -38.48 22.83 -4.87
C ASP F 42 -39.39 23.40 -3.79
N LYS F 43 -40.28 22.57 -3.24
CA LYS F 43 -41.20 23.02 -2.21
C LYS F 43 -40.48 23.26 -0.89
N LEU F 44 -39.55 22.36 -0.54
CA LEU F 44 -38.78 22.49 0.68
C LEU F 44 -37.92 23.75 0.63
N ARG F 45 -37.31 23.99 -0.53
CA ARG F 45 -36.56 25.22 -0.83
C ARG F 45 -37.45 26.45 -0.62
N ASN F 46 -38.56 26.50 -1.36
CA ASN F 46 -39.48 27.63 -1.33
C ASN F 46 -40.20 27.85 0.01
N ASP F 47 -40.22 26.80 0.84
CA ASP F 47 -40.72 26.86 2.22
C ASP F 47 -39.66 27.46 3.15
N GLY F 48 -38.45 27.65 2.66
CA GLY F 48 -37.31 28.11 3.49
C GLY F 48 -36.78 27.08 4.48
N TYR F 49 -37.05 25.81 4.18
CA TYR F 49 -36.80 24.68 5.09
C TYR F 49 -35.33 24.18 5.04
N LEU F 50 -34.62 24.56 3.99
CA LEU F 50 -33.24 24.16 3.77
C LEU F 50 -32.36 25.43 3.65
N MET F 51 -31.53 25.66 4.66
CA MET F 51 -30.71 26.88 4.75
C MET F 51 -29.87 27.13 3.49
N PHE F 52 -29.26 26.07 2.98
CA PHE F 52 -28.46 26.19 1.77
C PHE F 52 -29.15 25.50 0.59
N GLN F 53 -30.48 25.41 0.66
CA GLN F 53 -31.34 24.92 -0.43
C GLN F 53 -31.07 23.46 -0.88
N GLN F 54 -30.47 22.66 0.00
CA GLN F 54 -30.18 21.24 -0.27
C GLN F 54 -30.67 20.31 0.86
N VAL F 55 -30.87 19.03 0.50
CA VAL F 55 -31.07 17.93 1.46
C VAL F 55 -29.82 17.03 1.42
N PRO F 56 -29.53 16.25 2.49
CA PRO F 56 -30.24 15.95 3.74
C PRO F 56 -30.75 17.16 4.53
N MET F 57 -31.94 16.98 5.10
CA MET F 57 -32.47 17.86 6.13
C MET F 57 -33.15 16.98 7.17
N VAL F 58 -32.74 17.12 8.42
CA VAL F 58 -33.33 16.39 9.52
C VAL F 58 -33.96 17.39 10.50
N GLU F 59 -35.27 17.24 10.69
CA GLU F 59 -35.99 17.96 11.75
C GLU F 59 -35.77 17.24 13.08
N ILE F 60 -34.97 17.87 13.94
CA ILE F 60 -34.60 17.27 15.21
C ILE F 60 -34.45 18.37 16.27
N ASP F 61 -35.18 18.19 17.38
CA ASP F 61 -35.14 19.07 18.57
C ASP F 61 -35.24 20.56 18.28
N GLY F 62 -36.31 20.95 17.58
CA GLY F 62 -36.57 22.35 17.26
C GLY F 62 -35.91 22.83 15.99
N MET F 63 -34.81 22.18 15.60
CA MET F 63 -33.99 22.62 14.46
C MET F 63 -34.40 21.96 13.15
N LYS F 64 -34.25 22.70 12.05
CA LYS F 64 -34.29 22.14 10.70
C LYS F 64 -32.86 22.05 10.16
N LEU F 65 -32.12 21.06 10.63
CA LEU F 65 -30.68 20.94 10.39
C LEU F 65 -30.34 20.41 9.01
N VAL F 66 -29.31 20.99 8.39
CA VAL F 66 -28.79 20.57 7.08
C VAL F 66 -27.26 20.36 7.12
N GLN F 67 -26.71 19.76 6.07
CA GLN F 67 -25.30 19.41 5.99
C GLN F 67 -25.06 18.15 6.83
N THR F 68 -24.73 17.07 6.14
CA THR F 68 -24.64 15.73 6.74
C THR F 68 -23.76 15.70 7.98
N ARG F 69 -22.63 16.39 7.93
CA ARG F 69 -21.69 16.35 9.05
C ARG F 69 -22.21 17.10 10.28
N ALA F 70 -23.07 18.09 10.06
CA ALA F 70 -23.68 18.83 11.17
C ALA F 70 -24.77 18.01 11.88
N ILE F 71 -25.55 17.30 11.07
CA ILE F 71 -26.57 16.38 11.55
C ILE F 71 -25.92 15.23 12.33
N LEU F 72 -24.88 14.64 11.74
CA LEU F 72 -24.22 13.48 12.33
C LEU F 72 -23.56 13.82 13.65
N ASN F 73 -22.82 14.92 13.67
CA ASN F 73 -22.25 15.48 14.91
C ASN F 73 -23.28 15.65 16.04
N TYR F 74 -24.40 16.28 15.72
CA TYR F 74 -25.44 16.57 16.71
C TYR F 74 -25.97 15.30 17.38
N ILE F 75 -26.38 14.35 16.53
CA ILE F 75 -26.86 13.03 16.91
C ILE F 75 -25.85 12.23 17.75
N ALA F 76 -24.58 12.28 17.36
CA ALA F 76 -23.49 11.55 18.03
C ALA F 76 -23.25 12.09 19.43
N SER F 77 -23.36 13.41 19.57
CA SER F 77 -23.23 14.11 20.85
C SER F 77 -24.41 13.85 21.79
N LYS F 78 -25.61 13.94 21.26
CA LYS F 78 -26.81 13.71 22.07
C LYS F 78 -26.79 12.33 22.72
N TYR F 79 -26.44 11.31 21.94
CA TYR F 79 -26.50 9.91 22.39
C TYR F 79 -25.14 9.32 22.77
N ASN F 80 -24.21 10.22 23.12
CA ASN F 80 -22.88 9.91 23.64
C ASN F 80 -22.01 8.96 22.82
N LEU F 81 -21.97 9.19 21.51
CA LEU F 81 -21.22 8.33 20.59
C LEU F 81 -20.04 9.05 19.95
N TYR F 82 -19.69 10.20 20.50
CA TYR F 82 -18.63 11.07 19.99
C TYR F 82 -17.48 11.22 21.00
N GLY F 83 -17.32 10.25 21.90
CA GLY F 83 -16.19 10.19 22.84
C GLY F 83 -16.45 10.91 24.16
N LYS F 84 -15.48 10.86 25.07
CA LYS F 84 -15.64 11.49 26.39
C LYS F 84 -14.90 12.81 26.55
N ASP F 85 -13.86 13.02 25.75
CA ASP F 85 -13.13 14.30 25.74
C ASP F 85 -12.70 14.74 24.35
N ILE F 86 -12.22 15.97 24.23
CA ILE F 86 -11.86 16.57 22.94
C ILE F 86 -10.67 15.88 22.27
N LYS F 87 -9.80 15.28 23.07
CA LYS F 87 -8.75 14.42 22.54
C LYS F 87 -9.33 13.12 21.96
N GLU F 88 -10.43 12.62 22.55
CA GLU F 88 -11.13 11.48 21.99
C GLU F 88 -11.91 11.84 20.73
N LYS F 89 -12.55 13.01 20.74
CA LYS F 89 -13.25 13.56 19.59
C LYS F 89 -12.31 13.71 18.39
N ALA F 90 -11.06 14.10 18.67
CA ALA F 90 -10.04 14.35 17.65
C ALA F 90 -9.67 13.05 16.94
N LEU F 91 -9.39 12.02 17.75
CA LEU F 91 -9.22 10.66 17.24
C LEU F 91 -10.41 10.20 16.39
N ILE F 92 -11.62 10.35 16.95
CA ILE F 92 -12.88 10.00 16.29
C ILE F 92 -13.06 10.79 15.00
N ASP F 93 -12.85 12.11 15.05
CA ASP F 93 -12.90 12.94 13.85
C ASP F 93 -11.94 12.50 12.76
N MET F 94 -10.67 12.30 13.11
CA MET F 94 -9.67 11.84 12.15
C MET F 94 -10.04 10.53 11.44
N TYR F 95 -10.55 9.54 12.19
CA TYR F 95 -10.91 8.22 11.65
C TYR F 95 -12.11 8.25 10.69
N ILE F 96 -13.20 8.86 11.16
CA ILE F 96 -14.45 8.94 10.39
C ILE F 96 -14.36 9.85 9.18
N GLU F 97 -13.39 10.76 9.17
CA GLU F 97 -13.13 11.59 8.02
C GLU F 97 -12.39 10.77 6.96
N GLY F 98 -11.53 9.87 7.42
CA GLY F 98 -10.94 8.81 6.56
C GLY F 98 -11.98 7.84 6.06
N ILE F 99 -12.87 7.40 6.95
CA ILE F 99 -14.00 6.54 6.57
C ILE F 99 -14.89 7.24 5.54
N ALA F 100 -15.07 8.55 5.72
CA ALA F 100 -15.90 9.33 4.82
C ALA F 100 -15.26 9.49 3.45
N ASP F 101 -13.94 9.57 3.40
CA ASP F 101 -13.22 9.79 2.15
C ASP F 101 -13.39 8.63 1.17
N LEU F 102 -13.36 7.40 1.70
CA LEU F 102 -13.53 6.19 0.91
C LEU F 102 -15.03 5.96 0.67
N GLY F 103 -15.85 6.38 1.63
CA GLY F 103 -17.28 6.31 1.51
C GLY F 103 -17.78 7.19 0.37
N GLU F 104 -17.13 8.33 0.20
CA GLU F 104 -17.48 9.28 -0.87
C GLU F 104 -17.24 8.69 -2.25
N MET F 105 -16.10 8.02 -2.44
CA MET F 105 -15.76 7.37 -3.70
C MET F 105 -16.84 6.36 -4.04
N ILE F 106 -17.21 5.59 -3.02
CA ILE F 106 -18.19 4.51 -3.14
C ILE F 106 -19.55 5.09 -3.46
N LEU F 107 -19.91 6.14 -2.73
CA LEU F 107 -21.14 6.90 -2.93
C LEU F 107 -21.28 7.39 -4.38
N LEU F 108 -20.16 7.88 -4.95
CA LEU F 108 -20.14 8.51 -6.27
C LEU F 108 -20.03 7.52 -7.43
N LEU F 109 -19.40 6.37 -7.19
CA LEU F 109 -19.21 5.32 -8.19
C LEU F 109 -20.40 5.04 -9.12
N PRO F 110 -21.61 4.85 -8.57
CA PRO F 110 -22.69 4.51 -9.50
C PRO F 110 -23.17 5.68 -10.37
N PHE F 111 -22.98 6.91 -9.89
CA PHE F 111 -23.40 8.11 -10.64
C PHE F 111 -22.35 8.53 -11.65
N THR F 112 -21.43 7.62 -11.94
CA THR F 112 -20.27 7.87 -12.77
C THR F 112 -20.49 7.35 -14.20
N GLN F 113 -19.78 7.96 -15.15
CA GLN F 113 -19.83 7.54 -16.57
C GLN F 113 -19.39 6.08 -16.70
N PRO F 114 -20.20 5.26 -17.41
CA PRO F 114 -19.93 3.85 -17.74
C PRO F 114 -18.48 3.54 -18.17
N GLU F 115 -17.82 4.49 -18.83
CA GLU F 115 -16.42 4.34 -19.24
C GLU F 115 -15.43 4.82 -18.16
N GLU F 116 -15.96 5.36 -17.06
CA GLU F 116 -15.17 5.75 -15.90
C GLU F 116 -15.20 4.66 -14.82
N GLN F 117 -16.29 3.89 -14.82
CA GLN F 117 -16.59 2.91 -13.77
C GLN F 117 -15.48 1.91 -13.46
N ASP F 118 -14.92 1.30 -14.49
CA ASP F 118 -13.86 0.31 -14.34
C ASP F 118 -12.69 0.78 -13.50
N ALA F 119 -12.13 1.94 -13.86
CA ALA F 119 -10.99 2.54 -13.16
C ALA F 119 -11.36 2.99 -11.73
N LYS F 120 -12.55 3.57 -11.59
CA LYS F 120 -13.08 4.05 -10.31
C LYS F 120 -13.20 2.92 -9.27
N LEU F 121 -13.82 1.81 -9.67
CA LEU F 121 -13.86 0.61 -8.83
C LEU F 121 -12.45 0.20 -8.46
N ALA F 122 -11.58 0.11 -9.47
CA ALA F 122 -10.19 -0.30 -9.28
C ALA F 122 -9.42 0.61 -8.31
N LEU F 123 -9.76 1.90 -8.30
CA LEU F 123 -9.18 2.83 -7.33
C LEU F 123 -9.72 2.56 -5.91
N ILE F 124 -11.03 2.29 -5.82
CA ILE F 124 -11.68 1.88 -4.56
C ILE F 124 -11.03 0.62 -4.01
N GLN F 125 -10.82 -0.38 -4.87
CA GLN F 125 -10.17 -1.64 -4.50
C GLN F 125 -8.74 -1.44 -3.99
N GLU F 126 -7.98 -0.61 -4.70
CA GLU F 126 -6.60 -0.31 -4.38
C GLU F 126 -6.46 0.38 -3.01
N LYS F 127 -7.17 1.50 -2.86
CA LYS F 127 -7.15 2.33 -1.65
C LYS F 127 -7.68 1.59 -0.41
N THR F 128 -8.63 0.70 -0.63
CA THR F 128 -9.17 -0.15 0.43
C THR F 128 -8.06 -1.06 0.99
N LYS F 129 -7.41 -1.82 0.10
CA LYS F 129 -6.38 -2.79 0.50
C LYS F 129 -5.13 -2.12 1.03
N ASN F 130 -4.75 -1.01 0.41
CA ASN F 130 -3.45 -0.36 0.65
C ASN F 130 -3.48 0.84 1.60
N ARG F 131 -4.64 1.43 1.85
CA ARG F 131 -4.70 2.67 2.63
C ARG F 131 -5.66 2.67 3.83
N TYR F 132 -6.91 2.30 3.59
CA TYR F 132 -7.93 2.47 4.63
C TYR F 132 -8.03 1.25 5.55
N PHE F 133 -8.21 0.07 4.97
CA PHE F 133 -8.25 -1.15 5.81
C PHE F 133 -6.98 -1.35 6.67
N PRO F 134 -5.76 -1.14 6.10
CA PRO F 134 -4.56 -1.19 6.94
C PRO F 134 -4.59 -0.22 8.13
N ALA F 135 -5.02 1.02 7.89
CA ALA F 135 -5.12 2.05 8.92
C ALA F 135 -5.99 1.67 10.13
N PHE F 136 -7.18 1.12 9.88
CA PHE F 136 -8.08 0.74 11.00
C PHE F 136 -7.69 -0.63 11.59
N GLU F 137 -7.09 -1.47 10.77
CA GLU F 137 -6.47 -2.72 11.27
C GLU F 137 -5.36 -2.36 12.28
N LYS F 138 -4.54 -1.38 11.92
CA LYS F 138 -3.48 -0.82 12.77
C LYS F 138 -3.97 -0.31 14.12
N VAL F 139 -5.05 0.46 14.11
CA VAL F 139 -5.65 1.01 15.33
C VAL F 139 -6.09 -0.07 16.33
N LEU F 140 -6.85 -1.06 15.84
CA LEU F 140 -7.39 -2.09 16.71
C LEU F 140 -6.27 -2.97 17.30
N LYS F 141 -5.30 -3.33 16.46
CA LYS F 141 -4.13 -4.10 16.86
C LYS F 141 -3.30 -3.37 17.92
N SER F 142 -3.06 -2.06 17.70
CA SER F 142 -2.25 -1.25 18.61
C SER F 142 -2.74 -1.26 20.07
N HIS F 143 -4.02 -0.95 20.28
CA HIS F 143 -4.58 -1.00 21.64
C HIS F 143 -5.22 -2.34 22.06
N GLY F 144 -5.29 -3.29 21.11
CA GLY F 144 -5.88 -4.63 21.37
C GLY F 144 -7.30 -4.63 21.92
N GLN F 145 -8.04 -3.54 21.67
CA GLN F 145 -9.40 -3.36 22.24
C GLN F 145 -10.50 -3.64 21.22
N ASP F 146 -11.74 -3.75 21.69
CA ASP F 146 -12.84 -4.24 20.84
C ASP F 146 -13.51 -3.14 20.01
N TYR F 147 -13.16 -1.90 20.32
CA TYR F 147 -13.75 -0.72 19.69
C TYR F 147 -12.64 0.20 19.20
N LEU F 148 -12.95 1.01 18.20
CA LEU F 148 -11.97 1.89 17.56
C LEU F 148 -11.39 2.92 18.51
N VAL F 149 -12.27 3.53 19.32
CA VAL F 149 -11.88 4.60 20.20
C VAL F 149 -12.39 4.37 21.63
N GLY F 150 -11.45 4.33 22.56
CA GLY F 150 -11.78 4.47 23.97
C GLY F 150 -12.44 3.25 24.56
N ASN F 151 -12.15 2.09 23.98
CA ASN F 151 -12.64 0.80 24.51
C ASN F 151 -14.16 0.81 24.79
N LYS F 152 -14.90 1.45 23.88
CA LYS F 152 -16.32 1.80 24.06
C LYS F 152 -16.88 2.11 22.66
N LEU F 153 -18.12 1.71 22.40
CA LEU F 153 -18.80 1.97 21.13
C LEU F 153 -18.90 3.47 20.81
N SER F 154 -18.34 3.88 19.68
CA SER F 154 -18.43 5.25 19.20
C SER F 154 -19.04 5.28 17.80
N ARG F 155 -19.25 6.49 17.28
CA ARG F 155 -19.72 6.66 15.89
C ARG F 155 -18.74 6.06 14.89
N ALA F 156 -17.47 6.04 15.25
CA ALA F 156 -16.44 5.51 14.36
C ALA F 156 -16.73 4.04 14.03
N ASP F 157 -17.11 3.28 15.07
CA ASP F 157 -17.47 1.88 14.90
C ASP F 157 -18.67 1.75 13.98
N ILE F 158 -19.71 2.56 14.22
CA ILE F 158 -20.92 2.56 13.38
C ILE F 158 -20.58 2.88 11.94
N HIS F 159 -19.93 4.03 11.71
CA HIS F 159 -19.62 4.47 10.34
C HIS F 159 -18.69 3.51 9.60
N LEU F 160 -17.72 2.91 10.31
CA LEU F 160 -16.83 1.94 9.66
C LEU F 160 -17.59 0.68 9.26
N VAL F 161 -18.43 0.16 10.13
CA VAL F 161 -19.12 -1.10 9.84
C VAL F 161 -20.13 -0.94 8.70
N GLU F 162 -20.87 0.17 8.70
CA GLU F 162 -21.66 0.55 7.54
C GLU F 162 -20.87 0.41 6.22
N LEU F 163 -19.66 0.97 6.20
CA LEU F 163 -18.81 1.01 5.02
C LEU F 163 -18.32 -0.39 4.65
N LEU F 164 -18.05 -1.20 5.67
CA LEU F 164 -17.64 -2.60 5.49
C LEU F 164 -18.68 -3.41 4.71
N TYR F 165 -19.96 -3.11 4.97
CA TYR F 165 -21.07 -3.69 4.22
C TYR F 165 -21.13 -3.25 2.76
N TYR F 166 -20.77 -2.01 2.44
CA TYR F 166 -20.76 -1.58 1.04
C TYR F 166 -19.57 -2.15 0.31
N VAL F 167 -18.44 -2.25 1.01
CA VAL F 167 -17.21 -2.84 0.45
C VAL F 167 -17.46 -4.32 0.08
N GLU F 168 -18.10 -5.07 0.98
CA GLU F 168 -18.54 -6.44 0.69
C GLU F 168 -19.39 -6.56 -0.59
N GLU F 169 -20.43 -5.72 -0.72
CA GLU F 169 -21.27 -5.69 -1.93
C GLU F 169 -20.45 -5.50 -3.19
N LEU F 170 -19.48 -4.59 -3.10
CA LEU F 170 -18.54 -4.28 -4.17
C LEU F 170 -17.58 -5.42 -4.44
N ASP F 171 -16.99 -5.98 -3.38
CA ASP F 171 -15.96 -7.03 -3.52
C ASP F 171 -15.73 -7.72 -2.17
N SER F 172 -16.30 -8.92 -2.01
CA SER F 172 -16.27 -9.63 -0.75
C SER F 172 -14.86 -10.08 -0.28
N SER F 173 -13.91 -10.14 -1.21
CA SER F 173 -12.52 -10.47 -0.85
C SER F 173 -11.69 -9.34 -0.20
N LEU F 174 -12.10 -8.08 -0.37
CA LEU F 174 -11.28 -6.94 0.12
C LEU F 174 -10.96 -6.93 1.61
N ILE F 175 -11.82 -7.53 2.44
CA ILE F 175 -11.59 -7.54 3.88
C ILE F 175 -10.80 -8.79 4.29
N SER F 176 -10.51 -9.66 3.32
CA SER F 176 -10.00 -11.02 3.60
C SER F 176 -8.81 -11.07 4.58
N SER F 177 -7.84 -10.18 4.38
CA SER F 177 -6.62 -10.18 5.21
C SER F 177 -6.70 -9.27 6.42
N PHE F 178 -7.93 -8.92 6.81
CA PHE F 178 -8.15 -8.01 7.94
C PHE F 178 -9.10 -8.60 9.01
N PRO F 179 -8.58 -9.58 9.80
CA PRO F 179 -9.33 -10.25 10.88
C PRO F 179 -9.95 -9.36 11.95
N LEU F 180 -9.25 -8.32 12.40
CA LEU F 180 -9.84 -7.42 13.42
C LEU F 180 -10.96 -6.57 12.82
N LEU F 181 -10.87 -6.31 11.52
CA LEU F 181 -11.95 -5.68 10.76
C LEU F 181 -13.14 -6.62 10.60
N LYS F 182 -12.88 -7.89 10.26
CA LYS F 182 -13.95 -8.90 10.21
C LYS F 182 -14.64 -8.99 11.57
N ALA F 183 -13.83 -9.12 12.63
CA ALA F 183 -14.31 -9.21 14.00
C ALA F 183 -15.17 -8.02 14.44
N LEU F 184 -14.71 -6.80 14.11
CA LEU F 184 -15.42 -5.57 14.46
C LEU F 184 -16.80 -5.57 13.82
N LYS F 185 -16.85 -6.01 12.56
CA LYS F 185 -18.11 -6.07 11.81
C LYS F 185 -19.12 -6.96 12.56
N THR F 186 -18.67 -8.14 12.97
CA THR F 186 -19.50 -9.12 13.64
C THR F 186 -20.00 -8.59 14.98
N ARG F 187 -19.08 -8.05 15.79
CA ARG F 187 -19.41 -7.39 17.06
C ARG F 187 -20.45 -6.27 16.93
N ILE F 188 -20.24 -5.32 16.03
CA ILE F 188 -21.19 -4.24 15.85
C ILE F 188 -22.54 -4.74 15.31
N SER F 189 -22.50 -5.63 14.33
CA SER F 189 -23.73 -6.20 13.75
C SER F 189 -24.56 -7.01 14.75
N ASN F 190 -23.94 -7.57 15.79
CA ASN F 190 -24.70 -8.30 16.83
C ASN F 190 -25.36 -7.42 17.91
N LEU F 191 -25.10 -6.11 17.90
CA LEU F 191 -25.75 -5.24 18.87
C LEU F 191 -27.24 -5.15 18.57
N PRO F 192 -28.11 -5.33 19.59
CA PRO F 192 -29.58 -5.35 19.48
C PRO F 192 -30.21 -4.30 18.55
N THR F 193 -29.59 -3.12 18.48
CA THR F 193 -30.11 -2.03 17.65
C THR F 193 -29.75 -2.18 16.18
N VAL F 194 -28.51 -2.58 15.92
CA VAL F 194 -28.00 -2.76 14.55
C VAL F 194 -28.43 -4.11 13.96
N LYS F 195 -28.66 -5.10 14.82
CA LYS F 195 -29.24 -6.37 14.40
C LYS F 195 -30.61 -6.15 13.78
N LYS F 196 -31.42 -5.34 14.45
CA LYS F 196 -32.76 -5.05 14.02
C LYS F 196 -32.78 -4.17 12.76
N PHE F 197 -31.91 -3.16 12.74
CA PHE F 197 -31.77 -2.29 11.59
C PHE F 197 -31.36 -3.12 10.38
N LEU F 198 -30.63 -4.21 10.61
CA LEU F 198 -30.16 -5.05 9.49
C LEU F 198 -31.22 -6.07 9.02
N GLN F 199 -32.30 -6.19 9.79
CA GLN F 199 -33.40 -7.12 9.48
C GLN F 199 -34.31 -6.57 8.37
N PRO F 200 -35.06 -7.43 7.65
CA PRO F 200 -35.85 -6.91 6.54
C PRO F 200 -36.97 -6.03 7.02
N GLY F 201 -37.44 -5.10 6.18
CA GLY F 201 -38.50 -4.14 6.50
C GLY F 201 -38.05 -2.88 7.22
N SER F 202 -36.75 -2.81 7.55
CA SER F 202 -36.15 -1.66 8.24
C SER F 202 -36.00 -0.44 7.32
N PRO F 203 -35.64 0.74 7.87
CA PRO F 203 -35.32 1.93 7.06
C PRO F 203 -34.01 1.82 6.26
N ARG F 204 -33.26 0.75 6.47
CA ARG F 204 -32.02 0.56 5.70
C ARG F 204 -32.36 0.52 4.22
N LYS F 205 -31.59 1.25 3.42
CA LYS F 205 -31.82 1.34 1.97
C LYS F 205 -30.94 0.36 1.16
N PRO F 206 -31.46 -0.12 0.01
CA PRO F 206 -30.82 -0.97 -0.97
C PRO F 206 -29.76 -0.24 -1.77
N PRO F 207 -28.89 -0.98 -2.48
CA PRO F 207 -28.02 -0.42 -3.50
C PRO F 207 -28.79 0.35 -4.59
N MET F 208 -28.12 1.28 -5.26
CA MET F 208 -28.72 1.95 -6.40
C MET F 208 -28.99 0.95 -7.53
N ASP F 209 -30.03 1.22 -8.29
CA ASP F 209 -30.24 0.51 -9.53
C ASP F 209 -30.58 1.50 -10.64
N GLU F 210 -30.80 1.00 -11.85
CA GLU F 210 -31.09 1.87 -12.99
C GLU F 210 -32.33 2.74 -12.76
N LYS F 211 -33.37 2.17 -12.14
CA LYS F 211 -34.58 2.92 -11.81
C LYS F 211 -34.30 4.09 -10.86
N SER F 212 -33.66 3.80 -9.72
CA SER F 212 -33.38 4.83 -8.72
C SER F 212 -32.25 5.75 -9.17
N LEU F 213 -31.42 5.26 -10.10
CA LEU F 213 -30.38 6.07 -10.71
C LEU F 213 -31.03 7.16 -11.54
N GLU F 214 -32.03 6.77 -12.32
CA GLU F 214 -32.81 7.68 -13.17
C GLU F 214 -33.67 8.66 -12.34
N GLU F 215 -34.22 8.18 -11.23
CA GLU F 215 -35.06 8.98 -10.36
C GLU F 215 -34.26 10.05 -9.65
N SER F 216 -33.03 9.70 -9.30
CA SER F 216 -32.10 10.66 -8.69
C SER F 216 -31.74 11.77 -9.67
N ARG F 217 -31.57 11.43 -10.94
CA ARG F 217 -31.23 12.40 -11.98
C ARG F 217 -32.34 13.43 -12.27
N LYS F 218 -33.60 13.00 -12.13
CA LYS F 218 -34.75 13.90 -12.26
C LYS F 218 -34.87 14.80 -11.04
N ILE F 219 -34.94 14.17 -9.85
CA ILE F 219 -35.12 14.89 -8.58
C ILE F 219 -34.06 15.96 -8.34
N PHE F 220 -32.80 15.57 -8.43
CA PHE F 220 -31.69 16.45 -8.09
C PHE F 220 -31.10 17.20 -9.28
N ARG F 221 -31.74 17.02 -10.44
CA ARG F 221 -31.44 17.78 -11.67
C ARG F 221 -30.01 17.62 -12.20
N PHE F 222 -29.67 16.39 -12.57
CA PHE F 222 -28.41 16.11 -13.28
C PHE F 222 -28.48 14.78 -14.03
N ALA G 2 -25.74 -7.16 53.47
CA ALA G 2 -24.41 -7.80 53.25
C ALA G 2 -23.23 -6.91 53.72
N GLU G 3 -22.23 -7.54 54.33
CA GLU G 3 -20.99 -6.89 54.76
C GLU G 3 -19.82 -7.43 53.94
N LYS G 4 -18.63 -7.48 54.53
CA LYS G 4 -17.47 -8.11 53.87
C LYS G 4 -17.39 -9.60 54.25
N PRO G 5 -17.57 -10.49 53.25
CA PRO G 5 -17.28 -11.93 53.37
C PRO G 5 -15.90 -12.22 53.95
N LYS G 6 -15.84 -13.19 54.86
CA LYS G 6 -14.57 -13.56 55.48
C LYS G 6 -14.10 -14.93 55.01
N LEU G 7 -12.90 -14.93 54.42
CA LEU G 7 -12.28 -16.12 53.86
C LEU G 7 -11.28 -16.71 54.85
N HIS G 8 -11.47 -17.98 55.19
CA HIS G 8 -10.58 -18.70 56.10
C HIS G 8 -9.73 -19.67 55.30
N TYR G 9 -8.42 -19.41 55.27
CA TYR G 9 -7.46 -20.22 54.51
C TYR G 9 -6.06 -19.73 54.89
N SER G 10 -5.04 -20.43 54.40
CA SER G 10 -3.66 -19.94 54.48
C SER G 10 -3.31 -19.02 53.29
N ASN G 11 -2.13 -18.39 53.38
CA ASN G 11 -1.66 -17.43 52.40
C ASN G 11 -1.08 -18.16 51.20
N ILE G 12 -1.90 -19.01 50.58
CA ILE G 12 -1.57 -19.72 49.32
C ILE G 12 -2.75 -19.64 48.37
N ARG G 13 -2.52 -19.99 47.11
CA ARG G 13 -3.60 -20.10 46.13
C ARG G 13 -4.56 -21.16 46.57
N GLY G 14 -4.11 -22.42 46.55
CA GLY G 14 -4.87 -23.55 47.07
C GLY G 14 -6.26 -23.66 46.47
N ARG G 15 -7.24 -23.95 47.32
CA ARG G 15 -8.62 -24.13 46.90
C ARG G 15 -9.44 -22.87 47.15
N MET G 16 -8.82 -21.88 47.78
CA MET G 16 -9.43 -20.56 47.99
C MET G 16 -9.31 -19.60 46.80
N GLU G 17 -8.28 -19.78 45.98
CA GLU G 17 -7.94 -18.86 44.88
C GLU G 17 -9.02 -18.59 43.81
N SER G 18 -9.80 -19.60 43.44
CA SER G 18 -10.89 -19.35 42.49
C SER G 18 -12.00 -18.50 43.12
N ILE G 19 -12.15 -18.58 44.44
CA ILE G 19 -13.12 -17.78 45.18
C ILE G 19 -12.68 -16.31 45.26
N ARG G 20 -11.38 -16.09 45.49
CA ARG G 20 -10.78 -14.74 45.41
C ARG G 20 -11.00 -14.10 44.01
N TRP G 21 -10.64 -14.79 42.94
CA TRP G 21 -10.91 -14.31 41.57
C TRP G 21 -12.40 -13.98 41.35
N LEU G 22 -13.31 -14.86 41.79
CA LEU G 22 -14.74 -14.63 41.54
C LEU G 22 -15.28 -13.43 42.34
N LEU G 23 -14.95 -13.35 43.62
CA LEU G 23 -15.31 -12.19 44.43
C LEU G 23 -14.73 -10.90 43.85
N ALA G 24 -13.38 -10.86 43.74
CA ALA G 24 -12.71 -9.74 43.09
C ALA G 24 -13.35 -9.32 41.77
N ALA G 25 -13.65 -10.30 40.91
CA ALA G 25 -14.23 -10.02 39.59
C ALA G 25 -15.64 -9.43 39.65
N ALA G 26 -16.42 -9.82 40.66
CA ALA G 26 -17.76 -9.27 40.88
C ALA G 26 -17.69 -7.90 41.57
N GLY G 27 -16.48 -7.52 41.99
CA GLY G 27 -16.23 -6.24 42.68
C GLY G 27 -16.59 -6.26 44.16
N VAL G 28 -16.42 -7.41 44.79
CA VAL G 28 -16.79 -7.58 46.20
C VAL G 28 -15.56 -7.58 47.10
N GLU G 29 -15.52 -6.61 48.03
CA GLU G 29 -14.48 -6.53 49.06
C GLU G 29 -14.60 -7.64 50.11
N PHE G 30 -13.49 -8.27 50.44
CA PHE G 30 -13.49 -9.39 51.40
C PHE G 30 -12.28 -9.37 52.34
N GLU G 31 -12.48 -9.85 53.57
CA GLU G 31 -11.38 -10.02 54.53
C GLU G 31 -10.85 -11.44 54.44
N GLU G 32 -9.57 -11.61 54.80
CA GLU G 32 -9.00 -12.94 54.86
C GLU G 32 -8.33 -13.17 56.20
N LYS G 33 -8.89 -14.09 56.98
CA LYS G 33 -8.23 -14.58 58.18
C LYS G 33 -7.25 -15.66 57.77
N PHE G 34 -5.96 -15.34 57.80
CA PHE G 34 -4.96 -16.33 57.38
C PHE G 34 -4.62 -17.33 58.46
N ILE G 35 -4.72 -18.60 58.09
CA ILE G 35 -4.23 -19.70 58.91
C ILE G 35 -2.71 -19.75 58.73
N LYS G 36 -1.98 -19.69 59.85
CA LYS G 36 -0.50 -19.71 59.82
C LYS G 36 0.10 -20.97 60.44
N SER G 37 -0.77 -21.82 61.00
CA SER G 37 -0.35 -22.99 61.77
C SER G 37 -1.37 -24.13 61.71
N ALA G 38 -0.89 -25.37 61.85
CA ALA G 38 -1.77 -26.54 62.06
C ALA G 38 -2.74 -26.33 63.24
N GLU G 39 -2.28 -25.60 64.25
CA GLU G 39 -3.08 -25.24 65.42
C GLU G 39 -4.12 -24.18 65.08
N ASP G 40 -3.82 -23.34 64.09
CA ASP G 40 -4.79 -22.36 63.63
C ASP G 40 -5.94 -23.10 62.97
N LEU G 41 -5.60 -24.18 62.25
CA LEU G 41 -6.54 -25.05 61.57
C LEU G 41 -7.35 -25.89 62.58
N ASP G 42 -6.68 -26.38 63.61
CA ASP G 42 -7.32 -27.15 64.65
C ASP G 42 -8.36 -26.35 65.42
N LYS G 43 -8.13 -25.04 65.54
CA LYS G 43 -9.01 -24.14 66.32
C LYS G 43 -10.34 -23.83 65.67
N LEU G 44 -10.36 -23.85 64.33
CA LEU G 44 -11.60 -23.70 63.55
C LEU G 44 -12.48 -24.96 63.67
N ARG G 45 -11.83 -26.12 63.67
CA ARG G 45 -12.51 -27.40 63.84
C ARG G 45 -13.26 -27.47 65.16
N ASN G 46 -12.52 -27.37 66.27
CA ASN G 46 -13.09 -27.46 67.62
C ASN G 46 -14.25 -26.49 67.85
N ASP G 47 -14.20 -25.32 67.20
CA ASP G 47 -15.22 -24.30 67.37
C ASP G 47 -16.50 -24.58 66.57
N GLY G 48 -16.46 -25.64 65.76
CA GLY G 48 -17.63 -26.06 64.99
C GLY G 48 -17.83 -25.23 63.73
N TYR G 49 -16.76 -24.56 63.30
CA TYR G 49 -16.77 -23.69 62.12
C TYR G 49 -16.73 -24.47 60.79
N LEU G 50 -16.03 -25.60 60.78
CA LEU G 50 -15.82 -26.41 59.58
C LEU G 50 -16.69 -27.67 59.53
N MET G 51 -17.78 -27.61 58.77
CA MET G 51 -18.73 -28.73 58.71
C MET G 51 -18.11 -30.12 58.43
N PHE G 52 -17.08 -30.17 57.58
CA PHE G 52 -16.40 -31.43 57.30
C PHE G 52 -14.92 -31.40 57.72
N GLN G 53 -14.58 -30.53 58.69
CA GLN G 53 -13.21 -30.43 59.22
C GLN G 53 -12.20 -29.87 58.19
N GLN G 54 -12.72 -29.15 57.19
CA GLN G 54 -11.91 -28.69 56.05
C GLN G 54 -12.14 -27.22 55.69
N VAL G 55 -11.10 -26.57 55.16
CA VAL G 55 -11.22 -25.28 54.47
C VAL G 55 -10.94 -25.48 52.96
N PRO G 56 -11.41 -24.56 52.09
CA PRO G 56 -12.10 -23.27 52.20
C PRO G 56 -13.33 -23.22 53.13
N MET G 57 -13.48 -22.09 53.82
CA MET G 57 -14.73 -21.70 54.49
C MET G 57 -14.89 -20.19 54.38
N VAL G 58 -16.09 -19.75 54.03
CA VAL G 58 -16.39 -18.34 53.83
C VAL G 58 -17.64 -17.94 54.60
N GLU G 59 -17.47 -17.05 55.57
CA GLU G 59 -18.60 -16.47 56.28
C GLU G 59 -19.24 -15.42 55.37
N ILE G 60 -20.46 -15.70 54.94
CA ILE G 60 -21.16 -14.86 53.98
C ILE G 60 -22.66 -14.98 54.25
N ASP G 61 -23.30 -13.83 54.44
CA ASP G 61 -24.73 -13.74 54.76
C ASP G 61 -25.17 -14.68 55.88
N GLY G 62 -24.39 -14.71 56.96
CA GLY G 62 -24.71 -15.49 58.16
C GLY G 62 -24.38 -16.96 58.14
N MET G 63 -24.10 -17.50 56.95
CA MET G 63 -23.71 -18.91 56.77
C MET G 63 -22.21 -19.07 56.88
N LYS G 64 -21.79 -20.27 57.29
CA LYS G 64 -20.39 -20.69 57.21
C LYS G 64 -20.22 -21.74 56.11
N LEU G 65 -20.10 -21.29 54.87
CA LEU G 65 -20.04 -22.18 53.73
C LEU G 65 -18.68 -22.86 53.63
N VAL G 66 -18.67 -24.19 53.61
CA VAL G 66 -17.47 -24.95 53.17
C VAL G 66 -17.74 -25.66 51.83
N GLN G 67 -16.71 -26.31 51.30
CA GLN G 67 -16.76 -26.94 49.98
C GLN G 67 -16.67 -25.87 48.89
N THR G 68 -15.55 -25.84 48.19
CA THR G 68 -15.27 -24.83 47.17
C THR G 68 -16.49 -24.53 46.29
N ARG G 69 -17.16 -25.61 45.84
CA ARG G 69 -18.22 -25.53 44.86
C ARG G 69 -19.47 -24.91 45.42
N ALA G 70 -19.76 -25.19 46.69
CA ALA G 70 -20.90 -24.57 47.37
C ALA G 70 -20.71 -23.06 47.40
N ILE G 71 -19.54 -22.62 47.85
CA ILE G 71 -19.13 -21.22 47.94
C ILE G 71 -19.22 -20.46 46.60
N LEU G 72 -18.61 -21.02 45.57
CA LEU G 72 -18.66 -20.41 44.23
C LEU G 72 -20.07 -20.30 43.69
N ASN G 73 -20.83 -21.40 43.76
CA ASN G 73 -22.21 -21.43 43.29
C ASN G 73 -23.05 -20.29 43.83
N TYR G 74 -22.91 -20.01 45.14
CA TYR G 74 -23.70 -19.00 45.87
C TYR G 74 -23.29 -17.58 45.50
N ILE G 75 -21.97 -17.34 45.47
CA ILE G 75 -21.38 -16.07 45.00
C ILE G 75 -21.80 -15.75 43.56
N ALA G 76 -21.79 -16.77 42.71
CA ALA G 76 -22.15 -16.63 41.29
C ALA G 76 -23.61 -16.23 41.10
N SER G 77 -24.50 -16.80 41.92
CA SER G 77 -25.94 -16.57 41.81
C SER G 77 -26.34 -15.24 42.43
N LYS G 78 -25.75 -14.95 43.59
CA LYS G 78 -25.96 -13.69 44.32
C LYS G 78 -25.64 -12.46 43.47
N TYR G 79 -24.68 -12.63 42.55
CA TYR G 79 -24.14 -11.51 41.77
C TYR G 79 -24.33 -11.64 40.27
N ASN G 80 -25.19 -12.57 39.88
CA ASN G 80 -25.65 -12.67 38.49
C ASN G 80 -24.55 -13.00 37.48
N LEU G 81 -23.75 -14.02 37.80
CA LEU G 81 -22.69 -14.51 36.94
C LEU G 81 -22.84 -16.01 36.75
N TYR G 82 -24.07 -16.49 36.94
CA TYR G 82 -24.38 -17.91 36.82
C TYR G 82 -25.43 -18.14 35.73
N GLY G 83 -25.84 -17.07 35.04
CA GLY G 83 -26.78 -17.16 33.92
C GLY G 83 -28.18 -16.72 34.31
N LYS G 84 -29.06 -16.59 33.33
CA LYS G 84 -30.42 -16.09 33.60
C LYS G 84 -31.43 -17.23 33.67
N ASP G 85 -31.08 -18.39 33.10
CA ASP G 85 -31.94 -19.57 33.22
C ASP G 85 -31.25 -20.96 33.27
N ILE G 86 -32.00 -21.90 33.84
CA ILE G 86 -31.66 -23.32 33.97
C ILE G 86 -30.83 -23.90 32.83
N LYS G 87 -31.23 -23.62 31.59
CA LYS G 87 -30.50 -24.13 30.42
C LYS G 87 -29.15 -23.42 30.24
N GLU G 88 -29.06 -22.20 30.75
CA GLU G 88 -27.83 -21.40 30.73
C GLU G 88 -26.88 -21.83 31.84
N LYS G 89 -27.43 -22.14 33.02
CA LYS G 89 -26.67 -22.77 34.12
C LYS G 89 -26.02 -24.06 33.64
N ALA G 90 -26.75 -24.85 32.86
CA ALA G 90 -26.27 -26.12 32.34
C ALA G 90 -24.97 -26.01 31.53
N LEU G 91 -24.93 -25.08 30.58
CA LEU G 91 -23.71 -24.80 29.83
C LEU G 91 -22.63 -24.21 30.73
N ILE G 92 -23.02 -23.33 31.63
CA ILE G 92 -22.09 -22.79 32.62
C ILE G 92 -21.50 -23.96 33.43
N ASP G 93 -22.37 -24.74 34.08
CA ASP G 93 -21.96 -25.92 34.87
C ASP G 93 -21.13 -26.91 34.05
N MET G 94 -21.50 -27.17 32.81
CA MET G 94 -20.75 -28.10 31.98
C MET G 94 -19.36 -27.54 31.67
N TYR G 95 -19.29 -26.25 31.35
CA TYR G 95 -18.01 -25.60 31.02
C TYR G 95 -17.13 -25.46 32.26
N ILE G 96 -17.69 -24.89 33.34
CA ILE G 96 -16.91 -24.63 34.58
C ILE G 96 -16.41 -25.93 35.23
N GLU G 97 -17.18 -27.01 35.08
CA GLU G 97 -16.73 -28.32 35.51
C GLU G 97 -15.59 -28.86 34.64
N GLY G 98 -15.62 -28.58 33.33
CA GLY G 98 -14.50 -28.93 32.45
C GLY G 98 -13.23 -28.18 32.80
N ILE G 99 -13.38 -26.88 33.06
CA ILE G 99 -12.30 -26.01 33.53
C ILE G 99 -11.72 -26.52 34.85
N ALA G 100 -12.60 -26.93 35.78
CA ALA G 100 -12.19 -27.43 37.09
C ALA G 100 -11.40 -28.73 36.99
N ASP G 101 -11.70 -29.54 35.98
CA ASP G 101 -10.94 -30.78 35.73
C ASP G 101 -9.49 -30.51 35.38
N LEU G 102 -9.25 -29.49 34.54
CA LEU G 102 -7.90 -29.07 34.18
C LEU G 102 -7.26 -28.19 35.26
N GLY G 103 -8.08 -27.42 35.97
CA GLY G 103 -7.61 -26.69 37.14
C GLY G 103 -7.15 -27.60 38.27
N GLU G 104 -7.76 -28.79 38.35
CA GLU G 104 -7.39 -29.76 39.38
C GLU G 104 -6.04 -30.42 39.07
N MET G 105 -5.82 -30.76 37.81
CA MET G 105 -4.51 -31.26 37.37
C MET G 105 -3.42 -30.26 37.76
N ILE G 106 -3.63 -28.99 37.42
CA ILE G 106 -2.69 -27.89 37.73
C ILE G 106 -2.53 -27.63 39.23
N LEU G 107 -3.64 -27.63 39.97
CA LEU G 107 -3.62 -27.37 41.42
C LEU G 107 -2.76 -28.40 42.15
N LEU G 108 -2.88 -29.65 41.74
CA LEU G 108 -2.19 -30.74 42.39
C LEU G 108 -0.71 -30.84 41.99
N LEU G 109 -0.38 -30.33 40.80
CA LEU G 109 0.95 -30.48 40.19
C LEU G 109 2.16 -30.22 41.11
N PRO G 110 2.23 -29.04 41.75
CA PRO G 110 3.36 -28.75 42.67
C PRO G 110 3.49 -29.72 43.86
N PHE G 111 2.43 -30.45 44.16
CA PHE G 111 2.39 -31.37 45.30
C PHE G 111 2.74 -32.81 44.94
N THR G 112 2.77 -33.11 43.65
CA THR G 112 3.14 -34.46 43.20
C THR G 112 4.64 -34.70 43.39
N GLN G 113 5.00 -35.97 43.58
CA GLN G 113 6.39 -36.35 43.80
C GLN G 113 7.19 -36.04 42.53
N PRO G 114 8.45 -35.55 42.69
CA PRO G 114 9.30 -35.14 41.56
C PRO G 114 9.57 -36.23 40.52
N GLU G 115 9.22 -37.48 40.85
CA GLU G 115 9.40 -38.61 39.94
C GLU G 115 8.28 -38.70 38.89
N GLU G 116 7.15 -38.09 39.21
CA GLU G 116 5.98 -38.08 38.31
C GLU G 116 5.76 -36.74 37.60
N GLN G 117 6.54 -35.73 37.99
CA GLN G 117 6.29 -34.35 37.60
C GLN G 117 6.40 -34.04 36.10
N ASP G 118 7.33 -34.70 35.41
CA ASP G 118 7.48 -34.56 33.97
C ASP G 118 6.29 -35.18 33.24
N ALA G 119 5.90 -36.38 33.67
CA ALA G 119 4.75 -37.10 33.13
C ALA G 119 3.44 -36.39 33.45
N LYS G 120 3.38 -35.73 34.61
CA LYS G 120 2.23 -34.92 35.00
C LYS G 120 2.10 -33.66 34.14
N LEU G 121 3.23 -33.04 33.79
CA LEU G 121 3.22 -31.85 32.95
C LEU G 121 2.80 -32.15 31.50
N ALA G 122 3.34 -33.24 30.95
CA ALA G 122 3.01 -33.65 29.58
C ALA G 122 1.52 -33.96 29.45
N LEU G 123 0.93 -34.50 30.52
CA LEU G 123 -0.50 -34.82 30.55
C LEU G 123 -1.34 -33.53 30.50
N ILE G 124 -0.90 -32.52 31.26
CA ILE G 124 -1.53 -31.21 31.28
C ILE G 124 -1.39 -30.51 29.93
N GLN G 125 -0.21 -30.67 29.32
CA GLN G 125 0.09 -30.06 28.03
C GLN G 125 -0.74 -30.69 26.92
N GLU G 126 -0.72 -32.03 26.87
CA GLU G 126 -1.53 -32.82 25.95
C GLU G 126 -3.04 -32.56 26.08
N LYS G 127 -3.57 -32.54 27.32
CA LYS G 127 -4.99 -32.29 27.53
C LYS G 127 -5.41 -30.89 27.10
N THR G 128 -4.56 -29.91 27.38
CA THR G 128 -4.80 -28.55 26.96
C THR G 128 -4.71 -28.45 25.43
N LYS G 129 -3.69 -29.09 24.85
CA LYS G 129 -3.43 -29.06 23.41
C LYS G 129 -4.53 -29.75 22.61
N ASN G 130 -4.88 -30.97 23.03
CA ASN G 130 -5.80 -31.84 22.31
C ASN G 130 -7.27 -31.73 22.73
N ARG G 131 -7.52 -31.73 24.04
CA ARG G 131 -8.90 -31.77 24.57
C ARG G 131 -9.49 -30.40 24.94
N TYR G 132 -8.94 -29.77 25.97
CA TYR G 132 -9.58 -28.63 26.64
C TYR G 132 -9.66 -27.33 25.83
N PHE G 133 -8.51 -26.82 25.42
CA PHE G 133 -8.48 -25.57 24.63
C PHE G 133 -9.34 -25.59 23.35
N PRO G 134 -9.21 -26.66 22.52
CA PRO G 134 -10.07 -26.75 21.33
C PRO G 134 -11.56 -26.77 21.68
N ALA G 135 -11.90 -27.33 22.85
CA ALA G 135 -13.28 -27.39 23.31
C ALA G 135 -13.87 -26.01 23.60
N PHE G 136 -13.07 -25.09 24.13
CA PHE G 136 -13.56 -23.73 24.40
C PHE G 136 -13.36 -22.80 23.19
N GLU G 137 -12.29 -23.03 22.43
CA GLU G 137 -12.10 -22.38 21.14
C GLU G 137 -13.27 -22.78 20.22
N LYS G 138 -13.72 -24.02 20.35
CA LYS G 138 -14.87 -24.57 19.64
C LYS G 138 -16.14 -23.80 19.97
N VAL G 139 -16.40 -23.59 21.26
CA VAL G 139 -17.58 -22.88 21.75
C VAL G 139 -17.60 -21.44 21.23
N LEU G 140 -16.45 -20.77 21.28
CA LEU G 140 -16.34 -19.38 20.84
C LEU G 140 -16.47 -19.22 19.31
N LYS G 141 -15.90 -20.15 18.55
CA LYS G 141 -16.13 -20.14 17.10
C LYS G 141 -17.63 -20.29 16.85
N SER G 142 -18.16 -21.47 17.19
CA SER G 142 -19.58 -21.81 17.06
C SER G 142 -20.53 -20.57 17.01
N HIS G 143 -20.55 -19.77 18.07
CA HIS G 143 -21.44 -18.60 18.15
C HIS G 143 -20.77 -17.26 17.79
N GLY G 144 -19.44 -17.25 17.69
CA GLY G 144 -18.69 -16.02 17.38
C GLY G 144 -18.92 -14.83 18.31
N GLN G 145 -19.43 -15.09 19.52
CA GLN G 145 -19.64 -14.05 20.52
C GLN G 145 -18.40 -13.87 21.41
N ASP G 146 -18.38 -12.79 22.19
CA ASP G 146 -17.19 -12.37 22.95
C ASP G 146 -17.13 -12.96 24.38
N TYR G 147 -18.22 -13.60 24.79
CA TYR G 147 -18.29 -14.29 26.07
C TYR G 147 -18.78 -15.73 25.84
N LEU G 148 -18.39 -16.63 26.74
CA LEU G 148 -18.65 -18.07 26.58
C LEU G 148 -20.13 -18.45 26.52
N VAL G 149 -20.95 -17.80 27.35
CA VAL G 149 -22.36 -18.13 27.55
C VAL G 149 -23.18 -16.87 27.71
N GLY G 150 -24.27 -16.79 26.95
CA GLY G 150 -25.29 -15.75 27.12
C GLY G 150 -24.94 -14.36 26.62
N ASN G 151 -23.82 -14.24 25.90
CA ASN G 151 -23.33 -12.96 25.38
C ASN G 151 -23.18 -11.87 26.44
N LYS G 152 -22.57 -12.24 27.57
CA LYS G 152 -22.46 -11.37 28.76
C LYS G 152 -21.53 -12.09 29.73
N LEU G 153 -20.79 -11.33 30.56
CA LEU G 153 -19.88 -11.93 31.55
C LEU G 153 -20.56 -12.93 32.48
N SER G 154 -19.99 -14.13 32.57
CA SER G 154 -20.37 -15.10 33.59
C SER G 154 -19.13 -15.60 34.33
N ARG G 155 -19.36 -16.40 35.36
CA ARG G 155 -18.30 -17.00 36.18
C ARG G 155 -17.40 -17.83 35.29
N ALA G 156 -17.98 -18.38 34.23
CA ALA G 156 -17.27 -19.24 33.28
C ALA G 156 -16.12 -18.51 32.57
N ASP G 157 -16.29 -17.21 32.36
CA ASP G 157 -15.23 -16.40 31.72
C ASP G 157 -14.14 -16.14 32.73
N ILE G 158 -14.56 -15.78 33.94
CA ILE G 158 -13.67 -15.62 35.09
C ILE G 158 -12.85 -16.89 35.35
N HIS G 159 -13.51 -18.02 35.53
CA HIS G 159 -12.85 -19.28 35.89
C HIS G 159 -11.87 -19.72 34.79
N LEU G 160 -12.25 -19.54 33.52
CA LEU G 160 -11.39 -19.87 32.38
C LEU G 160 -10.18 -18.96 32.27
N VAL G 161 -10.39 -17.64 32.31
CA VAL G 161 -9.27 -16.68 32.22
C VAL G 161 -8.29 -16.81 33.39
N GLU G 162 -8.79 -17.16 34.58
CA GLU G 162 -7.92 -17.54 35.70
C GLU G 162 -7.00 -18.69 35.29
N LEU G 163 -7.59 -19.74 34.72
CA LEU G 163 -6.89 -20.93 34.24
C LEU G 163 -5.98 -20.65 33.04
N LEU G 164 -6.29 -19.60 32.28
CA LEU G 164 -5.43 -19.16 31.20
C LEU G 164 -4.12 -18.60 31.75
N TYR G 165 -4.19 -17.91 32.89
CA TYR G 165 -3.00 -17.42 33.58
C TYR G 165 -2.07 -18.57 34.03
N TYR G 166 -2.66 -19.60 34.63
CA TYR G 166 -1.91 -20.78 35.10
C TYR G 166 -1.28 -21.57 33.98
N VAL G 167 -2.01 -21.68 32.86
CA VAL G 167 -1.51 -22.33 31.64
C VAL G 167 -0.30 -21.58 31.08
N GLU G 168 -0.33 -20.25 31.13
CA GLU G 168 0.79 -19.44 30.66
C GLU G 168 2.03 -19.70 31.50
N GLU G 169 1.86 -19.81 32.82
CA GLU G 169 2.95 -20.00 33.78
C GLU G 169 3.77 -21.27 33.51
N LEU G 170 3.11 -22.29 32.97
CA LEU G 170 3.74 -23.60 32.78
C LEU G 170 4.31 -23.79 31.38
N ASP G 171 3.55 -23.35 30.38
CA ASP G 171 3.98 -23.38 28.99
C ASP G 171 3.21 -22.33 28.20
N SER G 172 3.90 -21.24 27.89
CA SER G 172 3.33 -20.09 27.21
C SER G 172 2.93 -20.37 25.76
N SER G 173 3.31 -21.55 25.26
CA SER G 173 3.00 -21.94 23.88
C SER G 173 1.62 -22.56 23.71
N LEU G 174 1.04 -23.07 24.81
CA LEU G 174 -0.21 -23.83 24.73
C LEU G 174 -1.38 -23.05 24.14
N ILE G 175 -1.45 -21.74 24.39
CA ILE G 175 -2.53 -20.89 23.87
C ILE G 175 -2.31 -20.52 22.39
N SER G 176 -1.12 -20.84 21.87
CA SER G 176 -0.66 -20.47 20.51
C SER G 176 -1.73 -20.44 19.43
N SER G 177 -2.25 -21.62 19.08
CA SER G 177 -3.18 -21.76 17.96
C SER G 177 -4.65 -21.55 18.37
N PHE G 178 -4.84 -20.75 19.42
CA PHE G 178 -6.16 -20.46 19.96
C PHE G 178 -6.40 -18.95 20.08
N PRO G 179 -6.59 -18.26 18.93
CA PRO G 179 -6.77 -16.80 18.86
C PRO G 179 -7.97 -16.27 19.64
N LEU G 180 -9.03 -17.06 19.75
CA LEU G 180 -10.24 -16.61 20.44
C LEU G 180 -10.07 -16.70 21.97
N LEU G 181 -9.20 -17.61 22.40
CA LEU G 181 -8.84 -17.73 23.80
C LEU G 181 -7.84 -16.64 24.21
N LYS G 182 -6.94 -16.31 23.28
CA LYS G 182 -6.06 -15.15 23.43
C LYS G 182 -6.89 -13.88 23.60
N ALA G 183 -7.91 -13.71 22.74
CA ALA G 183 -8.79 -12.53 22.78
C ALA G 183 -9.60 -12.43 24.09
N LEU G 184 -10.10 -13.57 24.58
CA LEU G 184 -10.90 -13.61 25.79
C LEU G 184 -10.09 -13.16 27.01
N LYS G 185 -8.84 -13.58 27.08
CA LYS G 185 -7.93 -13.24 28.19
C LYS G 185 -7.79 -11.73 28.27
N THR G 186 -7.46 -11.12 27.13
CA THR G 186 -7.32 -9.66 27.03
C THR G 186 -8.59 -8.92 27.49
N ARG G 187 -9.75 -9.42 27.06
CA ARG G 187 -11.03 -8.80 27.35
C ARG G 187 -11.36 -8.78 28.84
N ILE G 188 -11.20 -9.95 29.47
CA ILE G 188 -11.53 -10.12 30.88
C ILE G 188 -10.49 -9.38 31.72
N SER G 189 -9.23 -9.55 31.36
CA SER G 189 -8.11 -8.88 32.03
C SER G 189 -8.19 -7.36 32.00
N ASN G 190 -9.00 -6.83 31.07
CA ASN G 190 -9.24 -5.39 30.91
C ASN G 190 -10.31 -4.85 31.83
N LEU G 191 -11.33 -5.66 32.10
CA LEU G 191 -12.46 -5.25 32.95
C LEU G 191 -11.96 -4.61 34.24
N PRO G 192 -12.50 -3.42 34.59
CA PRO G 192 -12.09 -2.64 35.78
C PRO G 192 -11.94 -3.45 37.07
N THR G 193 -12.70 -4.52 37.24
CA THR G 193 -12.56 -5.35 38.46
C THR G 193 -11.39 -6.30 38.35
N VAL G 194 -11.30 -7.03 37.24
CA VAL G 194 -10.20 -7.96 36.96
C VAL G 194 -8.88 -7.20 36.93
N LYS G 195 -8.88 -6.05 36.24
CA LYS G 195 -7.75 -5.13 36.21
C LYS G 195 -7.13 -4.87 37.59
N LYS G 196 -7.93 -4.35 38.54
CA LYS G 196 -7.46 -4.03 39.89
C LYS G 196 -6.87 -5.22 40.65
N PHE G 197 -7.56 -6.37 40.58
CA PHE G 197 -7.12 -7.62 41.18
C PHE G 197 -5.78 -8.09 40.59
N LEU G 198 -5.53 -7.78 39.33
CA LEU G 198 -4.25 -8.09 38.69
C LEU G 198 -3.11 -7.12 39.01
N GLN G 199 -3.35 -6.16 39.92
CA GLN G 199 -2.33 -5.19 40.35
C GLN G 199 -1.52 -5.69 41.55
N PRO G 200 -0.29 -5.20 41.72
CA PRO G 200 0.50 -5.47 42.92
C PRO G 200 -0.25 -5.19 44.22
N GLY G 201 0.04 -5.97 45.26
CA GLY G 201 -0.54 -5.77 46.60
C GLY G 201 -2.04 -6.02 46.74
N SER G 202 -2.63 -6.76 45.79
CA SER G 202 -4.03 -7.17 45.90
C SER G 202 -4.06 -8.55 46.57
N PRO G 203 -5.26 -9.12 46.84
CA PRO G 203 -5.36 -10.48 47.41
C PRO G 203 -4.90 -11.63 46.51
N ARG G 204 -4.56 -11.36 45.25
CA ARG G 204 -4.14 -12.43 44.34
C ARG G 204 -2.91 -13.14 44.92
N LYS G 205 -2.88 -14.46 44.83
CA LYS G 205 -1.80 -15.26 45.45
C LYS G 205 -0.78 -15.79 44.45
N PRO G 206 0.52 -15.75 44.84
CA PRO G 206 1.64 -16.22 44.01
C PRO G 206 1.65 -17.73 43.71
N PRO G 207 2.39 -18.14 42.66
CA PRO G 207 2.72 -19.54 42.37
C PRO G 207 3.49 -20.18 43.51
N MET G 208 3.06 -21.39 43.92
CA MET G 208 3.75 -22.20 44.95
C MET G 208 5.26 -22.24 44.76
N ASP G 209 5.98 -22.21 45.88
CA ASP G 209 7.43 -22.40 45.87
C ASP G 209 7.83 -23.40 46.97
N GLU G 210 9.14 -23.58 47.19
CA GLU G 210 9.60 -24.58 48.17
C GLU G 210 9.24 -24.22 49.60
N LYS G 211 9.18 -22.91 49.87
CA LYS G 211 8.78 -22.38 51.18
C LYS G 211 7.28 -22.62 51.46
N SER G 212 6.42 -22.29 50.49
CA SER G 212 4.97 -22.52 50.62
C SER G 212 4.61 -24.00 50.52
N LEU G 213 5.35 -24.75 49.70
CA LEU G 213 5.20 -26.21 49.63
C LEU G 213 5.33 -26.86 51.02
N GLU G 214 6.24 -26.31 51.82
CA GLU G 214 6.56 -26.84 53.14
C GLU G 214 5.54 -26.39 54.20
N GLU G 215 5.08 -25.14 54.11
CA GLU G 215 4.08 -24.63 55.06
C GLU G 215 2.72 -25.34 54.90
N SER G 216 2.43 -25.76 53.68
CA SER G 216 1.16 -26.43 53.39
C SER G 216 1.14 -27.86 53.96
N ARG G 217 2.28 -28.55 53.84
CA ARG G 217 2.48 -29.85 54.46
C ARG G 217 2.46 -29.74 55.99
N LYS G 218 2.95 -28.61 56.52
CA LYS G 218 2.88 -28.31 57.95
C LYS G 218 1.43 -28.06 58.42
N ILE G 219 0.82 -27.01 57.91
CA ILE G 219 -0.54 -26.60 58.28
C ILE G 219 -1.56 -27.73 58.08
N PHE G 220 -1.59 -28.29 56.88
CA PHE G 220 -2.61 -29.27 56.51
C PHE G 220 -2.24 -30.73 56.83
N ARG G 221 -1.07 -30.90 57.47
CA ARG G 221 -0.62 -32.20 58.00
C ARG G 221 -0.56 -33.34 56.97
N PHE G 222 0.34 -33.21 56.00
CA PHE G 222 0.57 -34.24 54.98
C PHE G 222 1.98 -34.16 54.37
N ALA H 2 -43.99 -35.29 26.79
CA ALA H 2 -42.67 -35.51 27.46
C ALA H 2 -41.62 -36.05 26.46
N GLU H 3 -40.57 -36.68 26.99
CA GLU H 3 -39.45 -37.28 26.23
C GLU H 3 -38.41 -37.80 27.21
N LYS H 4 -38.00 -39.05 27.02
CA LYS H 4 -37.10 -39.73 27.94
C LYS H 4 -35.66 -39.28 27.70
N PRO H 5 -34.96 -38.86 28.78
CA PRO H 5 -33.52 -38.69 28.66
C PRO H 5 -32.83 -39.97 28.20
N LYS H 6 -31.73 -39.81 27.49
CA LYS H 6 -30.97 -40.93 26.98
C LYS H 6 -29.60 -40.87 27.64
N LEU H 7 -29.32 -41.86 28.50
CA LEU H 7 -28.09 -41.93 29.28
C LEU H 7 -27.06 -42.79 28.58
N HIS H 8 -25.88 -42.20 28.39
CA HIS H 8 -24.78 -42.88 27.74
C HIS H 8 -23.73 -43.26 28.77
N TYR H 9 -23.63 -44.56 29.05
CA TYR H 9 -22.61 -45.08 29.95
C TYR H 9 -22.46 -46.55 29.67
N SER H 10 -21.54 -47.22 30.35
CA SER H 10 -21.48 -48.67 30.28
C SER H 10 -22.41 -49.26 31.36
N ASN H 11 -22.60 -50.58 31.33
CA ASN H 11 -23.60 -51.25 32.19
C ASN H 11 -23.13 -51.42 33.64
N ILE H 12 -22.40 -50.41 34.12
CA ILE H 12 -21.93 -50.34 35.49
C ILE H 12 -22.54 -49.13 36.19
N ARG H 13 -22.41 -49.11 37.52
CA ARG H 13 -22.65 -47.94 38.34
C ARG H 13 -21.84 -46.73 37.83
N GLY H 14 -20.56 -46.69 38.18
CA GLY H 14 -19.67 -45.61 37.71
C GLY H 14 -20.14 -44.23 38.14
N ARG H 15 -20.00 -43.27 37.24
CA ARG H 15 -20.41 -41.88 37.50
C ARG H 15 -21.84 -41.62 37.03
N MET H 16 -22.51 -42.65 36.54
CA MET H 16 -23.89 -42.50 36.10
C MET H 16 -24.91 -42.87 37.19
N GLU H 17 -24.47 -43.53 38.25
CA GLU H 17 -25.40 -44.11 39.21
C GLU H 17 -26.18 -43.09 40.04
N SER H 18 -25.56 -41.98 40.42
CA SER H 18 -26.30 -40.96 41.17
C SER H 18 -27.28 -40.16 40.27
N ILE H 19 -27.00 -40.11 38.97
CA ILE H 19 -27.94 -39.62 37.94
C ILE H 19 -29.17 -40.56 37.86
N ARG H 20 -28.91 -41.86 37.79
CA ARG H 20 -29.99 -42.87 37.81
C ARG H 20 -30.86 -42.73 39.06
N TRP H 21 -30.23 -42.70 40.23
CA TRP H 21 -30.95 -42.51 41.50
C TRP H 21 -31.84 -41.25 41.52
N LEU H 22 -31.28 -40.11 41.12
CA LEU H 22 -32.03 -38.84 41.13
C LEU H 22 -33.21 -38.80 40.13
N LEU H 23 -33.02 -39.32 38.93
CA LEU H 23 -34.09 -39.36 37.95
C LEU H 23 -35.23 -40.25 38.40
N ALA H 24 -34.89 -41.45 38.88
CA ALA H 24 -35.85 -42.37 39.48
C ALA H 24 -36.68 -41.73 40.61
N ALA H 25 -36.01 -41.09 41.57
CA ALA H 25 -36.70 -40.42 42.70
C ALA H 25 -37.56 -39.25 42.25
N ALA H 26 -37.19 -38.64 41.12
CA ALA H 26 -37.98 -37.55 40.52
C ALA H 26 -39.22 -38.06 39.76
N GLY H 27 -39.33 -39.38 39.65
CA GLY H 27 -40.47 -40.03 38.98
C GLY H 27 -40.33 -39.95 37.48
N VAL H 28 -39.09 -39.92 37.00
CA VAL H 28 -38.77 -39.69 35.59
C VAL H 28 -38.26 -40.95 34.89
N GLU H 29 -38.95 -41.37 33.83
CA GLU H 29 -38.58 -42.57 33.05
C GLU H 29 -37.43 -42.24 32.11
N PHE H 30 -36.43 -43.11 32.06
CA PHE H 30 -35.30 -42.88 31.18
C PHE H 30 -34.91 -44.07 30.33
N GLU H 31 -34.11 -43.80 29.31
CA GLU H 31 -33.59 -44.82 28.42
C GLU H 31 -32.09 -44.83 28.55
N GLU H 32 -31.53 -46.03 28.67
CA GLU H 32 -30.09 -46.20 28.75
C GLU H 32 -29.52 -46.73 27.42
N LYS H 33 -28.66 -45.93 26.80
CA LYS H 33 -27.95 -46.33 25.59
C LYS H 33 -26.57 -46.84 25.97
N PHE H 34 -26.48 -48.16 26.17
CA PHE H 34 -25.30 -48.82 26.74
C PHE H 34 -24.07 -48.94 25.84
N ILE H 35 -22.95 -48.39 26.31
CA ILE H 35 -21.64 -48.54 25.70
C ILE H 35 -21.12 -49.93 26.06
N LYS H 36 -20.69 -50.68 25.05
CA LYS H 36 -20.30 -52.08 25.22
C LYS H 36 -18.80 -52.33 25.01
N SER H 37 -18.20 -51.53 24.12
CA SER H 37 -16.78 -51.66 23.80
C SER H 37 -16.08 -50.29 23.79
N ALA H 38 -14.75 -50.30 23.84
CA ALA H 38 -13.93 -49.10 23.63
C ALA H 38 -14.26 -48.40 22.30
N GLU H 39 -14.67 -49.21 21.31
CA GLU H 39 -15.03 -48.73 19.97
C GLU H 39 -16.32 -47.91 19.99
N ASP H 40 -17.29 -48.33 20.79
CA ASP H 40 -18.56 -47.61 20.97
C ASP H 40 -18.35 -46.22 21.62
N LEU H 41 -17.37 -46.13 22.52
CA LEU H 41 -17.01 -44.87 23.18
C LEU H 41 -16.27 -43.93 22.24
N ASP H 42 -15.20 -44.43 21.60
CA ASP H 42 -14.43 -43.68 20.61
C ASP H 42 -15.32 -43.19 19.47
N LYS H 43 -16.39 -43.93 19.18
CA LYS H 43 -17.38 -43.53 18.19
C LYS H 43 -18.15 -42.28 18.63
N LEU H 44 -18.56 -42.23 19.89
CA LEU H 44 -19.21 -41.05 20.49
C LEU H 44 -18.25 -39.85 20.52
N ARG H 45 -16.98 -40.12 20.83
CA ARG H 45 -15.90 -39.15 20.74
C ARG H 45 -15.77 -38.62 19.30
N ASN H 46 -15.45 -39.53 18.38
CA ASN H 46 -15.28 -39.21 16.95
C ASN H 46 -16.53 -38.59 16.35
N ASP H 47 -17.68 -38.89 16.95
CA ASP H 47 -18.96 -38.29 16.57
C ASP H 47 -19.17 -36.89 17.14
N GLY H 48 -18.33 -36.50 18.12
CA GLY H 48 -18.38 -35.17 18.73
C GLY H 48 -19.55 -34.94 19.68
N TYR H 49 -19.96 -36.02 20.36
CA TYR H 49 -21.11 -36.00 21.28
C TYR H 49 -20.72 -35.61 22.70
N LEU H 50 -19.42 -35.77 22.99
CA LEU H 50 -18.89 -35.57 24.34
C LEU H 50 -17.95 -34.37 24.38
N MET H 51 -18.43 -33.24 24.87
CA MET H 51 -17.66 -31.98 24.86
C MET H 51 -16.20 -32.14 25.30
N PHE H 52 -15.99 -32.89 26.38
CA PHE H 52 -14.64 -33.09 26.88
C PHE H 52 -14.18 -34.55 26.70
N GLN H 53 -14.64 -35.15 25.60
CA GLN H 53 -14.24 -36.51 25.19
C GLN H 53 -14.61 -37.60 26.21
N GLN H 54 -15.60 -37.33 27.05
CA GLN H 54 -15.86 -38.17 28.22
C GLN H 54 -17.35 -38.37 28.50
N VAL H 55 -17.65 -39.50 29.15
CA VAL H 55 -18.98 -39.80 29.68
C VAL H 55 -18.91 -39.90 31.21
N PRO H 56 -20.05 -39.75 31.93
CA PRO H 56 -21.46 -39.64 31.54
C PRO H 56 -21.82 -38.61 30.47
N MET H 57 -22.71 -39.01 29.58
CA MET H 57 -23.39 -38.07 28.73
C MET H 57 -24.87 -38.37 28.82
N VAL H 58 -25.66 -37.32 28.96
CA VAL H 58 -27.09 -37.45 29.03
C VAL H 58 -27.69 -36.52 27.99
N GLU H 59 -28.65 -37.03 27.21
CA GLU H 59 -29.39 -36.21 26.27
C GLU H 59 -30.71 -35.80 26.91
N ILE H 60 -30.86 -34.52 27.19
CA ILE H 60 -32.04 -34.01 27.91
C ILE H 60 -32.36 -32.60 27.48
N ASP H 61 -33.61 -32.39 27.10
CA ASP H 61 -34.12 -31.09 26.67
C ASP H 61 -33.22 -30.40 25.64
N GLY H 62 -32.92 -31.13 24.56
CA GLY H 62 -32.15 -30.59 23.45
C GLY H 62 -30.65 -30.85 23.53
N MET H 63 -30.14 -30.94 24.76
CA MET H 63 -28.70 -30.87 25.03
C MET H 63 -28.03 -32.22 25.11
N LYS H 64 -26.73 -32.25 24.80
CA LYS H 64 -25.87 -33.40 25.07
C LYS H 64 -24.92 -33.05 26.23
N LEU H 65 -25.47 -33.12 27.44
CA LEU H 65 -24.81 -32.71 28.67
C LEU H 65 -23.78 -33.70 29.20
N VAL H 66 -22.55 -33.22 29.39
CA VAL H 66 -21.49 -33.94 30.09
C VAL H 66 -21.18 -33.32 31.47
N GLN H 67 -20.44 -34.05 32.30
CA GLN H 67 -20.05 -33.63 33.65
C GLN H 67 -21.17 -33.91 34.63
N THR H 68 -21.02 -35.01 35.38
CA THR H 68 -22.00 -35.47 36.38
C THR H 68 -22.72 -34.32 37.12
N ARG H 69 -21.94 -33.41 37.71
CA ARG H 69 -22.48 -32.30 38.53
C ARG H 69 -23.34 -31.35 37.72
N ALA H 70 -22.98 -31.15 36.45
CA ALA H 70 -23.79 -30.33 35.56
C ALA H 70 -25.13 -31.02 35.25
N ILE H 71 -25.05 -32.31 34.91
CA ILE H 71 -26.23 -33.11 34.64
C ILE H 71 -27.12 -33.19 35.88
N LEU H 72 -26.52 -33.51 37.03
CA LEU H 72 -27.23 -33.63 38.31
C LEU H 72 -27.92 -32.32 38.71
N ASN H 73 -27.21 -31.21 38.50
CA ASN H 73 -27.74 -29.87 38.81
C ASN H 73 -28.96 -29.52 38.00
N TYR H 74 -28.92 -29.82 36.69
CA TYR H 74 -30.03 -29.51 35.80
C TYR H 74 -31.31 -30.25 36.21
N ILE H 75 -31.15 -31.55 36.47
CA ILE H 75 -32.25 -32.47 36.79
C ILE H 75 -32.88 -32.06 38.11
N ALA H 76 -32.03 -31.77 39.10
CA ALA H 76 -32.48 -31.30 40.40
C ALA H 76 -33.23 -29.97 40.27
N SER H 77 -32.71 -29.08 39.42
CA SER H 77 -33.34 -27.79 39.18
C SER H 77 -34.65 -27.97 38.45
N LYS H 78 -34.63 -28.74 37.36
CA LYS H 78 -35.83 -28.97 36.55
C LYS H 78 -36.98 -29.54 37.37
N TYR H 79 -36.67 -30.48 38.26
CA TYR H 79 -37.72 -31.19 38.98
C TYR H 79 -37.85 -30.73 40.43
N ASN H 80 -37.41 -29.49 40.67
CA ASN H 80 -37.46 -28.84 41.98
C ASN H 80 -36.94 -29.67 43.15
N LEU H 81 -35.75 -30.25 43.01
CA LEU H 81 -35.13 -30.97 44.11
C LEU H 81 -33.94 -30.19 44.66
N TYR H 82 -33.90 -28.90 44.32
CA TYR H 82 -32.74 -28.09 44.62
C TYR H 82 -33.03 -26.94 45.60
N GLY H 83 -34.14 -27.00 46.33
CA GLY H 83 -34.47 -25.93 47.27
C GLY H 83 -35.29 -24.83 46.63
N LYS H 84 -35.75 -23.88 47.43
CA LYS H 84 -36.69 -22.85 46.94
C LYS H 84 -36.01 -21.49 46.65
N ASP H 85 -34.81 -21.31 47.18
CA ASP H 85 -34.08 -20.07 47.01
C ASP H 85 -32.57 -20.26 46.96
N ILE H 86 -31.86 -19.16 46.70
CA ILE H 86 -30.41 -19.11 46.58
C ILE H 86 -29.70 -19.65 47.83
N LYS H 87 -30.30 -19.39 49.00
CA LYS H 87 -29.72 -19.76 50.29
C LYS H 87 -29.89 -21.24 50.63
N GLU H 88 -31.02 -21.84 50.24
CA GLU H 88 -31.23 -23.29 50.42
C GLU H 88 -30.36 -24.09 49.47
N LYS H 89 -30.15 -23.57 48.27
CA LYS H 89 -29.19 -24.14 47.32
C LYS H 89 -27.81 -24.21 47.90
N ALA H 90 -27.42 -23.16 48.62
CA ALA H 90 -26.12 -23.12 49.31
C ALA H 90 -25.97 -24.23 50.35
N LEU H 91 -27.04 -24.49 51.10
CA LEU H 91 -27.03 -25.51 52.15
C LEU H 91 -27.02 -26.90 51.51
N ILE H 92 -27.92 -27.11 50.56
CA ILE H 92 -27.87 -28.31 49.70
C ILE H 92 -26.46 -28.51 49.12
N ASP H 93 -25.94 -27.49 48.43
CA ASP H 93 -24.63 -27.59 47.78
C ASP H 93 -23.53 -28.07 48.71
N MET H 94 -23.50 -27.54 49.93
CA MET H 94 -22.46 -27.88 50.89
C MET H 94 -22.52 -29.34 51.33
N TYR H 95 -23.73 -29.82 51.63
CA TYR H 95 -23.93 -31.21 52.09
C TYR H 95 -23.56 -32.18 51.00
N ILE H 96 -24.12 -31.96 49.81
CA ILE H 96 -23.95 -32.87 48.68
C ILE H 96 -22.50 -33.02 48.20
N GLU H 97 -21.71 -31.98 48.38
CA GLU H 97 -20.31 -32.03 47.99
C GLU H 97 -19.51 -32.82 49.03
N GLY H 98 -19.95 -32.71 50.29
CA GLY H 98 -19.47 -33.60 51.34
C GLY H 98 -19.76 -35.05 51.01
N ILE H 99 -20.99 -35.31 50.57
CA ILE H 99 -21.46 -36.63 50.23
C ILE H 99 -20.66 -37.22 49.06
N ALA H 100 -20.39 -36.39 48.06
CA ALA H 100 -19.68 -36.80 46.86
C ALA H 100 -18.20 -37.06 47.13
N ASP H 101 -17.64 -36.42 48.16
CA ASP H 101 -16.23 -36.66 48.55
C ASP H 101 -16.04 -38.07 49.10
N LEU H 102 -16.90 -38.46 50.04
CA LEU H 102 -16.94 -39.85 50.53
C LEU H 102 -17.34 -40.82 49.41
N GLY H 103 -18.40 -40.49 48.69
CA GLY H 103 -18.83 -41.25 47.52
C GLY H 103 -17.75 -41.45 46.48
N GLU H 104 -16.93 -40.43 46.26
CA GLU H 104 -15.83 -40.57 45.29
C GLU H 104 -14.80 -41.62 45.73
N MET H 105 -14.54 -41.70 47.04
CA MET H 105 -13.64 -42.71 47.59
C MET H 105 -14.19 -44.12 47.31
N ILE H 106 -15.51 -44.25 47.51
CA ILE H 106 -16.25 -45.49 47.31
C ILE H 106 -16.30 -45.89 45.83
N LEU H 107 -16.45 -44.91 44.94
CA LEU H 107 -16.50 -45.16 43.50
C LEU H 107 -15.14 -45.62 42.93
N LEU H 108 -14.06 -45.11 43.52
CA LEU H 108 -12.70 -45.42 43.07
C LEU H 108 -12.12 -46.70 43.70
N LEU H 109 -12.71 -47.12 44.83
CA LEU H 109 -12.22 -48.27 45.61
C LEU H 109 -12.08 -49.60 44.84
N PRO H 110 -13.12 -50.03 44.09
CA PRO H 110 -12.96 -51.31 43.35
C PRO H 110 -11.83 -51.27 42.32
N PHE H 111 -11.52 -50.08 41.84
CA PHE H 111 -10.56 -49.88 40.77
C PHE H 111 -9.12 -49.72 41.28
N THR H 112 -8.95 -49.60 42.59
CA THR H 112 -7.62 -49.51 43.20
C THR H 112 -6.90 -50.88 43.24
N GLN H 113 -5.59 -50.85 43.49
CA GLN H 113 -4.75 -52.05 43.59
C GLN H 113 -5.07 -52.84 44.88
N PRO H 114 -4.96 -54.18 44.84
CA PRO H 114 -5.32 -55.04 45.98
C PRO H 114 -4.53 -54.81 47.28
N GLU H 115 -3.34 -54.22 47.16
CA GLU H 115 -2.56 -53.84 48.35
C GLU H 115 -3.06 -52.53 48.97
N GLU H 116 -3.68 -51.70 48.14
CA GLU H 116 -4.22 -50.42 48.56
C GLU H 116 -5.67 -50.55 49.08
N GLN H 117 -6.40 -51.52 48.52
CA GLN H 117 -7.84 -51.66 48.77
C GLN H 117 -8.24 -51.69 50.24
N ASP H 118 -7.47 -52.41 51.04
CA ASP H 118 -7.72 -52.52 52.48
C ASP H 118 -7.38 -51.20 53.18
N ALA H 119 -6.29 -50.57 52.75
CA ALA H 119 -5.88 -49.25 53.27
C ALA H 119 -6.88 -48.17 52.87
N LYS H 120 -7.44 -48.32 51.66
CA LYS H 120 -8.47 -47.42 51.17
C LYS H 120 -9.79 -47.64 51.92
N LEU H 121 -10.23 -48.91 51.98
CA LEU H 121 -11.41 -49.30 52.76
C LEU H 121 -11.32 -48.80 54.20
N ALA H 122 -10.12 -48.92 54.79
CA ALA H 122 -9.87 -48.44 56.15
C ALA H 122 -10.14 -46.95 56.29
N LEU H 123 -9.65 -46.19 55.30
CA LEU H 123 -9.81 -44.74 55.24
C LEU H 123 -11.28 -44.32 55.08
N ILE H 124 -12.00 -45.06 54.24
CA ILE H 124 -13.45 -44.89 54.08
C ILE H 124 -14.19 -45.17 55.39
N GLN H 125 -13.83 -46.27 56.05
CA GLN H 125 -14.39 -46.64 57.36
C GLN H 125 -14.17 -45.56 58.41
N GLU H 126 -12.95 -45.05 58.49
CA GLU H 126 -12.57 -44.01 59.45
C GLU H 126 -13.22 -42.64 59.16
N LYS H 127 -13.17 -42.22 57.88
CA LYS H 127 -13.80 -40.96 57.46
C LYS H 127 -15.33 -41.00 57.66
N THR H 128 -15.95 -42.09 57.23
CA THR H 128 -17.41 -42.29 57.43
C THR H 128 -17.80 -42.07 58.88
N LYS H 129 -17.14 -42.81 59.79
CA LYS H 129 -17.45 -42.74 61.21
C LYS H 129 -17.03 -41.42 61.87
N ASN H 130 -15.85 -40.92 61.51
CA ASN H 130 -15.24 -39.78 62.23
C ASN H 130 -15.34 -38.39 61.59
N ARG H 131 -16.21 -38.24 60.58
CA ARG H 131 -16.31 -36.97 59.85
C ARG H 131 -17.71 -36.77 59.24
N TYR H 132 -18.03 -37.64 58.28
CA TYR H 132 -19.18 -37.42 57.40
C TYR H 132 -20.49 -37.80 58.07
N PHE H 133 -20.50 -38.97 58.70
CA PHE H 133 -21.71 -39.44 59.41
C PHE H 133 -22.14 -38.54 60.58
N PRO H 134 -21.20 -38.12 61.47
CA PRO H 134 -21.62 -37.20 62.53
C PRO H 134 -22.04 -35.82 62.01
N ALA H 135 -21.49 -35.40 60.87
CA ALA H 135 -21.89 -34.14 60.21
C ALA H 135 -23.37 -34.10 59.84
N PHE H 136 -23.87 -35.16 59.18
CA PHE H 136 -25.29 -35.19 58.79
C PHE H 136 -26.21 -35.53 59.94
N GLU H 137 -25.76 -36.41 60.83
CA GLU H 137 -26.42 -36.62 62.11
C GLU H 137 -26.69 -35.27 62.82
N LYS H 138 -25.68 -34.41 62.92
CA LYS H 138 -25.83 -33.08 63.54
C LYS H 138 -26.88 -32.17 62.87
N VAL H 139 -26.86 -32.11 61.54
CA VAL H 139 -27.86 -31.35 60.78
C VAL H 139 -29.28 -31.84 61.08
N LEU H 140 -29.47 -33.15 61.08
CA LEU H 140 -30.78 -33.74 61.32
C LEU H 140 -31.32 -33.38 62.71
N LYS H 141 -30.51 -33.61 63.74
CA LYS H 141 -30.82 -33.24 65.13
C LYS H 141 -31.18 -31.75 65.31
N SER H 142 -30.47 -30.89 64.59
CA SER H 142 -30.64 -29.44 64.62
C SER H 142 -32.08 -28.98 64.38
N HIS H 143 -32.72 -29.55 63.37
CA HIS H 143 -34.13 -29.22 63.07
C HIS H 143 -35.10 -30.32 63.51
N GLY H 144 -34.57 -31.52 63.71
CA GLY H 144 -35.39 -32.68 64.04
C GLY H 144 -36.25 -33.13 62.87
N GLN H 145 -36.42 -32.23 61.90
CA GLN H 145 -37.28 -32.46 60.74
C GLN H 145 -36.82 -33.63 59.86
N ASP H 146 -37.76 -34.11 59.03
CA ASP H 146 -37.64 -35.30 58.20
C ASP H 146 -36.67 -35.16 57.00
N TYR H 147 -36.46 -33.92 56.56
CA TYR H 147 -35.54 -33.63 55.45
C TYR H 147 -34.35 -32.76 55.87
N LEU H 148 -33.30 -32.76 55.06
CA LEU H 148 -32.04 -32.10 55.38
C LEU H 148 -32.11 -30.59 55.28
N VAL H 149 -32.77 -30.12 54.23
CA VAL H 149 -32.87 -28.68 53.96
C VAL H 149 -34.32 -28.32 53.72
N GLY H 150 -34.76 -27.23 54.37
CA GLY H 150 -36.03 -26.58 54.07
C GLY H 150 -37.30 -27.36 54.35
N ASN H 151 -37.17 -28.45 55.10
CA ASN H 151 -38.28 -29.36 55.37
C ASN H 151 -38.99 -29.84 54.10
N LYS H 152 -38.20 -30.19 53.08
CA LYS H 152 -38.75 -30.64 51.79
C LYS H 152 -37.76 -31.58 51.08
N LEU H 153 -38.28 -32.64 50.45
CA LEU H 153 -37.41 -33.59 49.72
C LEU H 153 -36.52 -32.83 48.75
N SER H 154 -35.23 -32.79 49.04
CA SER H 154 -34.24 -32.29 48.07
C SER H 154 -33.40 -33.46 47.54
N ARG H 155 -32.50 -33.12 46.62
CA ARG H 155 -31.52 -34.03 46.06
C ARG H 155 -30.58 -34.53 47.14
N ALA H 156 -30.37 -33.71 48.18
CA ALA H 156 -29.41 -34.05 49.23
C ALA H 156 -29.79 -35.30 50.01
N ASP H 157 -31.08 -35.43 50.30
CA ASP H 157 -31.63 -36.64 50.92
C ASP H 157 -31.45 -37.86 50.03
N ILE H 158 -31.60 -37.68 48.72
CA ILE H 158 -31.43 -38.77 47.76
C ILE H 158 -29.97 -39.16 47.70
N HIS H 159 -29.08 -38.20 47.50
CA HIS H 159 -27.65 -38.45 47.46
C HIS H 159 -27.18 -39.08 48.77
N LEU H 160 -27.72 -38.58 49.89
CA LEU H 160 -27.33 -39.12 51.19
C LEU H 160 -27.79 -40.58 51.32
N VAL H 161 -29.03 -40.87 50.99
CA VAL H 161 -29.57 -42.23 51.18
C VAL H 161 -28.90 -43.28 50.27
N GLU H 162 -28.68 -42.91 49.01
CA GLU H 162 -27.82 -43.69 48.11
C GLU H 162 -26.44 -44.03 48.73
N LEU H 163 -25.76 -43.03 49.30
CA LEU H 163 -24.48 -43.25 49.98
C LEU H 163 -24.63 -44.32 51.05
N LEU H 164 -25.71 -44.24 51.82
CA LEU H 164 -25.99 -45.20 52.91
C LEU H 164 -26.05 -46.66 52.46
N TYR H 165 -26.67 -46.91 51.31
CA TYR H 165 -26.76 -48.27 50.81
C TYR H 165 -25.36 -48.80 50.49
N TYR H 166 -24.47 -47.92 50.03
CA TYR H 166 -23.12 -48.35 49.67
C TYR H 166 -22.27 -48.58 50.91
N VAL H 167 -22.38 -47.66 51.88
CA VAL H 167 -21.72 -47.84 53.17
C VAL H 167 -22.12 -49.23 53.75
N GLU H 168 -23.40 -49.61 53.62
CA GLU H 168 -23.88 -50.92 54.11
C GLU H 168 -23.21 -52.12 53.43
N GLU H 169 -23.03 -52.04 52.11
CA GLU H 169 -22.29 -53.06 51.34
C GLU H 169 -20.84 -53.25 51.82
N LEU H 170 -20.24 -52.18 52.35
CA LEU H 170 -18.83 -52.19 52.74
C LEU H 170 -18.63 -52.55 54.21
N ASP H 171 -19.42 -51.93 55.09
CA ASP H 171 -19.42 -52.27 56.51
C ASP H 171 -20.75 -51.85 57.12
N SER H 172 -21.62 -52.84 57.37
CA SER H 172 -22.95 -52.60 57.91
C SER H 172 -22.94 -51.91 59.28
N SER H 173 -21.83 -52.03 60.01
CA SER H 173 -21.71 -51.49 61.36
C SER H 173 -21.61 -49.97 61.43
N LEU H 174 -21.18 -49.33 60.33
CA LEU H 174 -20.86 -47.89 60.32
C LEU H 174 -22.04 -46.97 60.65
N ILE H 175 -23.24 -47.34 60.21
CA ILE H 175 -24.44 -46.58 60.58
C ILE H 175 -24.95 -46.90 61.99
N SER H 176 -24.38 -47.93 62.62
CA SER H 176 -24.88 -48.48 63.90
C SER H 176 -25.03 -47.43 65.01
N SER H 177 -24.05 -46.54 65.10
CA SER H 177 -24.07 -45.46 66.09
C SER H 177 -24.79 -44.20 65.59
N PHE H 178 -25.42 -44.28 64.41
CA PHE H 178 -26.11 -43.14 63.82
C PHE H 178 -27.58 -43.44 63.51
N PRO H 179 -28.46 -43.25 64.52
CA PRO H 179 -29.89 -43.57 64.46
C PRO H 179 -30.73 -42.66 63.56
N LEU H 180 -30.47 -41.35 63.58
CA LEU H 180 -31.18 -40.41 62.72
C LEU H 180 -31.00 -40.73 61.22
N LEU H 181 -29.81 -41.22 60.88
CA LEU H 181 -29.48 -41.58 59.49
C LEU H 181 -30.14 -42.88 59.10
N LYS H 182 -30.42 -43.73 60.09
CA LYS H 182 -31.20 -44.96 59.88
C LYS H 182 -32.65 -44.61 59.57
N ALA H 183 -33.25 -43.76 60.41
CA ALA H 183 -34.61 -43.26 60.21
C ALA H 183 -34.81 -42.59 58.85
N LEU H 184 -33.77 -41.92 58.36
CA LEU H 184 -33.79 -41.25 57.07
C LEU H 184 -33.71 -42.26 55.90
N LYS H 185 -32.83 -43.25 56.03
CA LYS H 185 -32.75 -44.32 55.03
C LYS H 185 -34.11 -44.99 54.86
N THR H 186 -34.76 -45.26 56.00
CA THR H 186 -36.08 -45.90 56.04
C THR H 186 -37.17 -45.01 55.44
N ARG H 187 -37.17 -43.73 55.81
CA ARG H 187 -38.17 -42.78 55.31
C ARG H 187 -38.08 -42.56 53.80
N ILE H 188 -36.87 -42.34 53.31
CA ILE H 188 -36.60 -42.11 51.90
C ILE H 188 -36.86 -43.38 51.08
N SER H 189 -36.40 -44.54 51.58
CA SER H 189 -36.61 -45.81 50.89
C SER H 189 -38.09 -46.16 50.73
N ASN H 190 -38.93 -45.57 51.58
CA ASN H 190 -40.36 -45.81 51.59
C ASN H 190 -41.16 -44.79 50.79
N LEU H 191 -40.48 -43.79 50.21
CA LEU H 191 -41.12 -42.89 49.26
C LEU H 191 -41.45 -43.64 47.97
N PRO H 192 -42.69 -43.51 47.50
CA PRO H 192 -43.16 -44.33 46.37
C PRO H 192 -42.15 -44.51 45.23
N THR H 193 -41.54 -43.43 44.76
CA THR H 193 -40.61 -43.46 43.64
C THR H 193 -39.30 -44.19 43.94
N VAL H 194 -38.81 -44.06 45.18
CA VAL H 194 -37.56 -44.69 45.61
C VAL H 194 -37.78 -46.17 45.89
N LYS H 195 -38.92 -46.50 46.49
CA LYS H 195 -39.31 -47.88 46.72
C LYS H 195 -39.23 -48.66 45.40
N LYS H 196 -39.74 -48.07 44.33
CA LYS H 196 -39.77 -48.70 43.00
C LYS H 196 -38.36 -48.95 42.46
N PHE H 197 -37.54 -47.90 42.46
CA PHE H 197 -36.11 -47.97 42.06
C PHE H 197 -35.32 -49.07 42.81
N LEU H 198 -35.68 -49.29 44.07
CA LEU H 198 -35.05 -50.28 44.92
C LEU H 198 -35.60 -51.71 44.78
N GLN H 199 -36.68 -51.87 44.04
CA GLN H 199 -37.22 -53.20 43.76
C GLN H 199 -36.38 -53.88 42.66
N PRO H 200 -36.46 -55.22 42.57
CA PRO H 200 -35.76 -55.97 41.54
C PRO H 200 -36.18 -55.54 40.13
N GLY H 201 -35.33 -55.81 39.15
CA GLY H 201 -35.61 -55.47 37.76
C GLY H 201 -35.48 -53.98 37.40
N SER H 202 -35.27 -53.12 38.39
CA SER H 202 -35.14 -51.66 38.13
C SER H 202 -33.78 -51.31 37.54
N PRO H 203 -33.61 -50.06 37.03
CA PRO H 203 -32.32 -49.63 36.46
C PRO H 203 -31.16 -49.49 37.45
N ARG H 204 -31.43 -49.64 38.74
CA ARG H 204 -30.41 -49.73 39.76
C ARG H 204 -29.33 -50.78 39.45
N LYS H 205 -28.07 -50.34 39.42
CA LYS H 205 -26.93 -51.17 39.02
C LYS H 205 -26.32 -51.93 40.20
N PRO H 206 -25.77 -53.14 39.93
CA PRO H 206 -25.12 -53.95 40.95
C PRO H 206 -23.77 -53.39 41.36
N PRO H 207 -23.19 -53.88 42.48
CA PRO H 207 -21.80 -53.55 42.76
C PRO H 207 -20.88 -54.12 41.67
N MET H 208 -19.64 -53.61 41.62
CA MET H 208 -18.66 -54.05 40.63
C MET H 208 -18.19 -55.47 40.91
N ASP H 209 -17.91 -56.22 39.84
CA ASP H 209 -17.30 -57.55 39.98
C ASP H 209 -16.17 -57.77 38.97
N GLU H 210 -15.50 -58.92 39.08
CA GLU H 210 -14.27 -59.20 38.33
C GLU H 210 -14.46 -59.22 36.81
N LYS H 211 -15.71 -59.31 36.35
CA LYS H 211 -15.99 -59.27 34.91
C LYS H 211 -16.37 -57.86 34.42
N SER H 212 -16.83 -57.01 35.35
CA SER H 212 -17.11 -55.61 35.02
C SER H 212 -15.86 -54.74 35.18
N LEU H 213 -15.04 -55.07 36.18
CA LEU H 213 -13.69 -54.52 36.32
C LEU H 213 -12.90 -54.71 35.02
N GLU H 214 -12.97 -55.92 34.46
CA GLU H 214 -12.38 -56.26 33.18
C GLU H 214 -12.96 -55.43 32.03
N GLU H 215 -14.29 -55.35 31.98
CA GLU H 215 -15.01 -54.64 30.93
C GLU H 215 -14.74 -53.14 30.95
N SER H 216 -14.60 -52.59 32.15
CA SER H 216 -14.32 -51.16 32.34
C SER H 216 -12.91 -50.81 31.86
N ARG H 217 -11.93 -51.54 32.39
CA ARG H 217 -10.52 -51.39 32.01
C ARG H 217 -10.31 -51.53 30.51
N LYS H 218 -11.25 -52.19 29.84
CA LYS H 218 -11.21 -52.41 28.40
C LYS H 218 -11.85 -51.27 27.60
N ILE H 219 -12.94 -50.71 28.11
CA ILE H 219 -13.66 -49.64 27.42
C ILE H 219 -13.01 -48.26 27.65
N PHE H 220 -12.62 -48.00 28.89
CA PHE H 220 -12.08 -46.69 29.26
C PHE H 220 -10.55 -46.63 29.22
N ARG H 221 -9.94 -47.76 28.83
CA ARG H 221 -8.49 -47.90 28.62
C ARG H 221 -7.62 -47.55 29.83
N PHE H 222 -7.66 -48.40 30.84
CA PHE H 222 -6.82 -48.22 32.03
C PHE H 222 -6.54 -49.56 32.75
C1 ASD I . -12.58 -9.56 -56.06
C10 ASD I . -13.99 -9.02 -56.29
C11 ASD I . -14.56 -9.28 -53.77
C12 ASD I . -15.45 -9.99 -52.72
C13 ASD I . -16.91 -9.62 -52.95
C14 ASD I . -17.26 -9.97 -54.40
C15 ASD I . -18.81 -10.05 -54.46
C16 ASD I . -19.17 -10.70 -53.11
C17 ASD I . -17.92 -10.50 -52.27
C18 ASD I . -17.20 -8.18 -52.51
C19 ASD I . -13.91 -7.48 -56.22
C2 ASD I . -11.66 -9.21 -57.24
C3 ASD I . -12.23 -9.97 -58.41
C4 ASD I . -13.68 -9.89 -58.63
C5 ASD I . -14.50 -9.42 -57.67
C6 ASD I . -15.96 -9.27 -58.02
C7 ASD I . -16.91 -9.63 -56.86
C8 ASD I . -16.43 -9.24 -55.46
C9 ASD I . -14.96 -9.59 -55.22
O1 ASD I . -11.51 -10.65 -59.14
O2 ASD I . -17.73 -11.01 -51.18
C1 ASD J . 1.85 -4.51 -53.17
C10 ASD J . 3.20 -4.67 -52.42
C11 ASD J . 2.33 -3.19 -50.47
C12 ASD J . 2.61 -2.03 -49.52
C13 ASD J . 3.98 -2.14 -48.86
C14 ASD J . 5.03 -2.21 -49.97
C15 ASD J . 6.39 -1.81 -49.38
C16 ASD J . 6.05 -0.88 -48.21
C17 ASD J . 4.53 -0.93 -48.17
C18 ASD J . 4.01 -3.30 -47.85
C19 ASD J . 3.13 -5.97 -51.63
C2 ASD J . 1.72 -5.31 -54.46
C3 ASD J . 2.91 -4.98 -55.36
C4 ASD J . 4.22 -4.75 -54.74
C5 ASD J . 4.37 -4.71 -53.40
C6 ASD J . 5.78 -4.72 -52.86
C7 ASD J . 5.97 -3.53 -51.92
C8 ASD J . 4.87 -3.45 -50.86
C9 ASD J . 3.46 -3.45 -51.50
O1 ASD J . 2.77 -4.89 -56.57
O2 ASD J . 3.83 -0.05 -47.69
C1 ASD K . 58.47 13.81 -4.29
C10 ASD K . 58.81 14.37 -2.90
C11 ASD K . 57.27 16.45 -3.30
C12 ASD K . 57.11 17.98 -3.24
C13 ASD K . 57.41 18.47 -1.83
C14 ASD K . 58.84 18.07 -1.50
C15 ASD K . 59.27 18.95 -0.32
C16 ASD K . 58.57 20.29 -0.56
C17 ASD K . 57.59 19.96 -1.65
C18 ASD K . 56.35 18.00 -0.82
C19 ASD K . 57.93 13.66 -1.87
C2 ASD K . 59.12 12.48 -4.69
C3 ASD K . 60.61 12.56 -4.39
C4 ASD K . 61.00 13.09 -3.09
C5 ASD K . 60.27 14.07 -2.53
C6 ASD K . 60.97 14.87 -1.47
C7 ASD K . 60.61 16.35 -1.48
C8 ASD K . 59.11 16.56 -1.53
C9 ASD K . 58.65 15.92 -2.85
O1 ASD K . 61.47 12.20 -5.20
O2 ASD K . 57.04 20.79 -2.35
C1 ASD L . 49.97 5.27 -13.51
C10 ASD L . 49.18 4.87 -14.79
C11 ASD L . 47.03 5.44 -13.52
C12 ASD L . 45.57 5.10 -13.21
C13 ASD L . 44.84 4.78 -14.51
C14 ASD L . 45.53 3.59 -15.14
C15 ASD L . 44.52 2.90 -16.06
C16 ASD L . 43.16 3.13 -15.38
C17 ASD L . 43.49 4.17 -14.33
C18 ASD L . 44.74 6.01 -15.41
C19 ASD L . 49.14 6.07 -15.72
C2 ASD L . 51.48 5.03 -13.56
C3 ASD L . 51.77 3.65 -14.08
C4 ASD L . 50.86 3.01 -15.08
C5 ASD L . 49.77 3.67 -15.51
C6 ASD L . 49.08 3.16 -16.76
C7 ASD L . 47.62 2.83 -16.44
C8 ASD L . 46.94 3.96 -15.64
C9 ASD L . 47.75 4.41 -14.40
O1 ASD L . 52.74 3.02 -13.68
O2 ASD L . 42.75 4.47 -13.42
#